data_3VKF
#
_entry.id   3VKF
#
_cell.length_a   81.261
_cell.length_b   95.186
_cell.length_c   120.396
_cell.angle_alpha   90.00
_cell.angle_beta   108.62
_cell.angle_gamma   90.00
#
_symmetry.space_group_name_H-M   'P 1 21 1'
#
loop_
_entity.id
_entity.type
_entity.pdbx_description
1 polymer Neuroligin-1
2 polymer Neurexin-1-beta
3 branched beta-D-mannopyranose-(1-4)-2-acetamido-2-deoxy-beta-D-glucopyranose-(1-4)-2-acetamido-2-deoxy-beta-D-glucopyranose
4 non-polymer 2-acetamido-2-deoxy-beta-D-glucopyranose
5 non-polymer 'CALCIUM ION'
#
loop_
_entity_poly.entity_id
_entity_poly.type
_entity_poly.pdbx_seq_one_letter_code
_entity_poly.pdbx_strand_id
1 'polypeptide(L)'
;SQKLDDVDPLVTTNFGKIRGIKKELNNEILGPVIQFLGVPYAAPPTGEHRFQPPEPPSPWSDIRNATQFAPVCPQNIIDG
RLPEVMLPVWFTNNLDVVSSYVQDQSEDCLYLNIYVPTEDVKRISKECARKPGKKICRKGDIRDSGGPKPVMVYIHGGSY
MEGTGNLYDGSVLASYGNVIVITVNYRLGVLGFLSTGDQAAKGNYGLLDLIQALRWTSENIGFFGGDPLRITVFGSGAGG
SCVNLLTLSHYSEGLFQRAIAQSGTALSSWAVSFQPAKYARILATKVGCNVSDTVELVECLQKKPYKELVDQDVQPARYH
IAFGPVIDGDVIPDDPQILMEQGEFLNYDIMLGVNQGEGLKFVENIVDSDDGVSASDFDFAVSNFVDNLYGYPEGKDVLR
ETIKFMYTDWADRHNPETRRKTLLALFTDHQWVAPAVATADLHSNFGSPTYFYAFYHHCQTDQVPAWADAAHGDEVPYVL
GIPMIGPTELFPCNFSKNDVMLSAVVMTYWTNFAKTGDPNQPVPQDTKFIHTKPNRFEEVAWTRYSQKDQLYLHIGLKPR
VKEHYRANKVNLWLELVPHLHNLND
;
A,B
2 'polypeptide(L)'
;GSGTTYIFSKGGGQITYKWPPNDRPSTRADRLAIGFSTVQKEAVLVRVDSSSGLGDYLELHIHQGKIGVKFNVGTDDIAI
EESNAIINDGKYHVVRFTRSGGNATLQVDSWPVIERYPAGRQLTIFNSQATIIIGGKEQGQPFQGQLSGLYYNGLKVLNM
AAENDANIAIVGNVRLVGEVS
;
C,D
#
loop_
_chem_comp.id
_chem_comp.type
_chem_comp.name
_chem_comp.formula
BMA D-saccharide, beta linking beta-D-mannopyranose 'C6 H12 O6'
CA non-polymer 'CALCIUM ION' 'Ca 2'
NAG D-saccharide, beta linking 2-acetamido-2-deoxy-beta-D-glucopyranose 'C8 H15 N O6'
#
# COMPACT_ATOMS: atom_id res chain seq x y z
N ASP A 8 39.51 -9.52 -44.88
CA ASP A 8 40.83 -8.84 -44.62
C ASP A 8 40.78 -7.76 -43.53
N PRO A 9 40.06 -8.00 -42.40
CA PRO A 9 39.93 -6.94 -41.40
C PRO A 9 41.12 -6.85 -40.44
N LEU A 10 42.15 -6.13 -40.87
CA LEU A 10 43.29 -5.81 -40.02
C LEU A 10 43.04 -4.46 -39.35
N VAL A 11 43.34 -4.38 -38.06
CA VAL A 11 43.31 -3.12 -37.33
C VAL A 11 44.55 -3.05 -36.44
N THR A 12 45.24 -1.92 -36.46
CA THR A 12 46.47 -1.76 -35.67
C THR A 12 46.22 -0.93 -34.43
N THR A 13 46.11 -1.61 -33.28
CA THR A 13 45.99 -0.95 -31.98
C THR A 13 47.36 -0.49 -31.50
N ASN A 14 47.37 0.20 -30.37
CA ASN A 14 48.62 0.67 -29.75
C ASN A 14 49.57 -0.46 -29.37
N PHE A 15 49.04 -1.69 -29.30
CA PHE A 15 49.81 -2.84 -28.84
C PHE A 15 50.25 -3.80 -29.96
N GLY A 16 49.79 -3.52 -31.17
CA GLY A 16 50.09 -4.38 -32.33
C GLY A 16 48.86 -4.68 -33.17
N LYS A 17 49.08 -5.21 -34.37
CA LYS A 17 48.00 -5.56 -35.28
C LYS A 17 47.18 -6.76 -34.80
N ILE A 18 45.87 -6.68 -34.99
CA ILE A 18 44.99 -7.83 -34.77
C ILE A 18 44.11 -8.10 -36.00
N ARG A 19 43.76 -9.37 -36.19
CA ARG A 19 42.95 -9.79 -37.33
C ARG A 19 41.59 -10.27 -36.90
N GLY A 20 40.55 -9.56 -37.34
CA GLY A 20 39.18 -9.95 -37.06
C GLY A 20 38.61 -10.98 -37.99
N ILE A 21 37.38 -11.40 -37.70
CA ILE A 21 36.65 -12.30 -38.54
C ILE A 21 35.31 -11.65 -38.89
N LYS A 22 35.06 -11.49 -40.19
CA LYS A 22 33.80 -10.96 -40.67
C LYS A 22 32.72 -12.00 -40.40
N LYS A 23 31.56 -11.53 -39.97
CA LYS A 23 30.43 -12.39 -39.65
C LYS A 23 29.20 -11.86 -40.39
N GLU A 24 28.65 -12.69 -41.28
CA GLU A 24 27.43 -12.34 -41.98
C GLU A 24 26.24 -12.63 -41.08
N LEU A 25 25.23 -11.77 -41.10
CA LEU A 25 24.03 -11.98 -40.28
C LEU A 25 22.84 -12.53 -41.06
N ASN A 26 22.09 -13.42 -40.40
CA ASN A 26 20.95 -14.10 -41.02
C ASN A 26 19.61 -13.43 -40.75
N ASN A 27 19.49 -12.20 -41.24
CA ASN A 27 18.24 -11.48 -41.24
C ASN A 27 18.14 -10.51 -42.41
N GLU A 28 17.06 -10.65 -43.19
CA GLU A 28 16.68 -9.75 -44.29
C GLU A 28 17.28 -8.35 -44.17
N ILE A 29 16.98 -7.69 -43.05
CA ILE A 29 17.45 -6.33 -42.75
C ILE A 29 18.97 -6.26 -42.48
N LEU A 30 19.37 -6.60 -41.25
CA LEU A 30 20.71 -6.32 -40.71
C LEU A 30 21.90 -6.59 -41.65
N GLY A 31 22.91 -5.72 -41.59
CA GLY A 31 24.12 -5.88 -42.39
C GLY A 31 25.29 -6.44 -41.58
N PRO A 32 26.39 -6.82 -42.28
CA PRO A 32 27.55 -7.55 -41.74
C PRO A 32 28.26 -6.90 -40.55
N VAL A 33 29.00 -7.71 -39.80
CA VAL A 33 29.66 -7.30 -38.58
C VAL A 33 31.05 -7.95 -38.50
N ILE A 34 32.10 -7.14 -38.45
CA ILE A 34 33.47 -7.63 -38.23
C ILE A 34 33.74 -7.75 -36.72
N GLN A 35 33.95 -8.98 -36.23
CA GLN A 35 34.08 -9.22 -34.79
C GLN A 35 35.48 -9.63 -34.33
N PHE A 36 36.09 -8.76 -33.54
CA PHE A 36 37.42 -9.01 -32.98
C PHE A 36 37.30 -9.74 -31.64
N LEU A 37 37.43 -11.07 -31.67
CA LEU A 37 37.27 -11.89 -30.47
C LEU A 37 38.58 -12.18 -29.77
N GLY A 38 38.54 -12.37 -28.45
CA GLY A 38 39.72 -12.72 -27.66
C GLY A 38 40.84 -11.70 -27.74
N VAL A 39 40.47 -10.42 -27.74
CA VAL A 39 41.43 -9.34 -27.80
C VAL A 39 41.96 -9.08 -26.38
N PRO A 40 43.29 -9.13 -26.19
CA PRO A 40 43.90 -9.00 -24.85
C PRO A 40 44.04 -7.56 -24.38
N TYR A 41 43.22 -7.18 -23.40
CA TYR A 41 43.20 -5.80 -22.91
C TYR A 41 44.12 -5.59 -21.72
N ALA A 42 44.51 -6.69 -21.09
CA ALA A 42 45.40 -6.67 -19.95
C ALA A 42 46.31 -7.88 -19.98
N ALA A 43 47.49 -7.73 -19.37
CA ALA A 43 48.45 -8.83 -19.23
C ALA A 43 47.95 -9.83 -18.20
N PRO A 44 48.21 -11.13 -18.42
CA PRO A 44 47.75 -12.23 -17.56
C PRO A 44 47.94 -11.98 -16.06
N PRO A 45 46.86 -12.15 -15.25
CA PRO A 45 46.98 -12.01 -13.80
C PRO A 45 47.43 -13.33 -13.16
N THR A 46 48.51 -13.87 -13.71
CA THR A 46 48.99 -15.19 -13.34
C THR A 46 50.23 -15.09 -12.42
N GLY A 47 50.40 -16.12 -11.58
CA GLY A 47 51.57 -16.24 -10.70
C GLY A 47 51.76 -15.13 -9.71
N GLU A 48 52.83 -14.36 -9.89
CA GLU A 48 53.13 -13.19 -9.06
C GLU A 48 52.02 -12.15 -9.16
N HIS A 49 51.30 -12.18 -10.28
CA HIS A 49 50.26 -11.18 -10.59
C HIS A 49 48.86 -11.63 -10.18
N ARG A 50 48.77 -12.81 -9.57
CA ARG A 50 47.51 -13.30 -9.02
C ARG A 50 47.18 -12.50 -7.77
N PHE A 51 45.91 -12.08 -7.67
CA PHE A 51 45.45 -11.19 -6.60
C PHE A 51 46.17 -9.83 -6.66
N GLN A 52 46.45 -9.37 -7.87
CA GLN A 52 47.02 -8.04 -8.09
C GLN A 52 46.20 -7.35 -9.17
N PRO A 53 46.10 -6.02 -9.12
CA PRO A 53 45.44 -5.28 -10.19
C PRO A 53 46.03 -5.62 -11.58
N PRO A 54 45.21 -5.54 -12.63
CA PRO A 54 45.69 -5.90 -13.96
C PRO A 54 46.69 -4.90 -14.54
N GLU A 55 47.73 -5.43 -15.16
CA GLU A 55 48.73 -4.65 -15.87
C GLU A 55 48.33 -4.59 -17.35
N PRO A 56 48.78 -3.55 -18.09
CA PRO A 56 48.46 -3.48 -19.52
C PRO A 56 49.16 -4.59 -20.30
N PRO A 57 48.61 -4.96 -21.48
CA PRO A 57 49.15 -6.11 -22.20
C PRO A 57 50.52 -5.85 -22.83
N SER A 58 51.24 -6.91 -23.14
CA SER A 58 52.54 -6.81 -23.79
C SER A 58 52.38 -6.68 -25.29
N PRO A 59 53.00 -5.64 -25.88
CA PRO A 59 52.96 -5.37 -27.32
C PRO A 59 53.55 -6.49 -28.22
N TRP A 60 52.78 -6.89 -29.22
CA TRP A 60 53.22 -7.87 -30.22
C TRP A 60 53.53 -7.19 -31.54
N SER A 61 54.54 -7.70 -32.24
CA SER A 61 54.95 -7.14 -33.53
C SER A 61 54.42 -7.95 -34.72
N ASP A 62 53.70 -9.03 -34.43
CA ASP A 62 53.06 -9.84 -35.49
C ASP A 62 51.59 -9.44 -35.73
N ILE A 63 50.81 -10.40 -36.24
CA ILE A 63 49.39 -10.20 -36.50
C ILE A 63 48.60 -11.33 -35.82
N ARG A 64 48.12 -11.08 -34.61
CA ARG A 64 47.41 -12.13 -33.86
C ARG A 64 45.93 -12.26 -34.26
N ASN A 65 45.50 -13.50 -34.46
CA ASN A 65 44.14 -13.82 -34.93
C ASN A 65 43.06 -13.65 -33.85
N ALA A 66 42.49 -12.46 -33.80
CA ALA A 66 41.34 -12.21 -32.94
C ALA A 66 40.05 -12.73 -33.62
N THR A 67 40.01 -14.03 -33.86
CA THR A 67 38.99 -14.64 -34.70
C THR A 67 38.21 -15.76 -33.99
N GLN A 68 38.77 -16.20 -32.87
CA GLN A 68 38.22 -17.30 -32.08
C GLN A 68 38.04 -16.81 -30.64
N PHE A 69 37.12 -17.42 -29.90
CA PHE A 69 36.96 -17.08 -28.48
C PHE A 69 38.19 -17.48 -27.68
N ALA A 70 38.69 -16.56 -26.89
CA ALA A 70 39.78 -16.85 -25.96
C ALA A 70 39.19 -17.54 -24.74
N PRO A 71 40.02 -18.30 -23.99
CA PRO A 71 39.53 -18.96 -22.78
C PRO A 71 38.78 -18.02 -21.84
N VAL A 72 37.88 -18.61 -21.05
CA VAL A 72 37.12 -17.88 -20.06
C VAL A 72 37.79 -18.02 -18.70
N CYS A 73 37.44 -17.13 -17.78
CA CYS A 73 38.02 -17.12 -16.45
C CYS A 73 37.55 -18.33 -15.65
N PRO A 74 38.41 -18.84 -14.75
CA PRO A 74 38.11 -20.04 -14.00
C PRO A 74 36.84 -19.90 -13.17
N GLN A 75 35.97 -20.88 -13.33
CA GLN A 75 34.67 -20.91 -12.68
C GLN A 75 34.23 -22.37 -12.53
N ASN A 76 33.36 -22.61 -11.57
CA ASN A 76 32.85 -23.94 -11.32
C ASN A 76 31.37 -23.94 -11.64
N ILE A 77 30.99 -24.68 -12.68
CA ILE A 77 29.59 -24.73 -13.07
C ILE A 77 29.01 -26.09 -12.68
N ILE A 78 28.06 -26.05 -11.76
CA ILE A 78 27.45 -27.25 -11.19
C ILE A 78 26.04 -26.94 -10.75
N ASP A 79 25.08 -27.75 -11.19
CA ASP A 79 23.69 -27.60 -10.76
C ASP A 79 23.57 -27.78 -9.25
N GLY A 80 22.76 -26.93 -8.62
CA GLY A 80 22.64 -26.90 -7.16
C GLY A 80 23.65 -25.96 -6.50
N ARG A 81 24.94 -26.25 -6.68
CA ARG A 81 26.03 -25.46 -6.09
C ARG A 81 26.17 -24.00 -6.61
N LEU A 82 25.23 -23.59 -7.45
CA LEU A 82 25.06 -22.18 -7.83
C LEU A 82 23.64 -21.70 -7.50
N PRO A 83 23.50 -20.42 -7.05
CA PRO A 83 22.21 -19.90 -6.57
C PRO A 83 21.29 -19.39 -7.69
N GLU A 84 20.33 -20.22 -8.06
CA GLU A 84 19.40 -19.91 -9.14
C GLU A 84 18.59 -18.68 -8.83
N VAL A 85 18.33 -18.45 -7.54
CA VAL A 85 17.56 -17.30 -7.08
C VAL A 85 18.21 -15.99 -7.48
N MET A 86 19.43 -16.07 -8.01
CA MET A 86 20.24 -14.90 -8.30
C MET A 86 20.60 -14.73 -9.77
N LEU A 87 20.81 -15.84 -10.47
CA LEU A 87 21.26 -15.84 -11.86
C LEU A 87 20.05 -15.74 -12.79
N PRO A 88 20.24 -15.16 -14.00
CA PRO A 88 19.17 -15.07 -14.99
C PRO A 88 18.48 -16.40 -15.23
N VAL A 89 17.18 -16.36 -15.51
CA VAL A 89 16.40 -17.59 -15.64
C VAL A 89 16.73 -18.35 -16.93
N TRP A 90 17.16 -17.63 -17.97
CA TRP A 90 17.68 -18.28 -19.17
C TRP A 90 19.00 -18.99 -18.89
N PHE A 91 19.75 -18.47 -17.92
CA PHE A 91 21.06 -18.99 -17.53
C PHE A 91 20.95 -20.30 -16.76
N THR A 92 19.97 -20.39 -15.88
CA THR A 92 19.79 -21.59 -15.04
C THR A 92 19.18 -22.75 -15.83
N ASN A 93 17.99 -22.51 -16.38
CA ASN A 93 17.24 -23.48 -17.17
C ASN A 93 18.05 -24.11 -18.30
N ASN A 94 19.09 -23.40 -18.77
CA ASN A 94 19.97 -23.90 -19.81
C ASN A 94 21.44 -23.91 -19.42
N LEU A 95 21.80 -24.77 -18.47
CA LEU A 95 23.18 -24.88 -18.04
C LEU A 95 24.06 -25.67 -18.99
N ASP A 96 23.50 -26.72 -19.60
CA ASP A 96 24.28 -27.54 -20.53
C ASP A 96 24.79 -26.71 -21.72
N VAL A 97 24.04 -25.67 -22.09
CA VAL A 97 24.46 -24.75 -23.15
C VAL A 97 25.55 -23.84 -22.61
N VAL A 98 25.42 -23.45 -21.34
CA VAL A 98 26.41 -22.57 -20.70
C VAL A 98 27.74 -23.30 -20.43
N SER A 99 27.69 -24.61 -20.26
CA SER A 99 28.90 -25.40 -20.04
C SER A 99 29.85 -25.31 -21.23
N SER A 100 29.29 -25.36 -22.43
CA SER A 100 30.07 -25.36 -23.67
C SER A 100 30.83 -24.05 -23.90
N TYR A 101 30.27 -22.95 -23.42
CA TYR A 101 30.94 -21.65 -23.49
C TYR A 101 32.05 -21.53 -22.46
N VAL A 102 31.97 -22.36 -21.42
CA VAL A 102 32.90 -22.27 -20.28
C VAL A 102 33.84 -23.47 -20.10
N GLN A 103 33.73 -24.47 -20.98
CA GLN A 103 34.56 -25.67 -20.85
C GLN A 103 36.04 -25.42 -21.18
N ASP A 104 36.29 -24.44 -22.04
CA ASP A 104 37.64 -23.97 -22.33
C ASP A 104 38.05 -22.95 -21.26
N GLN A 105 39.06 -23.26 -20.47
CA GLN A 105 39.32 -22.50 -19.25
C GLN A 105 40.79 -22.14 -19.02
N SER A 106 41.04 -20.94 -18.50
CA SER A 106 42.39 -20.51 -18.10
C SER A 106 42.37 -19.34 -17.12
N GLU A 107 43.43 -19.22 -16.33
CA GLU A 107 43.63 -18.08 -15.42
C GLU A 107 44.00 -16.82 -16.22
N ASP A 108 44.79 -17.03 -17.27
CA ASP A 108 45.07 -16.03 -18.30
C ASP A 108 43.82 -15.85 -19.15
N CYS A 109 42.94 -14.95 -18.72
CA CYS A 109 41.59 -14.87 -19.30
C CYS A 109 41.09 -13.46 -19.58
N LEU A 110 41.94 -12.46 -19.32
CA LEU A 110 41.55 -11.06 -19.46
C LEU A 110 41.41 -10.64 -20.94
N TYR A 111 40.23 -10.89 -21.51
CA TYR A 111 39.99 -10.63 -22.93
C TYR A 111 38.69 -9.86 -23.26
N LEU A 112 38.63 -9.33 -24.47
CA LEU A 112 37.47 -8.58 -24.95
C LEU A 112 36.96 -9.20 -26.23
N ASN A 113 35.69 -8.96 -26.53
CA ASN A 113 35.15 -9.22 -27.87
C ASN A 113 34.60 -7.91 -28.42
N ILE A 114 35.00 -7.56 -29.63
CA ILE A 114 34.65 -6.28 -30.21
C ILE A 114 33.80 -6.49 -31.46
N TYR A 115 32.58 -5.97 -31.45
CA TYR A 115 31.66 -6.16 -32.56
C TYR A 115 31.48 -4.88 -33.36
N VAL A 116 32.03 -4.85 -34.57
CA VAL A 116 32.05 -3.66 -35.40
C VAL A 116 31.18 -3.82 -36.65
N PRO A 117 30.13 -2.98 -36.80
CA PRO A 117 29.27 -3.03 -37.98
C PRO A 117 29.99 -2.52 -39.24
N THR A 118 29.73 -3.17 -40.37
CA THR A 118 30.42 -2.85 -41.61
C THR A 118 29.43 -2.72 -42.74
N GLU A 119 29.45 -1.54 -43.37
CA GLU A 119 28.63 -1.24 -44.53
C GLU A 119 29.49 -1.44 -45.76
N ASP A 120 28.85 -1.52 -46.94
CA ASP A 120 29.59 -1.55 -48.19
C ASP A 120 29.56 -0.16 -48.84
N VAL A 121 28.95 0.81 -48.15
CA VAL A 121 28.90 2.19 -48.65
C VAL A 121 30.29 2.84 -48.66
N LYS A 122 30.78 3.15 -49.87
CA LYS A 122 32.10 3.73 -50.03
C LYS A 122 31.99 5.24 -50.22
N ARG A 123 31.98 5.95 -49.10
CA ARG A 123 31.76 7.40 -49.07
C ARG A 123 32.87 8.21 -49.73
N ILE A 124 34.10 8.05 -49.23
CA ILE A 124 35.22 8.87 -49.68
C ILE A 124 36.22 8.15 -50.61
N SER A 125 36.44 6.86 -50.37
CA SER A 125 37.45 6.09 -51.13
C SER A 125 37.26 6.14 -52.63
N LYS A 126 36.02 6.36 -53.08
CA LYS A 126 35.72 6.41 -54.51
C LYS A 126 36.02 7.77 -55.14
N GLU A 127 35.86 8.85 -54.37
CA GLU A 127 36.29 10.19 -54.80
C GLU A 127 37.81 10.23 -54.96
N CYS A 128 38.52 9.62 -54.01
CA CYS A 128 39.98 9.52 -54.03
C CYS A 128 40.49 8.65 -55.17
N ALA A 129 39.68 7.68 -55.58
CA ALA A 129 39.99 6.83 -56.72
C ALA A 129 39.96 7.64 -58.02
N ARG A 130 39.14 8.69 -58.03
CA ARG A 130 39.06 9.62 -59.16
C ARG A 130 40.07 10.75 -59.03
N LYS A 131 40.23 11.26 -57.81
CA LYS A 131 41.05 12.45 -57.53
C LYS A 131 41.84 12.27 -56.22
N PRO A 132 43.08 11.74 -56.29
CA PRO A 132 43.90 11.54 -55.08
C PRO A 132 44.59 12.82 -54.60
N GLY A 133 44.67 13.82 -55.49
CA GLY A 133 45.43 15.05 -55.24
C GLY A 133 44.96 15.97 -54.12
N LYS A 134 43.64 16.08 -53.94
CA LYS A 134 43.07 17.03 -52.97
C LYS A 134 43.35 16.60 -51.53
N LYS A 135 43.62 17.59 -50.67
CA LYS A 135 43.93 17.35 -49.25
C LYS A 135 43.03 16.30 -48.61
N ILE A 136 41.74 16.36 -48.96
CA ILE A 136 40.72 15.40 -48.50
C ILE A 136 41.18 13.93 -48.60
N CYS A 137 42.00 13.63 -49.62
CA CYS A 137 42.55 12.30 -49.84
C CYS A 137 44.08 12.31 -49.70
N ARG A 138 44.72 13.33 -50.28
CA ARG A 138 46.19 13.55 -50.24
C ARG A 138 46.83 13.28 -48.87
N LYS A 139 46.15 13.71 -47.81
CA LYS A 139 46.43 13.31 -46.43
C LYS A 139 45.16 13.48 -45.60
N GLY A 140 44.19 12.60 -45.84
CA GLY A 140 42.89 12.68 -45.18
C GLY A 140 42.74 11.68 -44.05
N ASP A 141 41.72 11.91 -43.22
CA ASP A 141 41.45 11.08 -42.03
C ASP A 141 40.05 10.45 -42.06
N ILE A 142 39.16 10.99 -42.90
CA ILE A 142 37.77 10.50 -43.01
C ILE A 142 37.67 9.19 -43.79
N ARG A 143 36.93 8.23 -43.21
CA ARG A 143 36.82 6.89 -43.80
C ARG A 143 35.49 6.68 -44.54
N ASP A 144 35.34 5.52 -45.18
CA ASP A 144 34.13 5.15 -45.91
C ASP A 144 32.91 5.05 -45.00
N SER A 145 33.13 4.63 -43.76
CA SER A 145 32.07 4.57 -42.76
C SER A 145 32.22 5.74 -41.79
N GLY A 146 32.58 6.91 -42.32
CA GLY A 146 32.94 8.10 -41.54
C GLY A 146 32.06 8.44 -40.35
N GLY A 147 32.69 8.93 -39.29
CA GLY A 147 31.98 9.27 -38.07
C GLY A 147 32.12 8.18 -37.02
N PRO A 148 32.90 8.45 -35.96
CA PRO A 148 33.18 7.51 -34.88
C PRO A 148 31.92 6.99 -34.18
N LYS A 149 31.80 5.67 -34.08
CA LYS A 149 30.58 5.04 -33.62
C LYS A 149 30.54 4.80 -32.11
N PRO A 150 29.37 5.07 -31.49
CA PRO A 150 29.24 4.97 -30.04
C PRO A 150 29.61 3.59 -29.57
N VAL A 151 30.24 3.51 -28.41
CA VAL A 151 30.71 2.23 -27.90
C VAL A 151 29.80 1.73 -26.77
N MET A 152 29.43 0.45 -26.81
CA MET A 152 28.62 -0.16 -25.76
C MET A 152 29.31 -1.36 -25.13
N VAL A 153 29.82 -1.15 -23.92
CA VAL A 153 30.51 -2.20 -23.18
C VAL A 153 29.49 -2.90 -22.29
N TYR A 154 29.30 -4.20 -22.52
CA TYR A 154 28.43 -5.01 -21.67
C TYR A 154 29.23 -5.78 -20.61
N ILE A 155 28.82 -5.62 -19.36
CA ILE A 155 29.43 -6.35 -18.26
C ILE A 155 28.49 -7.47 -17.84
N HIS A 156 28.87 -8.70 -18.18
CA HIS A 156 28.10 -9.88 -17.76
C HIS A 156 28.15 -10.01 -16.24
N GLY A 157 27.01 -10.32 -15.64
CA GLY A 157 26.95 -10.48 -14.20
C GLY A 157 26.03 -11.61 -13.76
N GLY A 158 26.62 -12.64 -13.17
CA GLY A 158 25.84 -13.72 -12.59
C GLY A 158 25.77 -13.52 -11.10
N SER A 159 26.82 -13.96 -10.43
CA SER A 159 26.97 -13.81 -8.99
C SER A 159 28.43 -13.54 -8.63
N TYR A 160 29.15 -12.93 -9.58
CA TYR A 160 30.60 -12.71 -9.53
C TYR A 160 31.44 -14.01 -9.44
N MET A 161 30.77 -15.15 -9.58
CA MET A 161 31.39 -16.46 -9.44
C MET A 161 31.62 -17.11 -10.80
N GLU A 162 30.78 -16.77 -11.76
CA GLU A 162 30.75 -17.44 -13.05
C GLU A 162 30.42 -16.46 -14.17
N GLY A 163 30.10 -17.01 -15.34
CA GLY A 163 29.69 -16.24 -16.50
C GLY A 163 30.86 -15.98 -17.42
N THR A 164 30.57 -15.37 -18.56
CA THR A 164 31.57 -14.99 -19.55
C THR A 164 30.93 -14.15 -20.64
N GLY A 165 31.50 -12.98 -20.91
CA GLY A 165 31.01 -12.11 -21.99
C GLY A 165 30.73 -12.85 -23.29
N ASN A 166 31.50 -13.91 -23.53
CA ASN A 166 31.34 -14.78 -24.68
C ASN A 166 29.91 -15.33 -24.83
N LEU A 167 29.13 -15.24 -23.76
CA LEU A 167 27.74 -15.70 -23.75
C LEU A 167 26.84 -14.79 -24.54
N TYR A 168 27.23 -13.52 -24.62
CA TYR A 168 26.40 -12.49 -25.24
C TYR A 168 26.98 -12.06 -26.59
N ASP A 169 26.33 -12.53 -27.65
CA ASP A 169 26.66 -12.15 -29.02
C ASP A 169 26.13 -10.76 -29.36
N GLY A 170 27.02 -9.78 -29.43
CA GLY A 170 26.63 -8.40 -29.68
C GLY A 170 26.31 -8.05 -31.13
N SER A 171 26.53 -9.00 -32.05
CA SER A 171 26.37 -8.77 -33.48
C SER A 171 25.13 -7.98 -33.91
N VAL A 172 23.94 -8.48 -33.55
CA VAL A 172 22.67 -7.84 -33.95
C VAL A 172 22.53 -6.45 -33.36
N LEU A 173 22.79 -6.31 -32.05
CA LEU A 173 22.74 -5.01 -31.38
C LEU A 173 23.77 -4.03 -31.96
N ALA A 174 24.91 -4.57 -32.39
CA ALA A 174 25.92 -3.76 -33.06
C ALA A 174 25.46 -3.26 -34.43
N SER A 175 25.00 -4.17 -35.29
CA SER A 175 24.63 -3.76 -36.63
C SER A 175 23.19 -3.27 -36.75
N TYR A 176 22.49 -3.14 -35.63
CA TYR A 176 21.14 -2.56 -35.66
C TYR A 176 21.17 -1.08 -35.34
N GLY A 177 21.90 -0.72 -34.29
CA GLY A 177 22.02 0.66 -33.87
C GLY A 177 23.27 1.34 -34.43
N ASN A 178 23.94 0.65 -35.36
CA ASN A 178 25.21 1.13 -35.91
C ASN A 178 26.20 1.52 -34.81
N VAL A 179 26.23 0.73 -33.75
CA VAL A 179 27.15 0.95 -32.64
C VAL A 179 28.17 -0.18 -32.58
N ILE A 180 29.34 0.11 -32.01
CA ILE A 180 30.31 -0.93 -31.68
C ILE A 180 29.95 -1.51 -30.31
N VAL A 181 29.66 -2.80 -30.27
CA VAL A 181 29.34 -3.48 -29.03
C VAL A 181 30.56 -4.26 -28.55
N ILE A 182 30.91 -4.11 -27.27
CA ILE A 182 32.03 -4.84 -26.68
C ILE A 182 31.56 -5.70 -25.52
N THR A 183 32.06 -6.95 -25.46
CA THR A 183 31.81 -7.83 -24.32
C THR A 183 33.13 -8.15 -23.60
N VAL A 184 33.11 -8.08 -22.27
CA VAL A 184 34.35 -8.16 -21.49
C VAL A 184 34.43 -9.37 -20.57
N ASN A 185 35.60 -10.02 -20.57
CA ASN A 185 35.96 -11.00 -19.55
C ASN A 185 36.71 -10.32 -18.41
N TYR A 186 36.27 -10.57 -17.19
CA TYR A 186 36.95 -10.06 -16.01
C TYR A 186 37.03 -11.16 -14.98
N ARG A 187 38.05 -11.10 -14.12
CA ARG A 187 38.27 -12.09 -13.06
C ARG A 187 37.05 -12.30 -12.16
N LEU A 188 36.69 -13.57 -11.94
CA LEU A 188 35.52 -13.90 -11.15
C LEU A 188 35.93 -14.68 -9.90
N GLY A 189 34.94 -15.35 -9.29
CA GLY A 189 35.14 -16.23 -8.14
C GLY A 189 36.05 -15.66 -7.08
N VAL A 190 36.95 -16.49 -6.58
CA VAL A 190 37.96 -16.08 -5.61
C VAL A 190 39.02 -15.21 -6.29
N LEU A 191 39.55 -15.72 -7.40
CA LEU A 191 40.60 -15.05 -8.18
C LEU A 191 40.39 -13.56 -8.33
N GLY A 192 39.14 -13.15 -8.56
CA GLY A 192 38.81 -11.75 -8.83
C GLY A 192 38.24 -10.92 -7.69
N PHE A 193 37.98 -11.54 -6.54
CA PHE A 193 37.30 -10.83 -5.44
C PHE A 193 37.70 -11.24 -4.03
N LEU A 194 38.73 -12.07 -3.90
CA LEU A 194 39.21 -12.46 -2.57
C LEU A 194 39.71 -11.24 -1.84
N SER A 195 39.25 -11.05 -0.62
CA SER A 195 39.80 -10.00 0.23
C SER A 195 39.94 -10.46 1.68
N THR A 196 41.16 -10.33 2.22
CA THR A 196 41.41 -10.59 3.64
C THR A 196 41.00 -9.37 4.47
N GLY A 197 40.44 -8.35 3.81
CA GLY A 197 40.00 -7.11 4.47
C GLY A 197 41.13 -6.19 4.88
N ASP A 198 42.12 -6.04 3.99
CA ASP A 198 43.27 -5.14 4.19
C ASP A 198 44.20 -5.13 2.96
N GLN A 199 45.51 -4.99 3.20
CA GLN A 199 46.47 -4.83 2.12
C GLN A 199 47.10 -6.15 1.67
N ALA A 200 46.76 -7.24 2.36
CA ALA A 200 47.20 -8.57 1.97
C ALA A 200 46.48 -8.96 0.68
N ALA A 201 45.16 -8.86 0.71
CA ALA A 201 44.31 -8.99 -0.46
C ALA A 201 43.30 -7.87 -0.33
N LYS A 202 43.24 -7.01 -1.34
CA LYS A 202 42.42 -5.81 -1.25
C LYS A 202 41.05 -5.98 -1.92
N GLY A 203 40.80 -7.13 -2.53
CA GLY A 203 39.54 -7.40 -3.21
C GLY A 203 39.38 -6.57 -4.48
N ASN A 204 38.17 -6.61 -5.04
CA ASN A 204 37.79 -5.82 -6.23
C ASN A 204 38.69 -5.93 -7.46
N TYR A 205 39.34 -7.07 -7.63
CA TYR A 205 40.26 -7.26 -8.73
C TYR A 205 39.52 -7.29 -10.04
N GLY A 206 38.36 -7.95 -10.02
CA GLY A 206 37.50 -8.03 -11.20
C GLY A 206 37.07 -6.64 -11.64
N LEU A 207 36.61 -5.85 -10.69
CA LEU A 207 36.26 -4.48 -10.98
C LEU A 207 37.44 -3.77 -11.65
N LEU A 208 38.62 -3.86 -11.03
CA LEU A 208 39.84 -3.26 -11.58
C LEU A 208 40.18 -3.77 -12.99
N ASP A 209 39.72 -4.97 -13.32
CA ASP A 209 39.81 -5.49 -14.68
C ASP A 209 38.91 -4.67 -15.62
N LEU A 210 37.65 -4.53 -15.23
CA LEU A 210 36.67 -3.76 -16.01
C LEU A 210 37.18 -2.35 -16.28
N ILE A 211 37.78 -1.76 -15.25
CA ILE A 211 38.39 -0.44 -15.38
C ILE A 211 39.55 -0.48 -16.38
N GLN A 212 40.34 -1.55 -16.34
CA GLN A 212 41.44 -1.71 -17.30
C GLN A 212 40.91 -1.92 -18.71
N ALA A 213 39.76 -2.59 -18.81
CA ALA A 213 39.09 -2.79 -20.09
C ALA A 213 38.73 -1.44 -20.68
N LEU A 214 38.08 -0.63 -19.85
CA LEU A 214 37.65 0.70 -20.24
C LEU A 214 38.83 1.65 -20.53
N ARG A 215 39.98 1.38 -19.90
CA ARG A 215 41.23 2.07 -20.22
C ARG A 215 41.67 1.73 -21.64
N TRP A 216 41.78 0.43 -21.93
CA TRP A 216 42.16 -0.04 -23.25
C TRP A 216 41.21 0.54 -24.28
N THR A 217 39.91 0.35 -24.06
CA THR A 217 38.86 0.79 -24.97
C THR A 217 38.95 2.28 -25.23
N SER A 218 39.10 3.06 -24.17
CA SER A 218 39.20 4.52 -24.29
C SER A 218 40.48 4.96 -25.00
N GLU A 219 41.48 4.06 -25.04
CA GLU A 219 42.75 4.34 -25.71
C GLU A 219 42.82 3.78 -27.13
N ASN A 220 42.02 2.74 -27.40
CA ASN A 220 42.17 1.96 -28.63
C ASN A 220 40.94 1.87 -29.54
N ILE A 221 39.74 2.08 -28.98
CA ILE A 221 38.50 1.93 -29.77
C ILE A 221 38.47 2.86 -30.99
N GLY A 222 39.18 3.97 -30.92
CA GLY A 222 39.29 4.93 -32.01
C GLY A 222 39.77 4.31 -33.31
N PHE A 223 40.69 3.36 -33.19
CA PHE A 223 41.24 2.66 -34.33
C PHE A 223 40.18 1.85 -35.09
N PHE A 224 39.30 1.18 -34.33
CA PHE A 224 38.20 0.40 -34.91
C PHE A 224 37.07 1.30 -35.42
N GLY A 225 37.19 2.60 -35.16
CA GLY A 225 36.21 3.59 -35.55
C GLY A 225 35.27 3.99 -34.42
N GLY A 226 35.70 3.78 -33.18
CA GLY A 226 34.88 4.08 -32.01
C GLY A 226 35.14 5.46 -31.42
N ASP A 227 34.12 6.02 -30.79
CA ASP A 227 34.22 7.32 -30.13
C ASP A 227 34.49 7.16 -28.62
N PRO A 228 35.75 7.35 -28.19
CA PRO A 228 36.07 7.15 -26.78
C PRO A 228 35.41 8.17 -25.83
N LEU A 229 34.60 9.06 -26.38
CA LEU A 229 33.83 10.03 -25.59
C LEU A 229 32.34 9.70 -25.54
N ARG A 230 31.92 8.70 -26.31
CA ARG A 230 30.51 8.26 -26.30
C ARG A 230 30.34 6.80 -25.83
N ILE A 231 31.17 6.39 -24.88
CA ILE A 231 31.17 5.02 -24.37
C ILE A 231 30.09 4.80 -23.32
N THR A 232 29.37 3.71 -23.49
CA THR A 232 28.25 3.35 -22.64
C THR A 232 28.48 1.96 -22.05
N VAL A 233 28.72 1.93 -20.75
CA VAL A 233 28.76 0.67 -20.01
C VAL A 233 27.32 0.28 -19.73
N PHE A 234 26.95 -0.94 -20.07
CA PHE A 234 25.66 -1.47 -19.68
C PHE A 234 25.80 -2.88 -19.15
N GLY A 235 24.89 -3.29 -18.29
CA GLY A 235 24.95 -4.62 -17.70
C GLY A 235 23.63 -5.08 -17.15
N SER A 236 23.50 -6.38 -16.95
CA SER A 236 22.34 -6.92 -16.27
C SER A 236 22.75 -7.81 -15.11
N GLY A 237 21.80 -8.17 -14.27
CA GLY A 237 22.08 -8.98 -13.10
C GLY A 237 23.17 -8.31 -12.31
N ALA A 238 24.17 -9.08 -11.91
CA ALA A 238 25.31 -8.58 -11.14
C ALA A 238 26.14 -7.60 -11.96
N GLY A 239 26.11 -7.76 -13.29
CA GLY A 239 26.73 -6.83 -14.24
C GLY A 239 26.03 -5.49 -14.24
N GLY A 240 24.73 -5.51 -13.97
CA GLY A 240 23.96 -4.29 -13.66
C GLY A 240 24.46 -3.66 -12.38
N SER A 241 24.91 -4.49 -11.43
CA SER A 241 25.49 -4.01 -10.18
C SER A 241 26.86 -3.41 -10.41
N CYS A 242 27.65 -4.05 -11.27
CA CYS A 242 28.98 -3.55 -11.64
C CYS A 242 28.89 -2.18 -12.29
N VAL A 243 27.91 -2.03 -13.18
CA VAL A 243 27.63 -0.75 -13.82
C VAL A 243 27.48 0.33 -12.76
N ASN A 244 26.66 0.05 -11.75
CA ASN A 244 26.45 1.00 -10.65
C ASN A 244 27.67 1.18 -9.76
N LEU A 245 28.38 0.09 -9.49
CA LEU A 245 29.59 0.12 -8.68
C LEU A 245 30.71 0.88 -9.37
N LEU A 246 30.65 0.92 -10.70
CA LEU A 246 31.61 1.71 -11.50
C LEU A 246 31.31 3.21 -11.48
N THR A 247 30.03 3.57 -11.43
CA THR A 247 29.65 4.98 -11.35
C THR A 247 30.10 5.58 -10.02
N LEU A 248 30.24 4.71 -9.02
CA LEU A 248 30.70 5.13 -7.70
C LEU A 248 32.23 5.17 -7.56
N SER A 249 32.92 4.46 -8.44
CA SER A 249 34.39 4.37 -8.39
C SER A 249 35.10 5.56 -9.00
N HIS A 250 35.99 6.17 -8.22
CA HIS A 250 36.85 7.26 -8.69
C HIS A 250 37.65 6.85 -9.94
N TYR A 251 37.95 5.55 -10.05
CA TYR A 251 38.73 5.00 -11.14
C TYR A 251 38.05 5.13 -12.50
N SER A 252 36.80 5.59 -12.47
CA SER A 252 35.99 5.66 -13.67
C SER A 252 35.93 7.04 -14.32
N GLU A 253 36.77 7.96 -13.85
CA GLU A 253 36.83 9.31 -14.40
C GLU A 253 37.28 9.29 -15.85
N GLY A 254 36.43 9.81 -16.73
CA GLY A 254 36.75 9.95 -18.15
C GLY A 254 36.68 8.67 -18.98
N LEU A 255 36.47 7.52 -18.33
CA LEU A 255 36.47 6.23 -19.03
C LEU A 255 35.12 5.85 -19.67
N PHE A 256 34.03 6.31 -19.08
CA PHE A 256 32.69 6.20 -19.69
C PHE A 256 31.84 7.40 -19.30
N GLN A 257 30.72 7.58 -19.98
CA GLN A 257 29.90 8.79 -19.84
C GLN A 257 28.41 8.51 -19.62
N ARG A 258 27.94 7.34 -20.07
CA ARG A 258 26.54 6.94 -19.92
C ARG A 258 26.46 5.48 -19.47
N ALA A 259 25.55 5.19 -18.54
CA ALA A 259 25.45 3.84 -17.95
C ALA A 259 24.01 3.29 -17.87
N ILE A 260 23.86 2.01 -18.21
CA ILE A 260 22.56 1.32 -18.13
C ILE A 260 22.67 0.16 -17.15
N ALA A 261 21.76 0.09 -16.18
CA ALA A 261 21.73 -1.04 -15.25
C ALA A 261 20.40 -1.78 -15.32
N GLN A 262 20.45 -3.06 -15.65
CA GLN A 262 19.25 -3.87 -15.87
C GLN A 262 19.06 -4.87 -14.75
N SER A 263 18.03 -4.68 -13.95
CA SER A 263 17.71 -5.57 -12.83
C SER A 263 18.97 -5.88 -12.03
N GLY A 264 19.63 -4.83 -11.57
CA GLY A 264 20.88 -4.94 -10.85
C GLY A 264 21.34 -3.58 -10.37
N THR A 265 21.36 -3.40 -9.06
CA THR A 265 21.85 -2.17 -8.44
C THR A 265 23.05 -2.48 -7.56
N ALA A 266 23.71 -1.44 -7.07
CA ALA A 266 24.80 -1.63 -6.12
C ALA A 266 24.26 -1.63 -4.68
N LEU A 267 22.95 -1.82 -4.54
CA LEU A 267 22.27 -1.67 -3.25
C LEU A 267 21.62 -2.94 -2.70
N SER A 268 21.49 -3.97 -3.53
CA SER A 268 20.90 -5.23 -3.11
C SER A 268 21.78 -5.95 -2.10
N SER A 269 21.21 -6.90 -1.36
CA SER A 269 21.95 -7.62 -0.32
C SER A 269 23.04 -8.55 -0.89
N TRP A 270 23.08 -8.69 -2.21
CA TRP A 270 24.03 -9.60 -2.87
C TRP A 270 24.94 -8.94 -3.89
N ALA A 271 25.05 -7.61 -3.84
CA ALA A 271 25.94 -6.87 -4.76
C ALA A 271 27.34 -6.63 -4.18
N VAL A 272 27.42 -6.55 -2.86
CA VAL A 272 28.70 -6.36 -2.16
C VAL A 272 28.91 -7.43 -1.09
N SER A 273 30.12 -7.99 -1.04
CA SER A 273 30.49 -8.90 0.07
C SER A 273 30.89 -8.10 1.30
N PHE A 274 30.06 -8.19 2.33
CA PHE A 274 30.28 -7.42 3.55
C PHE A 274 31.15 -8.15 4.56
N GLN A 275 31.39 -9.43 4.32
CA GLN A 275 32.36 -10.20 5.09
C GLN A 275 33.35 -10.85 4.14
N PRO A 276 34.33 -10.05 3.65
CA PRO A 276 35.26 -10.64 2.70
C PRO A 276 36.25 -11.56 3.41
N ALA A 277 36.63 -11.21 4.64
CA ALA A 277 37.65 -11.92 5.40
C ALA A 277 37.12 -13.25 5.95
N LYS A 278 35.86 -13.25 6.36
CA LYS A 278 35.19 -14.47 6.82
C LYS A 278 35.26 -15.59 5.78
N TYR A 279 35.10 -15.19 4.52
CA TYR A 279 35.05 -16.15 3.41
C TYR A 279 36.42 -16.40 2.77
N ALA A 280 37.32 -15.43 2.89
CA ALA A 280 38.71 -15.59 2.49
C ALA A 280 39.37 -16.66 3.33
N ARG A 281 39.09 -16.67 4.62
CA ARG A 281 39.71 -17.59 5.57
C ARG A 281 39.05 -18.97 5.61
N ILE A 282 37.76 -19.03 5.27
CA ILE A 282 37.07 -20.31 5.16
C ILE A 282 37.59 -21.10 3.96
N LEU A 283 37.90 -20.37 2.88
CA LEU A 283 38.47 -20.96 1.66
C LEU A 283 39.88 -21.49 1.90
N ALA A 284 40.69 -20.70 2.59
CA ALA A 284 42.04 -21.10 2.97
C ALA A 284 42.02 -22.40 3.78
N THR A 285 41.01 -22.55 4.64
CA THR A 285 40.83 -23.76 5.44
C THR A 285 40.57 -25.01 4.58
N LYS A 286 39.81 -24.81 3.50
CA LYS A 286 39.45 -25.89 2.59
C LYS A 286 40.61 -26.32 1.67
N VAL A 287 41.60 -25.45 1.52
CA VAL A 287 42.82 -25.77 0.77
C VAL A 287 44.11 -25.82 1.62
N GLY A 288 43.94 -25.93 2.94
CA GLY A 288 45.06 -26.08 3.88
C GLY A 288 46.00 -24.90 3.94
N CYS A 289 45.42 -23.71 4.02
CA CYS A 289 46.15 -22.44 3.91
C CYS A 289 45.70 -21.41 4.95
N ASN A 290 44.96 -21.88 5.95
CA ASN A 290 44.46 -21.00 7.00
C ASN A 290 45.55 -20.74 8.05
N VAL A 291 46.46 -19.83 7.73
CA VAL A 291 47.54 -19.48 8.63
C VAL A 291 47.25 -18.15 9.35
N SER A 292 47.96 -17.88 10.43
CA SER A 292 47.66 -16.75 11.33
C SER A 292 47.74 -15.37 10.66
N ASP A 293 48.89 -15.02 10.11
CA ASP A 293 49.03 -13.76 9.35
C ASP A 293 48.36 -13.86 7.99
N THR A 294 47.64 -12.82 7.60
CA THR A 294 46.91 -12.84 6.34
C THR A 294 47.84 -12.91 5.13
N VAL A 295 48.91 -12.12 5.11
CA VAL A 295 49.80 -12.07 3.94
C VAL A 295 50.44 -13.43 3.65
N GLU A 296 50.69 -14.21 4.71
CA GLU A 296 51.15 -15.59 4.58
C GLU A 296 50.05 -16.46 3.98
N LEU A 297 48.80 -16.16 4.35
CA LEU A 297 47.63 -16.88 3.87
C LEU A 297 47.41 -16.64 2.38
N VAL A 298 47.58 -15.40 1.95
CA VAL A 298 47.48 -15.03 0.54
C VAL A 298 48.73 -15.53 -0.21
N GLU A 299 49.87 -15.50 0.47
CA GLU A 299 51.13 -15.99 -0.08
C GLU A 299 50.98 -17.41 -0.64
N CYS A 300 50.44 -18.32 0.18
CA CYS A 300 50.26 -19.71 -0.24
C CYS A 300 49.15 -19.85 -1.27
N LEU A 301 48.09 -19.06 -1.16
CA LEU A 301 46.98 -19.11 -2.12
C LEU A 301 47.43 -18.82 -3.56
N GLN A 302 48.55 -18.10 -3.71
CA GLN A 302 49.13 -17.81 -5.02
C GLN A 302 49.92 -18.99 -5.60
N LYS A 303 50.48 -19.80 -4.70
CA LYS A 303 51.22 -21.00 -5.09
C LYS A 303 50.30 -22.15 -5.50
N LYS A 304 49.02 -22.08 -5.10
CA LYS A 304 48.06 -23.15 -5.37
C LYS A 304 47.44 -22.99 -6.75
N PRO A 305 47.34 -24.09 -7.52
CA PRO A 305 46.79 -24.06 -8.88
C PRO A 305 45.35 -23.59 -8.87
N TYR A 306 45.06 -22.56 -9.67
CA TYR A 306 43.75 -21.90 -9.66
C TYR A 306 42.57 -22.86 -9.56
N LYS A 307 42.67 -24.01 -10.22
CA LYS A 307 41.59 -24.99 -10.25
C LYS A 307 41.20 -25.44 -8.84
N GLU A 308 42.19 -25.76 -8.02
CA GLU A 308 42.00 -26.14 -6.62
C GLU A 308 41.21 -25.08 -5.83
N LEU A 309 41.43 -23.82 -6.17
CA LEU A 309 40.73 -22.71 -5.54
C LEU A 309 39.30 -22.53 -6.08
N VAL A 310 39.15 -22.66 -7.40
CA VAL A 310 37.85 -22.48 -8.04
C VAL A 310 36.90 -23.65 -7.78
N ASP A 311 37.47 -24.81 -7.40
CA ASP A 311 36.71 -26.03 -7.18
C ASP A 311 36.08 -26.13 -5.79
N GLN A 312 36.24 -25.10 -4.97
CA GLN A 312 35.77 -25.15 -3.57
C GLN A 312 34.31 -24.82 -3.36
N ASP A 313 33.72 -25.46 -2.35
CA ASP A 313 32.31 -25.24 -1.97
C ASP A 313 32.22 -24.23 -0.83
N VAL A 314 32.11 -22.96 -1.20
CA VAL A 314 32.09 -21.85 -0.24
C VAL A 314 30.73 -21.14 -0.25
N GLN A 315 29.74 -21.76 0.36
CA GLN A 315 28.38 -21.23 0.39
C GLN A 315 28.27 -20.09 1.40
N PRO A 316 27.71 -18.95 0.97
CA PRO A 316 27.32 -17.90 1.91
C PRO A 316 25.87 -18.07 2.34
N ALA A 317 25.40 -17.22 3.26
CA ALA A 317 23.98 -17.21 3.65
C ALA A 317 23.11 -16.78 2.48
N ARG A 318 21.86 -17.25 2.46
CA ARG A 318 20.95 -17.02 1.33
C ARG A 318 20.83 -15.53 0.97
N TYR A 319 20.81 -15.26 -0.34
CA TYR A 319 20.65 -13.91 -0.89
C TYR A 319 21.81 -12.96 -0.56
N HIS A 320 22.91 -13.52 -0.05
CA HIS A 320 24.16 -12.79 0.12
C HIS A 320 25.27 -13.45 -0.72
N ILE A 321 26.45 -12.85 -0.75
CA ILE A 321 27.58 -13.47 -1.44
C ILE A 321 28.78 -13.70 -0.51
N ALA A 322 29.65 -14.63 -0.94
CA ALA A 322 30.87 -14.94 -0.21
C ALA A 322 32.04 -14.26 -0.88
N PHE A 323 32.07 -14.32 -2.21
CA PHE A 323 33.09 -13.63 -2.99
C PHE A 323 32.43 -12.67 -3.97
N GLY A 324 32.91 -11.43 -3.93
CA GLY A 324 32.32 -10.34 -4.69
C GLY A 324 32.94 -9.02 -4.27
N PRO A 325 32.46 -7.91 -4.87
CA PRO A 325 33.02 -6.58 -4.62
C PRO A 325 32.96 -6.21 -3.15
N VAL A 326 34.01 -5.56 -2.66
CA VAL A 326 34.08 -5.16 -1.25
C VAL A 326 34.30 -3.66 -1.09
N ILE A 327 33.76 -3.12 -0.01
CA ILE A 327 33.99 -1.74 0.37
C ILE A 327 35.42 -1.64 0.91
N ASP A 328 36.28 -1.01 0.11
CA ASP A 328 37.72 -1.05 0.36
C ASP A 328 38.33 0.33 0.55
N GLY A 329 37.52 1.36 0.34
CA GLY A 329 37.99 2.73 0.44
C GLY A 329 39.05 3.02 -0.60
N ASP A 330 38.84 2.48 -1.80
CA ASP A 330 39.76 2.68 -2.91
C ASP A 330 38.99 2.56 -4.23
N VAL A 331 38.76 1.34 -4.68
CA VAL A 331 37.93 1.10 -5.85
C VAL A 331 36.50 1.50 -5.49
N ILE A 332 36.00 0.96 -4.38
CA ILE A 332 34.74 1.41 -3.81
C ILE A 332 35.06 2.26 -2.58
N PRO A 333 34.93 3.59 -2.70
CA PRO A 333 35.26 4.59 -1.69
C PRO A 333 34.60 4.39 -0.32
N ASP A 334 33.30 4.13 -0.30
CA ASP A 334 32.56 3.96 0.94
C ASP A 334 31.43 2.97 0.73
N ASP A 335 30.50 2.92 1.68
CA ASP A 335 29.31 2.12 1.50
C ASP A 335 28.42 2.80 0.45
N PRO A 336 28.11 2.09 -0.65
CA PRO A 336 27.26 2.55 -1.74
C PRO A 336 26.02 3.36 -1.33
N GLN A 337 25.43 3.03 -0.19
CA GLN A 337 24.31 3.81 0.35
C GLN A 337 24.76 5.22 0.82
N ILE A 338 25.86 5.28 1.56
CA ILE A 338 26.46 6.55 1.97
C ILE A 338 26.88 7.41 0.78
N LEU A 339 27.62 6.80 -0.15
CA LEU A 339 28.10 7.47 -1.37
C LEU A 339 26.96 8.04 -2.20
N MET A 340 25.77 7.45 -2.10
CA MET A 340 24.65 7.88 -2.91
C MET A 340 23.63 8.77 -2.18
N GLU A 341 23.62 8.70 -0.85
CA GLU A 341 22.75 9.58 -0.06
C GLU A 341 23.28 11.00 -0.04
N GLN A 342 24.60 11.13 -0.06
CA GLN A 342 25.28 12.43 0.00
C GLN A 342 25.63 12.97 -1.39
N GLY A 343 25.26 12.20 -2.41
CA GLY A 343 25.57 12.54 -3.79
C GLY A 343 27.05 12.70 -4.02
N GLU A 344 27.78 11.60 -3.83
CA GLU A 344 29.23 11.59 -4.01
C GLU A 344 29.58 10.78 -5.23
N PHE A 345 29.05 11.22 -6.37
CA PHE A 345 29.29 10.55 -7.63
C PHE A 345 29.25 11.52 -8.80
N LEU A 346 30.15 11.28 -9.74
CA LEU A 346 30.22 12.03 -10.99
C LEU A 346 28.89 11.88 -11.75
N ASN A 347 28.65 12.76 -12.71
CA ASN A 347 27.40 12.73 -13.49
C ASN A 347 27.50 11.85 -14.75
N TYR A 348 26.58 10.89 -14.85
CA TYR A 348 26.43 10.06 -16.06
C TYR A 348 24.97 10.01 -16.44
N ASP A 349 24.67 9.99 -17.73
CA ASP A 349 23.31 9.68 -18.18
C ASP A 349 23.01 8.23 -17.77
N ILE A 350 21.98 8.06 -16.94
CA ILE A 350 21.61 6.71 -16.49
C ILE A 350 20.29 6.26 -17.10
N MET A 351 20.19 4.95 -17.27
CA MET A 351 18.94 4.29 -17.60
C MET A 351 18.85 3.00 -16.80
N LEU A 352 17.99 3.00 -15.78
CA LEU A 352 17.83 1.86 -14.87
C LEU A 352 16.50 1.17 -15.13
N GLY A 353 16.37 -0.10 -14.74
CA GLY A 353 15.09 -0.81 -14.92
C GLY A 353 14.98 -2.17 -14.27
N VAL A 354 13.73 -2.61 -14.08
CA VAL A 354 13.43 -3.91 -13.47
C VAL A 354 12.28 -4.62 -14.21
N ASN A 355 12.14 -5.93 -14.00
CA ASN A 355 11.10 -6.74 -14.65
C ASN A 355 9.91 -7.02 -13.71
N GLN A 356 8.76 -7.36 -14.28
CA GLN A 356 7.53 -7.65 -13.50
C GLN A 356 7.77 -8.73 -12.44
N GLY A 357 8.34 -9.84 -12.87
CA GLY A 357 8.53 -11.00 -12.02
C GLY A 357 9.95 -11.51 -12.03
N GLU A 358 10.86 -10.70 -11.52
CA GLU A 358 12.25 -11.09 -11.37
C GLU A 358 12.35 -12.32 -10.50
N GLY A 359 11.70 -12.27 -9.33
CA GLY A 359 11.78 -13.32 -8.33
C GLY A 359 10.94 -14.56 -8.61
N LEU A 360 10.86 -14.95 -9.87
CA LEU A 360 10.21 -16.21 -10.25
C LEU A 360 10.82 -17.38 -9.48
N LYS A 361 12.16 -17.42 -9.46
CA LYS A 361 12.92 -18.52 -8.84
C LYS A 361 12.89 -18.53 -7.30
N PHE A 362 12.25 -17.53 -6.72
CA PHE A 362 12.05 -17.49 -5.27
C PHE A 362 10.76 -18.20 -4.88
N VAL A 363 9.89 -18.44 -5.86
CA VAL A 363 8.64 -19.15 -5.60
C VAL A 363 8.55 -20.49 -6.32
N GLU A 364 9.28 -20.63 -7.44
CA GLU A 364 9.15 -21.78 -8.34
C GLU A 364 9.59 -23.10 -7.69
N ASN A 365 9.09 -23.35 -6.49
CA ASN A 365 9.40 -24.54 -5.70
C ASN A 365 8.16 -24.98 -4.93
N ILE A 366 7.38 -24.00 -4.47
CA ILE A 366 6.26 -24.23 -3.57
C ILE A 366 4.93 -24.07 -4.29
N VAL A 367 4.97 -23.48 -5.48
CA VAL A 367 3.82 -23.37 -6.39
C VAL A 367 3.41 -24.76 -6.86
N ASP A 368 2.12 -25.09 -6.76
CA ASP A 368 1.64 -26.45 -7.07
C ASP A 368 1.18 -26.66 -8.53
N SER A 369 0.47 -27.77 -8.76
CA SER A 369 -0.03 -28.16 -10.09
C SER A 369 -1.17 -27.25 -10.58
N ASP A 370 -2.05 -26.86 -9.66
CA ASP A 370 -3.04 -25.80 -9.89
C ASP A 370 -2.38 -24.42 -9.67
N ASP A 371 -1.05 -24.44 -9.60
CA ASP A 371 -0.19 -23.25 -9.40
C ASP A 371 -0.68 -22.19 -8.41
N GLY A 372 -0.78 -22.61 -7.15
CA GLY A 372 -1.09 -21.71 -6.03
C GLY A 372 -0.10 -21.88 -4.89
N VAL A 373 -0.25 -21.07 -3.85
CA VAL A 373 0.61 -21.14 -2.66
C VAL A 373 -0.27 -21.06 -1.42
N SER A 374 -0.15 -22.07 -0.56
CA SER A 374 -1.02 -22.18 0.60
C SER A 374 -0.77 -21.06 1.60
N ALA A 375 -1.81 -20.73 2.35
CA ALA A 375 -1.72 -19.78 3.46
C ALA A 375 -0.51 -20.09 4.34
N SER A 376 -0.27 -21.38 4.57
CA SER A 376 0.85 -21.82 5.39
C SER A 376 2.17 -21.74 4.64
N ASP A 377 2.16 -22.11 3.36
CA ASP A 377 3.35 -22.04 2.49
C ASP A 377 3.85 -20.61 2.35
N PHE A 378 2.91 -19.66 2.40
CA PHE A 378 3.21 -18.23 2.28
C PHE A 378 3.87 -17.69 3.53
N ASP A 379 3.28 -17.97 4.69
CA ASP A 379 3.78 -17.54 6.00
C ASP A 379 5.20 -18.04 6.27
N PHE A 380 5.47 -19.29 5.87
CA PHE A 380 6.80 -19.86 5.99
C PHE A 380 7.81 -19.12 5.11
N ALA A 381 7.40 -18.80 3.88
CA ALA A 381 8.29 -18.22 2.85
C ALA A 381 8.77 -16.82 3.23
N VAL A 382 7.89 -16.04 3.85
CA VAL A 382 8.22 -14.73 4.39
C VAL A 382 9.14 -14.89 5.61
N SER A 383 8.85 -15.89 6.45
CA SER A 383 9.69 -16.18 7.62
C SER A 383 11.10 -16.58 7.18
N ASN A 384 11.18 -17.44 6.16
CA ASN A 384 12.45 -17.76 5.51
C ASN A 384 13.13 -16.50 4.96
N PHE A 385 12.33 -15.61 4.37
CA PHE A 385 12.84 -14.37 3.81
C PHE A 385 13.43 -13.46 4.88
N VAL A 386 12.66 -13.23 5.95
CA VAL A 386 13.04 -12.31 7.02
C VAL A 386 14.32 -12.76 7.74
N ASP A 387 14.33 -14.03 8.16
CA ASP A 387 15.40 -14.58 8.99
C ASP A 387 16.72 -14.71 8.26
N ASN A 388 16.66 -14.84 6.93
CA ASN A 388 17.85 -14.94 6.09
C ASN A 388 18.40 -13.59 5.65
N LEU A 389 17.53 -12.60 5.52
CA LEU A 389 17.90 -11.31 4.97
C LEU A 389 18.08 -10.22 6.03
N TYR A 390 17.18 -10.20 7.02
CA TYR A 390 17.21 -9.16 8.07
C TYR A 390 17.67 -9.65 9.43
N GLY A 391 18.16 -10.89 9.48
CA GLY A 391 18.64 -11.48 10.72
C GLY A 391 17.56 -12.07 11.59
N TYR A 392 17.90 -12.32 12.85
CA TYR A 392 16.96 -12.96 13.77
C TYR A 392 16.36 -11.92 14.73
N PRO A 393 16.72 -11.95 16.04
CA PRO A 393 16.05 -11.04 17.00
C PRO A 393 16.22 -9.52 16.73
N GLU A 394 15.65 -8.71 17.62
CA GLU A 394 15.52 -7.25 17.52
C GLU A 394 14.06 -6.86 17.24
N GLY A 395 13.50 -7.39 16.16
CA GLY A 395 12.11 -7.13 15.78
C GLY A 395 11.59 -8.14 14.77
N LYS A 396 11.58 -9.41 15.17
CA LYS A 396 11.13 -10.51 14.31
C LYS A 396 9.65 -10.40 13.97
N ASP A 397 8.80 -10.39 15.00
CA ASP A 397 7.35 -10.39 14.83
C ASP A 397 6.78 -9.15 14.18
N VAL A 398 7.26 -7.98 14.61
CA VAL A 398 6.77 -6.70 14.08
C VAL A 398 7.16 -6.50 12.62
N LEU A 399 8.20 -7.20 12.19
CA LEU A 399 8.67 -7.13 10.81
C LEU A 399 7.96 -8.16 9.94
N ARG A 400 7.84 -9.39 10.45
CA ARG A 400 7.17 -10.47 9.72
C ARG A 400 5.70 -10.15 9.46
N GLU A 401 5.02 -9.62 10.47
CA GLU A 401 3.60 -9.31 10.40
C GLU A 401 3.29 -8.12 9.49
N THR A 402 4.19 -7.16 9.45
CA THR A 402 4.07 -6.01 8.54
C THR A 402 4.20 -6.46 7.08
N ILE A 403 5.34 -7.07 6.75
CA ILE A 403 5.60 -7.60 5.41
C ILE A 403 4.45 -8.49 4.92
N LYS A 404 3.97 -9.36 5.80
CA LYS A 404 2.86 -10.27 5.49
C LYS A 404 1.59 -9.51 5.18
N PHE A 405 1.37 -8.41 5.90
CA PHE A 405 0.20 -7.59 5.68
C PHE A 405 0.29 -6.88 4.34
N MET A 406 1.47 -6.34 4.04
CA MET A 406 1.69 -5.58 2.82
C MET A 406 1.76 -6.46 1.58
N TYR A 407 1.88 -7.77 1.78
CA TYR A 407 1.94 -8.70 0.66
C TYR A 407 0.81 -9.73 0.69
N THR A 408 -0.33 -9.27 1.19
CA THR A 408 -1.59 -9.98 1.13
C THR A 408 -2.56 -9.07 0.38
N ASP A 409 -2.89 -9.43 -0.86
CA ASP A 409 -3.91 -8.71 -1.61
C ASP A 409 -5.23 -8.90 -0.88
N TRP A 410 -5.78 -7.82 -0.35
CA TRP A 410 -6.96 -7.93 0.52
C TRP A 410 -8.30 -7.96 -0.21
N ALA A 411 -8.28 -7.59 -1.48
CA ALA A 411 -9.45 -7.70 -2.35
C ALA A 411 -9.71 -9.16 -2.75
N ASP A 412 -8.69 -9.99 -2.55
CA ASP A 412 -8.70 -11.40 -2.93
C ASP A 412 -7.78 -12.18 -1.98
N ARG A 413 -8.17 -12.22 -0.70
CA ARG A 413 -7.26 -12.73 0.33
C ARG A 413 -7.10 -14.25 0.34
N HIS A 414 -8.16 -14.97 -0.04
CA HIS A 414 -8.19 -16.42 0.11
C HIS A 414 -7.67 -17.21 -1.09
N ASN A 415 -7.85 -16.67 -2.30
CA ASN A 415 -7.33 -17.29 -3.52
C ASN A 415 -5.79 -17.42 -3.52
N PRO A 416 -5.27 -18.66 -3.61
CA PRO A 416 -3.84 -18.90 -3.48
C PRO A 416 -3.04 -18.61 -4.74
N GLU A 417 -3.72 -18.33 -5.85
CA GLU A 417 -3.06 -17.95 -7.10
C GLU A 417 -2.50 -16.54 -7.06
N THR A 418 -3.28 -15.61 -6.51
CA THR A 418 -2.85 -14.24 -6.34
C THR A 418 -1.93 -14.10 -5.12
N ARG A 419 -2.05 -15.03 -4.17
CA ARG A 419 -1.11 -15.12 -3.05
C ARG A 419 0.27 -15.55 -3.56
N ARG A 420 0.27 -16.33 -4.63
CA ARG A 420 1.49 -16.68 -5.35
C ARG A 420 2.13 -15.41 -5.90
N LYS A 421 1.34 -14.61 -6.62
CA LYS A 421 1.84 -13.39 -7.28
C LYS A 421 2.56 -12.45 -6.32
N THR A 422 1.89 -12.12 -5.22
CA THR A 422 2.41 -11.17 -4.24
C THR A 422 3.66 -11.68 -3.52
N LEU A 423 3.69 -12.97 -3.23
CA LEU A 423 4.89 -13.58 -2.66
C LEU A 423 6.04 -13.34 -3.61
N LEU A 424 5.80 -13.59 -4.90
CA LEU A 424 6.80 -13.35 -5.94
C LEU A 424 7.16 -11.87 -6.02
N ALA A 425 6.17 -11.01 -5.83
CA ALA A 425 6.39 -9.57 -5.79
C ALA A 425 7.30 -9.17 -4.63
N LEU A 426 7.07 -9.76 -3.46
CA LEU A 426 7.90 -9.49 -2.26
C LEU A 426 9.38 -9.53 -2.59
N PHE A 427 9.83 -10.65 -3.13
CA PHE A 427 11.23 -10.85 -3.50
C PHE A 427 11.63 -9.92 -4.65
N THR A 428 10.72 -9.71 -5.60
CA THR A 428 10.97 -8.80 -6.72
C THR A 428 11.19 -7.38 -6.19
N ASP A 429 10.18 -6.85 -5.49
CA ASP A 429 10.22 -5.50 -4.92
C ASP A 429 11.45 -5.32 -4.05
N HIS A 430 11.65 -6.26 -3.13
CA HIS A 430 12.72 -6.12 -2.15
C HIS A 430 14.11 -6.19 -2.76
N GLN A 431 14.39 -7.22 -3.56
CA GLN A 431 15.72 -7.40 -4.11
C GLN A 431 16.03 -6.53 -5.32
N TRP A 432 14.97 -6.16 -6.06
CA TRP A 432 15.11 -5.45 -7.33
C TRP A 432 14.46 -4.07 -7.44
N VAL A 433 13.16 -3.98 -7.20
CA VAL A 433 12.45 -2.69 -7.39
C VAL A 433 12.85 -1.64 -6.36
N ALA A 434 12.80 -2.00 -5.07
CA ALA A 434 13.22 -1.08 -3.99
C ALA A 434 14.56 -0.39 -4.26
N PRO A 435 15.65 -1.18 -4.46
CA PRO A 435 16.97 -0.56 -4.65
C PRO A 435 17.09 0.20 -5.97
N ALA A 436 16.46 -0.33 -7.03
CA ALA A 436 16.51 0.31 -8.36
C ALA A 436 15.79 1.65 -8.38
N VAL A 437 14.59 1.70 -7.78
CA VAL A 437 13.83 2.94 -7.67
C VAL A 437 14.55 3.91 -6.71
N ALA A 438 15.28 3.37 -5.75
CA ALA A 438 16.09 4.19 -4.85
C ALA A 438 17.22 4.87 -5.60
N THR A 439 17.85 4.12 -6.51
CA THR A 439 19.00 4.62 -7.27
C THR A 439 18.58 5.66 -8.30
N ALA A 440 17.43 5.43 -8.96
CA ALA A 440 16.90 6.38 -9.93
C ALA A 440 16.47 7.67 -9.22
N ASP A 441 16.02 7.54 -7.98
CA ASP A 441 15.71 8.68 -7.15
C ASP A 441 16.95 9.52 -6.86
N LEU A 442 17.99 8.87 -6.31
CA LEU A 442 19.20 9.58 -5.87
C LEU A 442 20.07 10.07 -7.01
N HIS A 443 19.93 9.49 -8.19
CA HIS A 443 20.62 10.01 -9.37
C HIS A 443 19.94 11.27 -9.92
N SER A 444 18.60 11.25 -9.94
CA SER A 444 17.82 12.39 -10.41
C SER A 444 18.18 13.66 -9.66
N ASN A 445 18.11 13.58 -8.32
CA ASN A 445 18.33 14.72 -7.45
C ASN A 445 19.64 15.45 -7.73
N PHE A 446 20.72 14.69 -7.86
CA PHE A 446 22.04 15.28 -8.13
C PHE A 446 22.32 15.46 -9.62
N GLY A 447 21.27 15.83 -10.36
CA GLY A 447 21.37 16.28 -11.76
C GLY A 447 22.09 15.37 -12.72
N SER A 448 21.68 14.11 -12.74
CA SER A 448 22.09 13.17 -13.78
C SER A 448 20.84 12.84 -14.58
N PRO A 449 20.88 12.97 -15.91
CA PRO A 449 19.71 12.58 -16.66
C PRO A 449 19.39 11.10 -16.38
N THR A 450 18.20 10.85 -15.84
CA THR A 450 17.82 9.50 -15.42
C THR A 450 16.63 9.01 -16.25
N TYR A 451 16.65 7.73 -16.60
CA TYR A 451 15.54 7.11 -17.32
C TYR A 451 15.25 5.77 -16.69
N PHE A 452 13.97 5.44 -16.58
CA PHE A 452 13.54 4.25 -15.85
C PHE A 452 12.53 3.44 -16.64
N TYR A 453 12.65 2.12 -16.57
CA TYR A 453 11.75 1.21 -17.29
C TYR A 453 11.30 0.02 -16.45
N ALA A 454 10.09 -0.44 -16.75
CA ALA A 454 9.57 -1.71 -16.24
C ALA A 454 9.50 -2.66 -17.42
N PHE A 455 9.83 -3.93 -17.20
CA PHE A 455 9.83 -4.92 -18.27
C PHE A 455 8.78 -5.99 -18.03
N TYR A 456 7.78 -5.98 -18.93
CA TYR A 456 6.55 -6.74 -18.76
C TYR A 456 6.40 -7.92 -19.75
N HIS A 457 7.10 -7.82 -20.88
CA HIS A 457 6.99 -8.83 -21.93
C HIS A 457 8.13 -9.84 -21.93
N HIS A 458 7.78 -11.10 -21.78
CA HIS A 458 8.72 -12.22 -21.83
C HIS A 458 8.46 -13.05 -23.10
N CYS A 459 9.27 -14.08 -23.31
CA CYS A 459 8.97 -15.11 -24.31
C CYS A 459 9.00 -16.44 -23.58
N GLN A 460 7.82 -16.95 -23.22
CA GLN A 460 7.79 -18.18 -22.42
C GLN A 460 8.14 -19.43 -23.22
N THR A 461 9.11 -20.18 -22.70
CA THR A 461 9.60 -21.40 -23.32
C THR A 461 8.73 -22.60 -22.89
N ASP A 462 9.34 -23.79 -22.84
CA ASP A 462 8.63 -24.97 -22.37
C ASP A 462 9.11 -25.39 -20.98
N GLN A 463 10.04 -24.61 -20.44
CA GLN A 463 10.56 -24.83 -19.08
C GLN A 463 9.96 -23.79 -18.12
N VAL A 464 9.63 -22.62 -18.65
CA VAL A 464 9.00 -21.56 -17.88
C VAL A 464 7.52 -21.88 -17.63
N PRO A 465 7.11 -21.92 -16.35
CA PRO A 465 5.70 -22.12 -15.96
C PRO A 465 4.80 -21.05 -16.58
N ALA A 466 3.68 -21.48 -17.16
CA ALA A 466 2.82 -20.60 -17.96
C ALA A 466 2.41 -19.30 -17.27
N TRP A 467 2.02 -19.39 -15.99
CA TRP A 467 1.56 -18.23 -15.21
C TRP A 467 2.58 -17.10 -15.13
N ALA A 468 3.87 -17.45 -15.15
CA ALA A 468 4.95 -16.49 -14.95
C ALA A 468 4.98 -15.36 -15.98
N ASP A 469 5.26 -14.16 -15.49
CA ASP A 469 5.48 -12.99 -16.34
C ASP A 469 6.95 -13.00 -16.73
N ALA A 470 7.50 -11.82 -17.02
CA ALA A 470 8.91 -11.66 -17.32
C ALA A 470 9.77 -12.03 -16.13
N ALA A 471 10.65 -13.00 -16.31
CA ALA A 471 11.52 -13.46 -15.24
C ALA A 471 12.76 -12.58 -15.14
N HIS A 472 13.63 -12.82 -14.15
CA HIS A 472 14.90 -12.12 -14.08
C HIS A 472 15.81 -12.52 -15.25
N GLY A 473 16.32 -11.51 -15.95
CA GLY A 473 17.18 -11.76 -17.11
C GLY A 473 16.41 -11.87 -18.42
N ASP A 474 15.14 -12.27 -18.35
CA ASP A 474 14.28 -12.39 -19.54
C ASP A 474 14.37 -11.22 -20.53
N GLU A 475 14.90 -10.08 -20.08
CA GLU A 475 14.99 -8.89 -20.91
C GLU A 475 16.18 -8.93 -21.84
N VAL A 476 17.16 -9.77 -21.50
CA VAL A 476 18.45 -9.86 -22.23
C VAL A 476 18.34 -10.11 -23.74
N PRO A 477 17.56 -11.12 -24.18
CA PRO A 477 17.45 -11.39 -25.62
C PRO A 477 17.00 -10.19 -26.45
N TYR A 478 16.12 -9.37 -25.87
CA TYR A 478 15.55 -8.23 -26.58
C TYR A 478 16.57 -7.12 -26.69
N VAL A 479 17.30 -6.88 -25.61
CA VAL A 479 18.41 -5.94 -25.63
C VAL A 479 19.40 -6.36 -26.71
N LEU A 480 19.62 -7.67 -26.84
CA LEU A 480 20.66 -8.20 -27.73
C LEU A 480 20.18 -8.56 -29.14
N GLY A 481 18.88 -8.45 -29.36
CA GLY A 481 18.29 -8.64 -30.68
C GLY A 481 18.30 -10.08 -31.16
N ILE A 482 18.08 -11.01 -30.23
CA ILE A 482 18.04 -12.44 -30.54
C ILE A 482 16.84 -12.81 -31.43
N PRO A 483 15.64 -12.24 -31.16
CA PRO A 483 14.50 -12.48 -32.04
C PRO A 483 14.76 -12.09 -33.50
N MET A 484 15.75 -11.23 -33.75
CA MET A 484 16.07 -10.79 -35.11
C MET A 484 16.63 -11.92 -35.98
N ILE A 485 17.40 -12.84 -35.38
CA ILE A 485 17.99 -13.96 -36.12
C ILE A 485 17.35 -15.32 -35.82
N GLY A 486 16.22 -15.30 -35.14
CA GLY A 486 15.51 -16.53 -34.78
C GLY A 486 16.03 -17.12 -33.49
N PRO A 487 15.42 -18.23 -33.02
CA PRO A 487 15.79 -18.84 -31.74
C PRO A 487 17.23 -19.37 -31.75
N THR A 488 17.94 -19.16 -30.65
CA THR A 488 19.30 -19.71 -30.49
C THR A 488 19.28 -20.82 -29.43
N GLU A 489 20.37 -21.57 -29.36
CA GLU A 489 20.51 -22.67 -28.41
C GLU A 489 20.54 -22.19 -26.94
N LEU A 490 20.94 -20.94 -26.76
CA LEU A 490 21.01 -20.33 -25.43
C LEU A 490 19.66 -19.71 -25.04
N PHE A 491 19.03 -19.03 -26.01
CA PHE A 491 17.69 -18.50 -25.86
C PHE A 491 16.80 -19.19 -26.87
N PRO A 492 16.27 -20.38 -26.51
CA PRO A 492 15.59 -21.22 -27.49
C PRO A 492 14.09 -20.99 -27.59
N CYS A 493 13.63 -19.78 -27.29
CA CYS A 493 12.20 -19.46 -27.39
C CYS A 493 11.80 -19.23 -28.83
N ASN A 494 10.62 -19.72 -29.22
CA ASN A 494 10.04 -19.41 -30.53
C ASN A 494 9.56 -17.96 -30.53
N PHE A 495 10.45 -17.05 -30.92
CA PHE A 495 10.13 -15.63 -30.97
C PHE A 495 9.13 -15.34 -32.09
N SER A 496 8.07 -14.63 -31.74
CA SER A 496 7.00 -14.31 -32.68
C SER A 496 7.27 -12.98 -33.38
N LYS A 497 6.39 -12.63 -34.33
CA LYS A 497 6.40 -11.31 -34.98
C LYS A 497 6.38 -10.21 -33.92
N ASN A 498 5.53 -10.37 -32.91
CA ASN A 498 5.42 -9.44 -31.79
C ASN A 498 6.69 -9.35 -30.95
N ASP A 499 7.39 -10.48 -30.81
CA ASP A 499 8.67 -10.51 -30.11
C ASP A 499 9.76 -9.81 -30.91
N VAL A 500 9.70 -9.94 -32.23
CA VAL A 500 10.64 -9.27 -33.15
C VAL A 500 10.46 -7.74 -33.12
N MET A 501 9.20 -7.28 -33.09
CA MET A 501 8.91 -5.85 -33.02
C MET A 501 9.47 -5.22 -31.76
N LEU A 502 9.25 -5.88 -30.62
CA LEU A 502 9.67 -5.37 -29.31
C LEU A 502 11.19 -5.34 -29.21
N SER A 503 11.83 -6.42 -29.64
CA SER A 503 13.28 -6.52 -29.59
C SER A 503 13.95 -5.45 -30.43
N ALA A 504 13.27 -5.03 -31.50
CA ALA A 504 13.71 -3.90 -32.31
C ALA A 504 13.59 -2.60 -31.53
N VAL A 505 12.49 -2.46 -30.79
CA VAL A 505 12.15 -1.23 -30.06
C VAL A 505 13.06 -1.00 -28.86
N VAL A 506 13.31 -2.04 -28.07
CA VAL A 506 14.27 -1.99 -26.96
C VAL A 506 15.65 -1.58 -27.49
N MET A 507 16.05 -2.20 -28.60
CA MET A 507 17.36 -1.92 -29.20
C MET A 507 17.50 -0.49 -29.70
N THR A 508 16.40 0.09 -30.19
CA THR A 508 16.39 1.47 -30.63
C THR A 508 16.73 2.39 -29.46
N TYR A 509 15.99 2.26 -28.36
CA TYR A 509 16.29 3.00 -27.14
C TYR A 509 17.73 2.74 -26.68
N TRP A 510 18.05 1.47 -26.45
CA TRP A 510 19.34 1.08 -25.89
C TRP A 510 20.54 1.61 -26.66
N THR A 511 20.36 1.83 -27.97
CA THR A 511 21.42 2.41 -28.79
C THR A 511 21.28 3.94 -28.87
N ASN A 512 20.05 4.41 -29.07
CA ASN A 512 19.76 5.85 -29.01
C ASN A 512 20.36 6.47 -27.77
N PHE A 513 20.36 5.70 -26.69
CA PHE A 513 20.90 6.16 -25.43
C PHE A 513 22.42 6.22 -25.51
N ALA A 514 23.03 5.21 -26.10
CA ALA A 514 24.47 5.21 -26.30
C ALA A 514 24.90 6.29 -27.30
N LYS A 515 24.02 6.60 -28.25
CA LYS A 515 24.26 7.62 -29.27
C LYS A 515 24.09 9.04 -28.74
N THR A 516 23.02 9.26 -27.96
CA THR A 516 22.62 10.61 -27.55
C THR A 516 22.49 10.82 -26.04
N GLY A 517 22.27 9.74 -25.29
CA GLY A 517 21.97 9.87 -23.86
C GLY A 517 20.54 10.29 -23.65
N ASP A 518 19.75 10.11 -24.70
CA ASP A 518 18.31 10.30 -24.69
C ASP A 518 17.73 9.20 -25.57
N PRO A 519 17.04 8.24 -24.96
CA PRO A 519 16.50 7.03 -25.61
C PRO A 519 15.58 7.33 -26.78
N ASN A 520 15.01 8.52 -26.83
CA ASN A 520 14.06 8.89 -27.89
C ASN A 520 14.71 9.29 -29.22
N GLN A 521 15.92 9.87 -29.17
CA GLN A 521 16.60 10.43 -30.34
C GLN A 521 17.95 9.75 -30.64
N PRO A 522 18.39 9.70 -31.91
CA PRO A 522 17.76 10.22 -33.13
C PRO A 522 16.70 9.29 -33.74
N VAL A 523 17.05 8.01 -33.92
CA VAL A 523 16.15 7.01 -34.50
C VAL A 523 14.80 7.00 -33.76
N PRO A 524 13.73 7.43 -34.46
CA PRO A 524 12.40 7.46 -33.86
C PRO A 524 11.67 6.12 -33.97
N GLN A 525 10.64 5.94 -33.14
CA GLN A 525 9.90 4.68 -33.10
C GLN A 525 8.79 4.64 -34.14
N VAL A 540 4.68 7.56 -28.40
CA VAL A 540 5.03 7.52 -26.98
C VAL A 540 6.52 7.80 -26.75
N ALA A 541 6.82 9.01 -26.28
CA ALA A 541 8.18 9.39 -25.97
C ALA A 541 8.52 9.02 -24.53
N TRP A 542 9.59 8.26 -24.36
CA TRP A 542 10.11 7.89 -23.04
C TRP A 542 10.56 9.14 -22.32
N THR A 543 9.70 9.67 -21.46
CA THR A 543 10.00 10.91 -20.73
C THR A 543 11.08 10.65 -19.68
N ARG A 544 11.79 11.72 -19.31
CA ARG A 544 12.85 11.66 -18.32
C ARG A 544 12.31 11.30 -16.93
N TYR A 545 13.17 10.75 -16.07
CA TYR A 545 12.78 10.37 -14.70
C TYR A 545 13.33 11.35 -13.67
N SER A 546 12.47 11.77 -12.73
CA SER A 546 12.88 12.58 -11.59
C SER A 546 12.05 12.22 -10.36
N GLN A 547 12.66 12.32 -9.19
CA GLN A 547 11.99 12.05 -7.91
C GLN A 547 10.57 12.67 -7.82
N LYS A 548 10.40 13.84 -8.45
CA LYS A 548 9.12 14.56 -8.44
C LYS A 548 7.93 13.68 -8.85
N ASP A 549 7.93 13.19 -10.09
CA ASP A 549 6.80 12.38 -10.60
C ASP A 549 7.13 10.90 -10.85
N GLN A 550 8.38 10.53 -10.55
CA GLN A 550 8.86 9.15 -10.73
C GLN A 550 8.33 8.54 -12.03
N LEU A 551 8.65 9.20 -13.16
CA LEU A 551 8.17 8.81 -14.48
C LEU A 551 9.02 7.71 -15.13
N TYR A 552 8.35 6.62 -15.50
CA TYR A 552 9.00 5.43 -16.08
C TYR A 552 8.31 4.95 -17.37
N LEU A 553 9.08 4.36 -18.27
CA LEU A 553 8.49 3.70 -19.43
C LEU A 553 8.18 2.26 -19.07
N HIS A 554 6.91 1.89 -19.26
CA HIS A 554 6.45 0.51 -19.12
C HIS A 554 6.67 -0.23 -20.45
N ILE A 555 7.82 -0.90 -20.58
CA ILE A 555 8.17 -1.60 -21.83
C ILE A 555 7.45 -2.94 -21.93
N GLY A 556 6.68 -3.09 -23.00
CA GLY A 556 5.90 -4.28 -23.27
C GLY A 556 5.16 -4.11 -24.58
N LEU A 557 4.20 -5.01 -24.83
CA LEU A 557 3.42 -4.98 -26.07
C LEU A 557 2.59 -3.70 -26.23
N LYS A 558 2.02 -3.22 -25.12
CA LYS A 558 1.35 -1.93 -25.08
C LYS A 558 2.17 -0.97 -24.18
N PRO A 559 3.13 -0.24 -24.79
CA PRO A 559 4.04 0.62 -24.01
C PRO A 559 3.40 1.95 -23.62
N ARG A 560 3.58 2.33 -22.36
CA ARG A 560 3.13 3.63 -21.86
C ARG A 560 4.22 4.24 -20.98
N VAL A 561 4.29 5.56 -20.95
CA VAL A 561 5.03 6.24 -19.91
C VAL A 561 4.06 6.43 -18.74
N LYS A 562 4.43 5.91 -17.58
CA LYS A 562 3.57 5.96 -16.40
C LYS A 562 4.30 6.61 -15.23
N GLU A 563 3.66 6.66 -14.07
CA GLU A 563 4.23 7.36 -12.92
C GLU A 563 4.27 6.52 -11.65
N HIS A 564 5.25 6.82 -10.81
CA HIS A 564 5.44 6.20 -9.49
C HIS A 564 5.31 4.68 -9.52
N TYR A 565 6.38 4.02 -9.93
CA TYR A 565 6.37 2.56 -10.07
C TYR A 565 6.33 1.86 -8.72
N ARG A 566 5.22 1.16 -8.47
CA ARG A 566 5.01 0.38 -7.24
C ARG A 566 5.29 1.22 -5.99
N ALA A 567 4.97 2.51 -6.10
CA ALA A 567 5.34 3.53 -5.11
C ALA A 567 5.11 3.12 -3.67
N ASN A 568 3.95 2.52 -3.38
CA ASN A 568 3.58 2.18 -2.01
C ASN A 568 4.34 0.98 -1.45
N LYS A 569 4.91 0.17 -2.35
CA LYS A 569 5.73 -0.97 -1.93
C LYS A 569 7.20 -0.59 -1.84
N VAL A 570 7.67 0.23 -2.78
CA VAL A 570 9.08 0.69 -2.80
C VAL A 570 9.42 1.42 -1.52
N ASN A 571 8.47 2.23 -1.05
CA ASN A 571 8.65 3.04 0.13
C ASN A 571 8.46 2.27 1.43
N LEU A 572 7.66 1.20 1.38
CA LEU A 572 7.54 0.30 2.52
C LEU A 572 8.92 -0.12 2.99
N TRP A 573 9.76 -0.50 2.03
CA TRP A 573 11.13 -0.99 2.25
C TRP A 573 12.12 0.16 2.48
N LEU A 574 11.98 1.23 1.71
CA LEU A 574 12.85 2.38 1.82
C LEU A 574 12.59 3.17 3.11
N GLU A 575 11.32 3.39 3.44
CA GLU A 575 10.95 4.27 4.55
C GLU A 575 10.53 3.56 5.84
N LEU A 576 9.46 2.76 5.79
CA LEU A 576 8.87 2.20 7.01
C LEU A 576 9.69 1.09 7.65
N VAL A 577 10.09 0.10 6.85
CA VAL A 577 10.82 -1.06 7.35
C VAL A 577 12.09 -0.72 8.16
N PRO A 578 12.97 0.20 7.66
CA PRO A 578 14.16 0.51 8.45
C PRO A 578 13.85 1.01 9.86
N HIS A 579 12.61 1.46 10.09
CA HIS A 579 12.18 1.88 11.42
C HIS A 579 11.71 0.74 12.32
N LEU A 580 11.54 -0.44 11.74
CA LEU A 580 10.90 -1.57 12.42
C LEU A 580 11.81 -2.49 13.25
N HIS A 581 13.12 -2.29 13.16
CA HIS A 581 14.08 -3.10 13.91
C HIS A 581 14.14 -2.69 15.39
N ASP B 8 -59.98 16.56 12.14
CA ASP B 8 -59.99 15.91 13.48
C ASP B 8 -59.20 14.58 13.42
N PRO B 9 -57.85 14.66 13.35
CA PRO B 9 -56.97 13.48 13.28
C PRO B 9 -56.88 12.76 14.63
N LEU B 10 -57.63 11.66 14.75
CA LEU B 10 -57.88 11.02 16.04
C LEU B 10 -57.71 9.50 15.96
N VAL B 11 -56.95 8.95 16.89
CA VAL B 11 -56.68 7.51 16.91
C VAL B 11 -56.85 6.93 18.33
N THR B 12 -57.61 5.84 18.45
CA THR B 12 -57.82 5.18 19.73
C THR B 12 -56.80 4.06 19.92
N THR B 13 -55.96 4.19 20.95
CA THR B 13 -54.91 3.20 21.23
C THR B 13 -55.15 2.43 22.53
N ASN B 14 -54.20 1.55 22.88
CA ASN B 14 -54.24 0.77 24.11
C ASN B 14 -54.29 1.63 25.38
N PHE B 15 -53.51 2.70 25.39
CA PHE B 15 -53.35 3.55 26.57
C PHE B 15 -54.29 4.78 26.56
N GLY B 16 -55.29 4.77 25.69
CA GLY B 16 -56.24 5.88 25.57
C GLY B 16 -56.36 6.44 24.15
N LYS B 17 -57.08 7.56 24.02
CA LYS B 17 -57.28 8.20 22.71
C LYS B 17 -56.34 9.39 22.52
N ILE B 18 -55.80 9.52 21.31
CA ILE B 18 -54.79 10.55 21.02
C ILE B 18 -55.09 11.34 19.72
N ARG B 19 -54.91 12.66 19.79
CA ARG B 19 -55.17 13.56 18.66
C ARG B 19 -53.88 14.10 18.06
N GLY B 20 -53.89 14.31 16.75
CA GLY B 20 -52.72 14.77 16.03
C GLY B 20 -52.96 15.95 15.10
N ILE B 21 -51.88 16.40 14.45
CA ILE B 21 -51.91 17.57 13.57
C ILE B 21 -51.54 17.19 12.13
N LYS B 22 -52.06 17.94 11.16
CA LYS B 22 -51.84 17.65 9.74
C LYS B 22 -50.92 18.66 9.07
N LYS B 23 -49.65 18.30 8.93
CA LYS B 23 -48.68 19.18 8.27
C LYS B 23 -48.79 19.06 6.74
N GLU B 24 -49.02 20.19 6.10
CA GLU B 24 -48.87 20.32 4.65
C GLU B 24 -47.38 20.49 4.36
N LEU B 25 -46.83 19.64 3.49
CA LEU B 25 -45.40 19.69 3.18
C LEU B 25 -44.98 20.88 2.33
N ASN B 26 -43.72 21.26 2.45
CA ASN B 26 -43.17 22.43 1.79
C ASN B 26 -42.84 22.17 0.31
N ASN B 27 -43.74 21.44 -0.35
CA ASN B 27 -43.56 20.95 -1.71
C ASN B 27 -44.93 20.63 -2.34
N GLU B 28 -45.07 20.89 -3.64
CA GLU B 28 -46.30 20.52 -4.37
C GLU B 28 -46.42 19.01 -4.64
N ILE B 29 -45.35 18.42 -5.18
CA ILE B 29 -45.28 16.98 -5.47
C ILE B 29 -45.75 16.13 -4.28
N LEU B 30 -45.09 16.32 -3.13
CA LEU B 30 -45.36 15.51 -1.94
C LEU B 30 -46.69 15.86 -1.28
N GLY B 31 -47.41 14.81 -0.88
CA GLY B 31 -48.73 14.95 -0.25
C GLY B 31 -48.65 14.94 1.26
N PRO B 32 -49.82 15.11 1.93
CA PRO B 32 -50.01 15.30 3.37
C PRO B 32 -49.34 14.28 4.27
N VAL B 33 -49.08 14.68 5.52
CA VAL B 33 -48.61 13.80 6.59
C VAL B 33 -49.33 14.19 7.89
N ILE B 34 -49.94 13.20 8.56
CA ILE B 34 -50.50 13.41 9.89
C ILE B 34 -49.40 13.22 10.93
N GLN B 35 -49.14 14.26 11.71
CA GLN B 35 -48.11 14.22 12.74
C GLN B 35 -48.68 13.90 14.12
N PHE B 36 -47.91 13.18 14.91
CA PHE B 36 -48.28 12.91 16.31
C PHE B 36 -47.06 13.19 17.20
N LEU B 37 -47.01 14.41 17.73
CA LEU B 37 -45.83 14.89 18.44
C LEU B 37 -45.98 14.80 19.96
N GLY B 38 -44.89 14.39 20.61
CA GLY B 38 -44.85 14.26 22.06
C GLY B 38 -45.79 13.22 22.62
N VAL B 39 -45.81 12.05 21.98
CA VAL B 39 -46.61 10.92 22.44
C VAL B 39 -45.83 10.23 23.57
N PRO B 40 -46.47 10.05 24.74
CA PRO B 40 -45.84 9.41 25.90
C PRO B 40 -45.78 7.89 25.81
N TYR B 41 -44.59 7.34 25.56
CA TYR B 41 -44.42 5.89 25.35
C TYR B 41 -44.07 5.11 26.63
N ALA B 42 -43.74 5.85 27.69
CA ALA B 42 -43.36 5.25 28.97
C ALA B 42 -43.63 6.20 30.13
N ALA B 43 -43.74 5.62 31.32
CA ALA B 43 -43.97 6.39 32.55
C ALA B 43 -42.81 7.34 32.86
N PRO B 44 -43.11 8.58 33.32
CA PRO B 44 -42.11 9.58 33.74
C PRO B 44 -41.07 9.00 34.70
N PRO B 45 -39.81 8.84 34.21
CA PRO B 45 -38.72 8.23 34.97
C PRO B 45 -38.13 9.15 36.05
N THR B 46 -39.00 9.59 36.96
CA THR B 46 -38.62 10.49 38.06
C THR B 46 -38.79 9.81 39.43
N GLY B 47 -38.38 10.49 40.49
CA GLY B 47 -38.58 10.01 41.87
C GLY B 47 -37.76 8.80 42.21
N GLU B 48 -38.42 7.70 42.56
CA GLU B 48 -37.72 6.42 42.76
C GLU B 48 -37.51 5.65 41.46
N HIS B 49 -37.95 6.24 40.35
CA HIS B 49 -37.80 5.62 39.04
C HIS B 49 -36.62 6.15 38.22
N ARG B 50 -35.93 7.16 38.75
CA ARG B 50 -34.70 7.63 38.13
C ARG B 50 -33.59 6.63 38.45
N PHE B 51 -32.80 6.29 37.43
CA PHE B 51 -31.81 5.21 37.50
C PHE B 51 -32.49 3.85 37.68
N GLN B 52 -33.67 3.73 37.06
CA GLN B 52 -34.47 2.51 37.08
C GLN B 52 -35.04 2.28 35.68
N PRO B 53 -35.36 1.02 35.32
CA PRO B 53 -35.90 0.74 34.00
C PRO B 53 -37.21 1.49 33.72
N PRO B 54 -37.49 1.80 32.44
CA PRO B 54 -38.71 2.52 32.09
C PRO B 54 -39.95 1.70 32.39
N GLU B 55 -41.01 2.37 32.82
CA GLU B 55 -42.28 1.71 33.12
C GLU B 55 -43.28 1.95 32.00
N PRO B 56 -44.21 1.00 31.79
CA PRO B 56 -45.36 1.27 30.91
C PRO B 56 -46.11 2.53 31.34
N PRO B 57 -46.56 3.34 30.36
CA PRO B 57 -47.28 4.57 30.68
C PRO B 57 -48.73 4.30 31.12
N SER B 58 -49.29 5.22 31.90
CA SER B 58 -50.65 5.07 32.45
C SER B 58 -51.75 5.50 31.48
N PRO B 59 -52.86 4.73 31.42
CA PRO B 59 -53.94 5.06 30.50
C PRO B 59 -54.69 6.35 30.85
N TRP B 60 -54.79 7.26 29.89
CA TRP B 60 -55.56 8.50 30.04
C TRP B 60 -57.00 8.32 29.58
N SER B 61 -57.93 9.01 30.25
CA SER B 61 -59.36 8.81 30.01
C SER B 61 -59.91 9.61 28.82
N ASP B 62 -59.40 10.81 28.61
CA ASP B 62 -59.93 11.71 27.59
C ASP B 62 -59.15 11.63 26.26
N ILE B 63 -59.00 12.78 25.60
CA ILE B 63 -58.24 12.88 24.35
C ILE B 63 -57.01 13.76 24.56
N ARG B 64 -55.83 13.17 24.43
CA ARG B 64 -54.56 13.87 24.67
C ARG B 64 -54.15 14.79 23.52
N ASN B 65 -54.13 16.10 23.79
CA ASN B 65 -53.73 17.11 22.81
C ASN B 65 -52.24 17.01 22.43
N ALA B 66 -51.88 15.96 21.68
CA ALA B 66 -50.48 15.71 21.32
C ALA B 66 -50.09 16.32 19.97
N THR B 67 -50.19 17.64 19.88
CA THR B 67 -50.00 18.37 18.60
C THR B 67 -48.78 19.30 18.54
N GLN B 68 -48.14 19.53 19.68
CA GLN B 68 -46.82 20.18 19.74
C GLN B 68 -45.84 19.20 20.37
N PHE B 69 -44.54 19.48 20.24
CA PHE B 69 -43.51 18.60 20.81
C PHE B 69 -43.58 18.50 22.33
N ALA B 70 -42.98 17.45 22.87
CA ALA B 70 -42.84 17.29 24.30
C ALA B 70 -41.47 17.84 24.68
N PRO B 71 -41.29 18.22 25.97
CA PRO B 71 -39.95 18.64 26.41
C PRO B 71 -38.89 17.56 26.13
N VAL B 72 -37.63 17.98 26.00
CA VAL B 72 -36.53 17.02 25.77
C VAL B 72 -35.89 16.59 27.07
N CYS B 73 -35.11 15.51 27.01
CA CYS B 73 -34.41 14.99 28.17
C CYS B 73 -33.30 15.93 28.58
N PRO B 74 -33.03 16.03 29.90
CA PRO B 74 -32.03 16.96 30.45
C PRO B 74 -30.67 16.80 29.79
N GLN B 75 -30.21 17.87 29.16
CA GLN B 75 -28.95 17.87 28.42
C GLN B 75 -28.28 19.25 28.44
N ASN B 76 -26.97 19.26 28.60
CA ASN B 76 -26.18 20.49 28.57
C ASN B 76 -25.58 20.74 27.18
N ILE B 77 -25.85 21.91 26.62
CA ILE B 77 -25.45 22.20 25.24
C ILE B 77 -24.66 23.52 25.13
N ILE B 78 -23.34 23.39 25.05
CA ILE B 78 -22.46 24.55 25.04
C ILE B 78 -21.36 24.39 23.98
N ASP B 79 -21.05 25.48 23.27
CA ASP B 79 -20.05 25.47 22.19
C ASP B 79 -18.62 25.47 22.72
N GLY B 80 -18.01 24.28 22.71
CA GLY B 80 -16.66 24.09 23.25
C GLY B 80 -16.61 23.24 24.52
N ARG B 81 -17.77 22.74 24.94
CA ARG B 81 -17.86 21.84 26.09
C ARG B 81 -18.39 20.47 25.66
N LEU B 82 -18.64 20.34 24.35
CA LEU B 82 -19.13 19.11 23.75
C LEU B 82 -18.10 18.54 22.77
N PRO B 83 -18.05 17.20 22.62
CA PRO B 83 -17.03 16.59 21.77
C PRO B 83 -17.32 16.83 20.28
N GLU B 84 -16.84 17.97 19.77
CA GLU B 84 -17.10 18.38 18.40
C GLU B 84 -16.87 17.28 17.38
N VAL B 85 -15.73 16.59 17.53
CA VAL B 85 -15.32 15.50 16.64
C VAL B 85 -16.31 14.35 16.58
N MET B 86 -17.06 14.17 17.67
CA MET B 86 -17.97 13.03 17.84
C MET B 86 -19.37 13.27 17.25
N LEU B 87 -19.92 14.45 17.49
CA LEU B 87 -21.27 14.81 17.06
C LEU B 87 -21.32 15.06 15.54
N PRO B 88 -22.53 14.99 14.94
CA PRO B 88 -22.70 15.34 13.52
C PRO B 88 -22.17 16.73 13.19
N VAL B 89 -21.80 16.96 11.94
CA VAL B 89 -21.25 18.26 11.51
C VAL B 89 -22.30 19.39 11.46
N TRP B 90 -23.48 19.10 10.90
CA TRP B 90 -24.60 20.05 10.91
C TRP B 90 -25.01 20.43 12.33
N PHE B 91 -24.71 19.57 13.29
CA PHE B 91 -25.01 19.78 14.70
C PHE B 91 -24.01 20.76 15.32
N THR B 92 -22.72 20.43 15.20
CA THR B 92 -21.62 21.29 15.67
C THR B 92 -21.77 22.72 15.12
N ASN B 93 -21.88 22.83 13.79
CA ASN B 93 -21.91 24.11 13.08
C ASN B 93 -23.20 24.91 13.26
N ASN B 94 -24.28 24.24 13.66
CA ASN B 94 -25.60 24.87 13.82
C ASN B 94 -26.17 24.88 15.25
N LEU B 95 -25.28 24.83 16.25
CA LEU B 95 -25.68 24.75 17.66
C LEU B 95 -26.76 25.76 18.10
N ASP B 96 -26.67 26.99 17.60
CA ASP B 96 -27.67 28.02 17.93
C ASP B 96 -29.08 27.61 17.51
N VAL B 97 -29.22 27.12 16.28
CA VAL B 97 -30.51 26.66 15.76
C VAL B 97 -30.98 25.38 16.45
N VAL B 98 -30.03 24.51 16.79
CA VAL B 98 -30.31 23.26 17.52
C VAL B 98 -30.96 23.59 18.86
N SER B 99 -30.41 24.58 19.55
CA SER B 99 -30.85 24.97 20.88
C SER B 99 -32.34 25.28 20.95
N SER B 100 -32.94 25.61 19.80
CA SER B 100 -34.37 25.86 19.69
C SER B 100 -35.20 24.64 20.10
N TYR B 101 -34.76 23.45 19.66
CA TYR B 101 -35.46 22.21 19.94
C TYR B 101 -35.15 21.67 21.34
N VAL B 102 -34.20 22.32 22.00
CA VAL B 102 -33.70 21.90 23.31
C VAL B 102 -34.06 22.92 24.40
N GLN B 103 -35.09 23.73 24.15
CA GLN B 103 -35.49 24.81 25.06
C GLN B 103 -36.28 24.33 26.29
N ASP B 104 -37.28 23.49 26.04
CA ASP B 104 -38.04 22.84 27.10
C ASP B 104 -37.35 21.54 27.48
N GLN B 105 -36.92 21.45 28.72
CA GLN B 105 -36.27 20.24 29.20
C GLN B 105 -36.94 19.73 30.47
N SER B 106 -37.63 18.60 30.34
CA SER B 106 -38.20 17.92 31.49
C SER B 106 -37.42 16.64 31.78
N GLU B 107 -37.39 16.26 33.05
CA GLU B 107 -36.84 14.96 33.44
C GLU B 107 -37.80 13.88 32.95
N ASP B 108 -39.09 14.20 33.07
CA ASP B 108 -40.21 13.47 32.46
C ASP B 108 -40.15 13.73 30.95
N CYS B 109 -39.38 12.93 30.24
CA CYS B 109 -39.06 13.23 28.84
C CYS B 109 -39.22 12.07 27.88
N LEU B 110 -39.59 10.91 28.39
CA LEU B 110 -39.74 9.70 27.56
C LEU B 110 -40.94 9.77 26.61
N TYR B 111 -40.72 10.46 25.48
CA TYR B 111 -41.75 10.72 24.48
C TYR B 111 -41.23 10.46 23.06
N LEU B 112 -42.14 10.04 22.18
CA LEU B 112 -41.81 9.81 20.77
C LEU B 112 -42.72 10.61 19.85
N ASN B 113 -42.31 10.75 18.59
CA ASN B 113 -43.07 11.50 17.59
C ASN B 113 -43.35 10.63 16.38
N ILE B 114 -44.62 10.59 15.96
CA ILE B 114 -45.01 9.75 14.82
C ILE B 114 -45.48 10.56 13.61
N TYR B 115 -44.95 10.23 12.43
CA TYR B 115 -45.33 10.86 11.17
C TYR B 115 -46.01 9.84 10.25
N VAL B 116 -47.30 10.03 10.01
CA VAL B 116 -48.11 9.07 9.24
C VAL B 116 -48.58 9.67 7.90
N PRO B 117 -48.18 9.05 6.77
CA PRO B 117 -48.58 9.55 5.45
C PRO B 117 -50.07 9.37 5.18
N THR B 118 -50.64 10.26 4.36
CA THR B 118 -52.06 10.21 3.98
C THR B 118 -52.25 10.65 2.53
N GLY B 147 -53.73 -0.93 4.22
CA GLY B 147 -52.41 -1.56 4.33
C GLY B 147 -51.63 -1.11 5.55
N PRO B 148 -51.01 -2.06 6.27
CA PRO B 148 -50.18 -1.70 7.42
C PRO B 148 -48.79 -1.25 6.95
N LYS B 149 -48.58 0.06 6.94
CA LYS B 149 -47.36 0.66 6.40
C LYS B 149 -46.15 0.31 7.27
N PRO B 150 -44.99 0.06 6.63
CA PRO B 150 -43.76 -0.24 7.37
C PRO B 150 -43.43 0.82 8.44
N VAL B 151 -42.75 0.39 9.50
CA VAL B 151 -42.44 1.28 10.62
C VAL B 151 -40.93 1.53 10.68
N MET B 152 -40.52 2.80 10.64
CA MET B 152 -39.11 3.17 10.67
C MET B 152 -38.79 4.03 11.90
N VAL B 153 -38.31 3.38 12.95
CA VAL B 153 -37.95 4.09 14.19
C VAL B 153 -36.60 4.75 14.01
N TYR B 154 -36.52 6.05 14.28
CA TYR B 154 -35.24 6.75 14.23
C TYR B 154 -34.67 7.05 15.60
N ILE B 155 -33.48 6.49 15.85
CA ILE B 155 -32.74 6.72 17.07
C ILE B 155 -31.61 7.73 16.81
N HIS B 156 -31.74 8.92 17.39
CA HIS B 156 -30.71 9.98 17.29
C HIS B 156 -29.54 9.68 18.22
N GLY B 157 -28.48 10.49 18.14
CA GLY B 157 -27.40 10.42 19.12
C GLY B 157 -26.04 10.93 18.69
N GLY B 158 -25.58 11.98 19.35
CA GLY B 158 -24.25 12.51 19.07
C GLY B 158 -23.17 11.85 19.91
N SER B 159 -23.34 11.89 21.24
CA SER B 159 -22.37 11.34 22.18
C SER B 159 -23.00 10.61 23.38
N TYR B 160 -24.31 10.32 23.27
CA TYR B 160 -25.11 9.75 24.36
C TYR B 160 -25.51 10.78 25.44
N MET B 161 -25.11 12.04 25.24
CA MET B 161 -25.27 13.09 26.26
C MET B 161 -26.41 14.06 25.92
N GLU B 162 -26.62 14.26 24.63
CA GLU B 162 -27.50 15.29 24.13
C GLU B 162 -28.31 14.78 22.94
N GLY B 163 -29.16 15.64 22.38
CA GLY B 163 -29.90 15.31 21.17
C GLY B 163 -31.37 15.02 21.41
N THR B 164 -32.13 14.98 20.32
CA THR B 164 -33.56 14.68 20.37
C THR B 164 -34.06 14.22 19.01
N GLY B 165 -35.07 13.35 19.01
CA GLY B 165 -35.75 12.96 17.77
C GLY B 165 -36.52 14.11 17.14
N ASN B 166 -36.76 15.16 17.93
CA ASN B 166 -37.47 16.35 17.48
C ASN B 166 -36.68 17.14 16.43
N LEU B 167 -35.37 16.90 16.39
CA LEU B 167 -34.46 17.50 15.40
C LEU B 167 -34.73 16.97 14.01
N TYR B 168 -35.17 15.72 13.96
CA TYR B 168 -35.31 15.00 12.71
C TYR B 168 -36.77 14.99 12.26
N ASP B 169 -37.03 15.68 11.15
CA ASP B 169 -38.38 15.78 10.60
C ASP B 169 -38.68 14.60 9.69
N GLY B 170 -39.28 13.56 10.27
CA GLY B 170 -39.65 12.36 9.53
C GLY B 170 -40.88 12.56 8.65
N SER B 171 -41.11 13.81 8.24
CA SER B 171 -42.22 14.14 7.36
C SER B 171 -41.97 13.73 5.91
N VAL B 172 -40.91 14.26 5.31
CA VAL B 172 -40.61 14.04 3.90
C VAL B 172 -40.41 12.57 3.57
N LEU B 173 -39.63 11.88 4.40
CA LEU B 173 -39.37 10.46 4.24
C LEU B 173 -40.65 9.63 4.26
N ALA B 174 -41.62 10.07 5.06
CA ALA B 174 -42.91 9.38 5.23
C ALA B 174 -43.77 9.34 3.96
N SER B 175 -44.31 10.49 3.54
CA SER B 175 -45.18 10.53 2.36
C SER B 175 -44.46 10.28 1.03
N TYR B 176 -43.13 10.35 1.05
CA TYR B 176 -42.33 9.99 -0.10
C TYR B 176 -42.32 8.48 -0.32
N GLY B 177 -42.00 7.72 0.72
CA GLY B 177 -41.92 6.27 0.64
C GLY B 177 -43.14 5.54 1.15
N ASN B 178 -44.20 6.29 1.46
CA ASN B 178 -45.43 5.76 2.04
C ASN B 178 -45.15 4.90 3.29
N VAL B 179 -44.22 5.35 4.11
CA VAL B 179 -43.87 4.64 5.34
C VAL B 179 -44.17 5.48 6.56
N ILE B 180 -44.54 4.81 7.66
CA ILE B 180 -44.66 5.48 8.94
C ILE B 180 -43.25 5.62 9.51
N VAL B 181 -42.93 6.82 9.99
CA VAL B 181 -41.64 7.13 10.60
C VAL B 181 -41.85 7.56 12.05
N ILE B 182 -40.94 7.14 12.93
CA ILE B 182 -40.99 7.53 14.35
C ILE B 182 -39.64 8.05 14.82
N THR B 183 -39.66 9.19 15.49
CA THR B 183 -38.46 9.73 16.13
C THR B 183 -38.65 9.70 17.66
N VAL B 184 -37.67 9.15 18.36
CA VAL B 184 -37.84 8.80 19.77
C VAL B 184 -36.87 9.56 20.70
N ASN B 185 -37.37 9.93 21.87
CA ASN B 185 -36.56 10.51 22.94
C ASN B 185 -36.27 9.49 24.02
N TYR B 186 -35.03 9.48 24.49
CA TYR B 186 -34.59 8.55 25.52
C TYR B 186 -33.68 9.27 26.51
N ARG B 187 -33.66 8.78 27.75
CA ARG B 187 -32.83 9.35 28.80
C ARG B 187 -31.38 9.40 28.33
N LEU B 188 -30.81 10.61 28.33
CA LEU B 188 -29.44 10.85 27.87
C LEU B 188 -28.52 11.14 29.06
N GLY B 189 -27.28 11.50 28.74
CA GLY B 189 -26.29 11.93 29.73
C GLY B 189 -26.19 11.01 30.92
N VAL B 190 -26.07 11.59 32.11
CA VAL B 190 -26.07 10.85 33.36
C VAL B 190 -27.40 10.15 33.57
N LEU B 191 -28.49 10.92 33.44
CA LEU B 191 -29.85 10.48 33.77
C LEU B 191 -30.26 9.15 33.14
N GLY B 192 -29.56 8.75 32.06
CA GLY B 192 -29.92 7.54 31.34
C GLY B 192 -28.84 6.49 31.18
N PHE B 193 -27.64 6.76 31.69
CA PHE B 193 -26.52 5.83 31.50
C PHE B 193 -25.60 5.63 32.70
N LEU B 194 -25.99 6.18 33.86
CA LEU B 194 -25.21 6.07 35.09
C LEU B 194 -25.13 4.64 35.60
N SER B 195 -23.91 4.14 35.70
CA SER B 195 -23.68 2.83 36.29
C SER B 195 -22.59 2.89 37.36
N THR B 196 -22.77 2.11 38.42
CA THR B 196 -21.75 1.99 39.46
C THR B 196 -21.06 0.63 39.37
N GLY B 197 -21.33 -0.10 38.27
CA GLY B 197 -20.71 -1.39 38.02
C GLY B 197 -21.34 -2.56 38.77
N ASP B 198 -22.49 -2.31 39.39
CA ASP B 198 -23.24 -3.35 40.12
C ASP B 198 -24.76 -3.07 40.10
N GLN B 199 -25.50 -3.72 41.01
CA GLN B 199 -26.96 -3.60 41.05
C GLN B 199 -27.44 -2.24 41.61
N ALA B 200 -26.52 -1.49 42.22
CA ALA B 200 -26.83 -0.15 42.72
C ALA B 200 -27.24 0.80 41.59
N ALA B 201 -26.43 0.80 40.53
CA ALA B 201 -26.79 1.44 39.26
C ALA B 201 -26.35 0.51 38.15
N LYS B 202 -27.33 -0.04 37.44
CA LYS B 202 -27.09 -1.02 36.38
C LYS B 202 -26.69 -0.37 35.05
N GLY B 203 -27.14 0.86 34.83
CA GLY B 203 -26.89 1.56 33.57
C GLY B 203 -27.78 1.05 32.45
N ASN B 204 -27.49 1.53 31.23
CA ASN B 204 -28.23 1.16 30.02
C ASN B 204 -29.73 1.49 30.07
N TYR B 205 -30.09 2.49 30.86
CA TYR B 205 -31.49 2.94 30.97
C TYR B 205 -31.95 3.55 29.66
N GLY B 206 -31.09 4.37 29.06
CA GLY B 206 -31.34 4.94 27.73
C GLY B 206 -31.73 3.83 26.78
N LEU B 207 -30.81 2.89 26.57
CA LEU B 207 -31.08 1.70 25.76
C LEU B 207 -32.41 1.02 26.14
N LEU B 208 -32.69 0.94 27.44
CA LEU B 208 -33.93 0.33 27.92
C LEU B 208 -35.15 1.14 27.50
N ASP B 209 -35.02 2.46 27.48
CA ASP B 209 -36.09 3.35 27.02
C ASP B 209 -36.38 3.11 25.53
N LEU B 210 -35.33 2.97 24.74
CA LEU B 210 -35.47 2.60 23.33
C LEU B 210 -36.23 1.29 23.22
N ILE B 211 -35.89 0.33 24.08
CA ILE B 211 -36.58 -0.96 24.13
C ILE B 211 -38.06 -0.73 24.40
N GLN B 212 -38.34 0.06 25.44
CA GLN B 212 -39.71 0.36 25.84
C GLN B 212 -40.46 1.08 24.72
N ALA B 213 -39.74 1.88 23.94
CA ALA B 213 -40.30 2.54 22.76
C ALA B 213 -40.79 1.50 21.78
N LEU B 214 -39.90 0.57 21.44
CA LEU B 214 -40.23 -0.52 20.52
C LEU B 214 -41.33 -1.42 21.08
N ARG B 215 -41.37 -1.56 22.40
CA ARG B 215 -42.45 -2.26 23.08
C ARG B 215 -43.78 -1.57 22.78
N TRP B 216 -43.82 -0.26 23.03
CA TRP B 216 -45.02 0.54 22.77
C TRP B 216 -45.40 0.48 21.30
N THR B 217 -44.39 0.51 20.44
CA THR B 217 -44.59 0.57 19.00
C THR B 217 -45.24 -0.70 18.45
N SER B 218 -44.62 -1.86 18.70
CA SER B 218 -45.16 -3.13 18.19
C SER B 218 -46.58 -3.43 18.70
N GLU B 219 -46.95 -2.84 19.84
CA GLU B 219 -48.28 -3.00 20.41
C GLU B 219 -49.28 -1.99 19.86
N ASN B 220 -48.82 -0.76 19.62
CA ASN B 220 -49.73 0.35 19.32
C ASN B 220 -49.73 0.85 17.89
N ILE B 221 -48.62 0.64 17.17
CA ILE B 221 -48.47 1.13 15.79
C ILE B 221 -49.56 0.59 14.85
N GLY B 222 -50.15 -0.54 15.22
CA GLY B 222 -51.25 -1.13 14.47
C GLY B 222 -52.48 -0.23 14.42
N PHE B 223 -52.70 0.52 15.50
CA PHE B 223 -53.85 1.43 15.59
C PHE B 223 -53.68 2.65 14.69
N PHE B 224 -52.44 2.91 14.28
CA PHE B 224 -52.09 4.04 13.42
C PHE B 224 -52.04 3.62 11.95
N GLY B 225 -51.95 2.31 11.72
CA GLY B 225 -51.86 1.76 10.37
C GLY B 225 -50.48 1.22 10.06
N GLY B 226 -49.80 0.69 11.07
CA GLY B 226 -48.43 0.18 10.92
C GLY B 226 -48.33 -1.34 10.94
N ASP B 227 -47.22 -1.84 10.42
CA ASP B 227 -46.93 -3.27 10.43
C ASP B 227 -45.96 -3.57 11.58
N PRO B 228 -46.44 -4.29 12.62
CA PRO B 228 -45.62 -4.60 13.80
C PRO B 228 -44.53 -5.64 13.53
N LEU B 229 -44.63 -6.33 12.40
CA LEU B 229 -43.65 -7.36 12.02
C LEU B 229 -42.72 -6.84 10.92
N ARG B 230 -42.73 -5.52 10.70
CA ARG B 230 -41.85 -4.88 9.74
C ARG B 230 -41.26 -3.56 10.29
N ILE B 231 -40.86 -3.60 11.56
CA ILE B 231 -40.31 -2.43 12.24
C ILE B 231 -38.80 -2.37 12.03
N THR B 232 -38.32 -1.19 11.65
CA THR B 232 -36.93 -0.98 11.29
C THR B 232 -36.36 0.18 12.11
N VAL B 233 -35.35 -0.11 12.91
CA VAL B 233 -34.66 0.93 13.68
C VAL B 233 -33.45 1.44 12.90
N PHE B 234 -33.39 2.75 12.73
CA PHE B 234 -32.28 3.37 12.01
C PHE B 234 -31.76 4.60 12.73
N GLY B 235 -30.45 4.83 12.58
CA GLY B 235 -29.75 5.93 13.25
C GLY B 235 -28.37 6.25 12.73
N SER B 236 -27.93 7.48 13.01
CA SER B 236 -26.58 7.96 12.70
C SER B 236 -25.79 8.14 14.00
N GLY B 237 -24.48 8.37 13.88
CA GLY B 237 -23.61 8.64 15.04
C GLY B 237 -23.74 7.57 16.10
N ALA B 238 -23.72 7.97 17.36
CA ALA B 238 -24.02 7.07 18.47
C ALA B 238 -25.39 6.42 18.29
N GLY B 239 -26.33 7.17 17.72
CA GLY B 239 -27.66 6.64 17.37
C GLY B 239 -27.59 5.48 16.39
N GLY B 240 -26.49 5.41 15.64
CA GLY B 240 -26.21 4.27 14.79
C GLY B 240 -25.63 3.12 15.60
N SER B 241 -24.86 3.46 16.64
CA SER B 241 -24.31 2.47 17.57
C SER B 241 -25.47 1.81 18.32
N CYS B 242 -26.38 2.64 18.81
CA CYS B 242 -27.56 2.20 19.55
C CYS B 242 -28.35 1.15 18.76
N VAL B 243 -28.49 1.38 17.46
CA VAL B 243 -29.09 0.39 16.57
C VAL B 243 -28.38 -0.95 16.75
N ASN B 244 -27.06 -0.97 16.51
CA ASN B 244 -26.24 -2.17 16.65
C ASN B 244 -26.28 -2.75 18.07
N LEU B 245 -26.28 -1.84 19.05
CA LEU B 245 -26.32 -2.22 20.45
C LEU B 245 -27.60 -2.93 20.83
N LEU B 246 -28.69 -2.59 20.13
CA LEU B 246 -29.98 -3.27 20.35
C LEU B 246 -30.02 -4.64 19.70
N THR B 247 -29.37 -4.77 18.54
CA THR B 247 -29.27 -6.07 17.87
C THR B 247 -28.56 -7.10 18.75
N LEU B 248 -27.68 -6.61 19.63
CA LEU B 248 -26.88 -7.47 20.50
C LEU B 248 -27.52 -7.74 21.86
N SER B 249 -28.72 -7.19 22.08
CA SER B 249 -29.42 -7.36 23.35
C SER B 249 -30.63 -8.27 23.24
N HIS B 250 -30.68 -9.28 24.10
CA HIS B 250 -31.74 -10.28 24.06
C HIS B 250 -33.13 -9.69 24.34
N TYR B 251 -33.15 -8.51 24.98
CA TYR B 251 -34.38 -7.79 25.29
C TYR B 251 -35.15 -7.36 24.05
N SER B 252 -34.41 -7.01 23.01
CA SER B 252 -34.98 -6.41 21.80
C SER B 252 -35.65 -7.43 20.88
N GLU B 253 -35.45 -8.72 21.17
CA GLU B 253 -35.99 -9.82 20.38
C GLU B 253 -37.49 -9.69 20.10
N GLY B 254 -37.86 -9.82 18.83
CA GLY B 254 -39.26 -9.80 18.39
C GLY B 254 -39.88 -8.43 18.41
N LEU B 255 -39.06 -7.40 18.28
CA LEU B 255 -39.53 -6.01 18.33
C LEU B 255 -39.13 -5.24 17.08
N PHE B 256 -38.09 -5.69 16.40
CA PHE B 256 -37.73 -5.17 15.09
C PHE B 256 -37.02 -6.22 14.25
N GLN B 257 -37.23 -6.16 12.93
CA GLN B 257 -36.74 -7.19 12.01
C GLN B 257 -35.54 -6.70 11.21
N ARG B 258 -35.55 -5.42 10.86
CA ARG B 258 -34.48 -4.80 10.08
C ARG B 258 -33.75 -3.73 10.88
N ALA B 259 -32.57 -3.34 10.42
CA ALA B 259 -31.76 -2.32 11.09
C ALA B 259 -30.82 -1.61 10.11
N ILE B 260 -30.74 -0.28 10.23
CA ILE B 260 -29.78 0.53 9.46
C ILE B 260 -28.93 1.36 10.40
N ALA B 261 -27.61 1.23 10.28
CA ALA B 261 -26.66 2.03 11.06
C ALA B 261 -25.87 2.97 10.14
N GLN B 262 -25.91 4.26 10.43
CA GLN B 262 -25.25 5.25 9.58
C GLN B 262 -24.11 5.91 10.33
N SER B 263 -22.91 5.84 9.77
CA SER B 263 -21.72 6.40 10.42
C SER B 263 -21.73 6.05 11.92
N GLY B 264 -22.16 4.83 12.24
CA GLY B 264 -22.36 4.42 13.62
C GLY B 264 -22.18 2.93 13.89
N THR B 265 -21.43 2.61 14.93
CA THR B 265 -21.08 1.23 15.26
C THR B 265 -21.02 0.95 16.74
N ALA B 266 -21.22 -0.31 17.10
CA ALA B 266 -21.07 -0.77 18.47
C ALA B 266 -19.59 -1.04 18.77
N LEU B 267 -18.76 -0.90 17.75
CA LEU B 267 -17.34 -1.28 17.82
C LEU B 267 -16.38 -0.10 17.93
N SER B 268 -16.88 1.11 17.70
CA SER B 268 -16.06 2.31 17.83
C SER B 268 -15.65 2.51 19.29
N SER B 269 -14.48 3.12 19.49
CA SER B 269 -13.90 3.35 20.81
C SER B 269 -14.81 4.11 21.78
N TRP B 270 -15.71 4.93 21.23
CA TRP B 270 -16.62 5.76 22.03
C TRP B 270 -18.04 5.20 22.09
N ALA B 271 -18.22 3.94 21.69
CA ALA B 271 -19.55 3.34 21.61
C ALA B 271 -20.04 2.84 22.96
N VAL B 272 -19.11 2.46 23.83
CA VAL B 272 -19.44 1.89 25.13
C VAL B 272 -18.53 2.45 26.22
N SER B 273 -19.13 2.80 27.36
CA SER B 273 -18.37 3.22 28.54
C SER B 273 -17.88 2.01 29.33
N PHE B 274 -16.56 1.90 29.45
CA PHE B 274 -15.93 0.75 30.11
C PHE B 274 -15.59 0.99 31.59
N GLN B 275 -15.69 2.24 32.02
CA GLN B 275 -15.44 2.59 33.41
C GLN B 275 -16.54 3.49 33.98
N PRO B 276 -17.79 2.99 34.02
CA PRO B 276 -18.89 3.85 34.48
C PRO B 276 -18.82 4.21 35.96
N ALA B 277 -18.37 3.27 36.79
CA ALA B 277 -18.24 3.49 38.24
C ALA B 277 -17.16 4.51 38.56
N LYS B 278 -16.10 4.53 37.75
CA LYS B 278 -15.05 5.52 37.86
C LYS B 278 -15.63 6.93 37.78
N TYR B 279 -16.44 7.18 36.74
CA TYR B 279 -17.03 8.49 36.49
C TYR B 279 -18.17 8.81 37.45
N ALA B 280 -18.96 7.80 37.78
CA ALA B 280 -20.05 7.93 38.76
C ALA B 280 -19.50 8.49 40.08
N ARG B 281 -18.37 7.93 40.51
CA ARG B 281 -17.70 8.37 41.74
C ARG B 281 -17.03 9.75 41.58
N ILE B 282 -16.56 10.05 40.37
CA ILE B 282 -16.00 11.37 40.05
C ILE B 282 -17.12 12.43 39.92
N LEU B 283 -18.28 12.02 39.39
CA LEU B 283 -19.48 12.84 39.42
C LEU B 283 -19.96 13.06 40.86
N ALA B 284 -19.93 11.98 41.65
CA ALA B 284 -20.39 12.00 43.04
C ALA B 284 -19.62 12.99 43.91
N THR B 285 -18.31 13.12 43.66
CA THR B 285 -17.48 14.07 44.39
C THR B 285 -17.88 15.51 44.11
N LYS B 286 -18.35 15.76 42.89
CA LYS B 286 -18.75 17.09 42.45
C LYS B 286 -20.13 17.53 42.97
N VAL B 287 -20.87 16.58 43.56
CA VAL B 287 -22.19 16.89 44.14
C VAL B 287 -22.35 16.36 45.59
N GLY B 288 -21.24 16.10 46.26
CA GLY B 288 -21.23 15.63 47.65
C GLY B 288 -21.98 14.32 47.87
N CYS B 289 -21.72 13.35 47.00
CA CYS B 289 -22.39 12.03 47.04
C CYS B 289 -21.42 10.85 47.13
N ASN B 290 -20.12 11.10 47.01
CA ASN B 290 -19.12 10.02 47.01
C ASN B 290 -18.97 9.33 48.36
N VAL B 291 -19.81 8.34 48.59
CA VAL B 291 -19.84 7.58 49.83
C VAL B 291 -19.25 6.19 49.58
N SER B 292 -18.71 5.58 50.64
CA SER B 292 -18.17 4.22 50.64
C SER B 292 -19.09 3.24 49.92
N ASP B 293 -20.22 2.94 50.58
CA ASP B 293 -21.26 2.07 50.04
C ASP B 293 -21.82 2.62 48.73
N THR B 294 -21.91 1.75 47.72
CA THR B 294 -22.39 2.13 46.40
C THR B 294 -23.90 2.38 46.35
N VAL B 295 -24.66 1.73 47.22
CA VAL B 295 -26.12 1.82 47.21
C VAL B 295 -26.63 3.16 47.76
N GLU B 296 -25.90 3.72 48.73
CA GLU B 296 -26.25 5.02 49.30
C GLU B 296 -25.75 6.18 48.44
N LEU B 297 -24.73 5.92 47.63
CA LEU B 297 -24.25 6.89 46.65
C LEU B 297 -25.31 7.10 45.56
N VAL B 298 -25.97 6.02 45.17
CA VAL B 298 -27.02 6.05 44.16
C VAL B 298 -28.31 6.69 44.70
N GLU B 299 -28.64 6.43 45.96
CA GLU B 299 -29.79 7.06 46.61
C GLU B 299 -29.59 8.56 46.86
N CYS B 300 -28.32 8.95 47.00
CA CYS B 300 -27.93 10.35 47.15
C CYS B 300 -28.26 11.13 45.88
N LEU B 301 -27.70 10.68 44.75
CA LEU B 301 -27.85 11.36 43.46
C LEU B 301 -29.31 11.51 43.00
N GLN B 302 -30.13 10.50 43.33
CA GLN B 302 -31.58 10.51 43.04
C GLN B 302 -32.27 11.72 43.64
N LYS B 303 -31.96 11.98 44.91
CA LYS B 303 -32.59 13.04 45.71
C LYS B 303 -32.31 14.44 45.16
N LYS B 304 -31.11 14.61 44.61
CA LYS B 304 -30.66 15.91 44.07
C LYS B 304 -31.36 16.30 42.77
N PRO B 305 -31.47 17.62 42.50
CA PRO B 305 -32.16 18.12 41.31
C PRO B 305 -31.44 17.74 40.03
N TYR B 306 -32.19 17.56 38.95
CA TYR B 306 -31.65 17.07 37.69
C TYR B 306 -30.72 18.06 37.00
N LYS B 307 -31.02 19.35 37.19
CA LYS B 307 -30.29 20.45 36.55
C LYS B 307 -28.85 20.51 37.05
N GLU B 308 -28.67 20.23 38.34
CA GLU B 308 -27.36 20.27 39.00
C GLU B 308 -26.40 19.18 38.51
N LEU B 309 -26.94 17.99 38.23
CA LEU B 309 -26.14 16.86 37.74
C LEU B 309 -25.79 17.02 36.26
N VAL B 310 -26.69 17.66 35.51
CA VAL B 310 -26.52 17.84 34.07
C VAL B 310 -25.53 18.96 33.77
N ASP B 311 -25.69 20.07 34.48
CA ASP B 311 -24.77 21.20 34.34
C ASP B 311 -23.34 20.79 34.73
N GLN B 312 -23.23 19.70 35.48
CA GLN B 312 -21.94 19.24 36.01
C GLN B 312 -20.89 18.96 34.93
N ASP B 313 -19.64 19.23 35.29
CA ASP B 313 -18.51 19.18 34.36
C ASP B 313 -17.71 17.88 34.50
N VAL B 314 -18.03 16.89 33.67
CA VAL B 314 -17.39 15.57 33.73
C VAL B 314 -17.00 15.04 32.34
N GLN B 315 -15.70 14.88 32.11
CA GLN B 315 -15.20 14.53 30.78
C GLN B 315 -14.10 13.46 30.76
N PRO B 316 -14.13 12.58 29.74
CA PRO B 316 -13.25 11.41 29.61
C PRO B 316 -12.01 11.62 28.75
N ALA B 317 -11.05 10.69 28.87
CA ALA B 317 -9.87 10.66 27.99
C ALA B 317 -10.37 10.60 26.56
N ARG B 318 -9.82 11.46 25.71
CA ARG B 318 -10.37 11.69 24.37
C ARG B 318 -10.66 10.44 23.56
N TYR B 319 -11.78 10.48 22.83
CA TYR B 319 -12.27 9.40 21.96
C TYR B 319 -12.99 8.29 22.73
N HIS B 320 -12.97 8.38 24.05
CA HIS B 320 -13.76 7.50 24.91
C HIS B 320 -14.84 8.34 25.59
N ILE B 321 -15.70 7.70 26.40
CA ILE B 321 -16.83 8.40 27.03
C ILE B 321 -16.94 8.19 28.53
N ALA B 322 -17.57 9.16 29.19
CA ALA B 322 -17.84 9.10 30.61
C ALA B 322 -19.15 8.39 30.87
N PHE B 323 -20.20 8.83 30.20
CA PHE B 323 -21.51 8.20 30.35
C PHE B 323 -22.08 7.73 29.02
N GLY B 324 -22.59 6.50 29.04
CA GLY B 324 -23.09 5.83 27.86
C GLY B 324 -23.33 4.38 28.21
N PRO B 325 -23.64 3.54 27.20
CA PRO B 325 -23.90 2.13 27.42
C PRO B 325 -22.76 1.42 28.11
N VAL B 326 -23.10 0.58 29.08
CA VAL B 326 -22.12 -0.19 29.83
C VAL B 326 -22.38 -1.67 29.61
N ILE B 327 -21.36 -2.49 29.85
CA ILE B 327 -21.53 -3.94 29.86
C ILE B 327 -22.13 -4.35 31.20
N ASP B 328 -23.43 -4.63 31.19
CA ASP B 328 -24.18 -4.93 32.40
C ASP B 328 -24.36 -6.42 32.63
N GLY B 329 -24.07 -7.22 31.60
CA GLY B 329 -24.21 -8.67 31.68
C GLY B 329 -25.66 -9.12 31.65
N ASP B 330 -26.54 -8.22 31.21
CA ASP B 330 -27.97 -8.49 31.18
C ASP B 330 -28.57 -7.99 29.87
N VAL B 331 -28.65 -6.68 29.70
CA VAL B 331 -29.04 -6.07 28.43
C VAL B 331 -27.94 -6.35 27.42
N ILE B 332 -26.77 -5.75 27.66
CA ILE B 332 -25.56 -6.07 26.91
C ILE B 332 -24.83 -7.17 27.69
N PRO B 333 -24.90 -8.43 27.21
CA PRO B 333 -24.36 -9.58 27.95
C PRO B 333 -22.85 -9.54 28.09
N ASP B 334 -22.16 -9.13 27.03
CA ASP B 334 -20.71 -9.04 27.02
C ASP B 334 -20.29 -7.92 26.08
N ASP B 335 -18.99 -7.78 25.86
CA ASP B 335 -18.43 -6.81 24.92
C ASP B 335 -18.99 -7.02 23.51
N PRO B 336 -19.46 -5.94 22.87
CA PRO B 336 -19.92 -5.97 21.48
C PRO B 336 -18.95 -6.59 20.48
N GLN B 337 -17.66 -6.68 20.83
CA GLN B 337 -16.67 -7.32 19.97
C GLN B 337 -16.72 -8.86 20.11
N ILE B 338 -16.76 -9.35 21.34
CA ILE B 338 -16.86 -10.80 21.60
C ILE B 338 -18.16 -11.36 21.02
N LEU B 339 -19.29 -10.73 21.35
CA LEU B 339 -20.62 -11.19 20.94
C LEU B 339 -20.82 -11.30 19.42
N MET B 340 -20.04 -10.55 18.65
CA MET B 340 -20.16 -10.59 17.20
C MET B 340 -19.20 -11.56 16.51
N GLU B 341 -18.19 -12.00 17.25
CA GLU B 341 -17.30 -13.06 16.78
C GLU B 341 -17.87 -14.42 17.18
N GLN B 342 -18.71 -14.41 18.23
CA GLN B 342 -19.41 -15.59 18.71
C GLN B 342 -20.71 -15.84 17.94
N GLY B 343 -21.17 -14.82 17.22
CA GLY B 343 -22.45 -14.86 16.53
C GLY B 343 -23.62 -14.73 17.48
N GLU B 344 -23.36 -14.11 18.64
CA GLU B 344 -24.35 -13.99 19.71
C GLU B 344 -25.42 -12.94 19.40
N PHE B 345 -26.03 -13.05 18.23
CA PHE B 345 -27.11 -12.16 17.82
C PHE B 345 -28.04 -12.87 16.85
N LEU B 346 -29.32 -12.46 16.88
CA LEU B 346 -30.33 -12.97 15.95
C LEU B 346 -30.06 -12.45 14.53
N ASN B 347 -30.63 -13.12 13.53
CA ASN B 347 -30.48 -12.65 12.16
C ASN B 347 -31.39 -11.44 11.91
N TYR B 348 -30.75 -10.30 11.70
CA TYR B 348 -31.43 -9.04 11.43
C TYR B 348 -31.05 -8.57 10.04
N ASP B 349 -32.01 -7.97 9.34
CA ASP B 349 -31.70 -7.30 8.07
C ASP B 349 -30.90 -6.01 8.32
N ILE B 350 -29.60 -6.08 8.07
CA ILE B 350 -28.68 -4.98 8.38
C ILE B 350 -28.31 -4.18 7.13
N MET B 351 -28.30 -2.86 7.27
CA MET B 351 -27.69 -1.97 6.30
C MET B 351 -26.77 -1.01 7.05
N LEU B 352 -25.47 -1.18 6.86
CA LEU B 352 -24.46 -0.32 7.49
C LEU B 352 -23.89 0.65 6.47
N GLY B 353 -23.09 1.60 6.94
CA GLY B 353 -22.40 2.51 6.04
C GLY B 353 -21.60 3.64 6.67
N VAL B 354 -20.67 4.18 5.90
CA VAL B 354 -19.88 5.34 6.30
C VAL B 354 -19.77 6.35 5.15
N ASN B 355 -19.57 7.63 5.50
CA ASN B 355 -19.26 8.68 4.53
C ASN B 355 -17.76 8.82 4.47
N GLN B 356 -17.20 9.20 3.32
CA GLN B 356 -15.74 9.13 3.17
C GLN B 356 -14.91 10.26 3.80
N GLY B 357 -15.58 11.27 4.37
CA GLY B 357 -14.87 12.33 5.07
C GLY B 357 -15.30 12.50 6.52
N GLU B 358 -15.57 11.37 7.18
CA GLU B 358 -16.15 11.34 8.53
C GLU B 358 -15.50 12.31 9.54
N GLY B 359 -14.21 12.14 9.77
CA GLY B 359 -13.50 12.88 10.80
C GLY B 359 -12.86 14.17 10.32
N LEU B 360 -13.67 15.00 9.64
CA LEU B 360 -13.25 16.36 9.24
C LEU B 360 -12.89 17.18 10.46
N LYS B 361 -13.73 17.04 11.49
CA LYS B 361 -13.59 17.76 12.74
C LYS B 361 -12.25 17.53 13.41
N PHE B 362 -11.67 16.35 13.20
CA PHE B 362 -10.32 16.05 13.68
C PHE B 362 -9.28 16.93 12.99
N VAL B 363 -9.39 17.05 11.67
CA VAL B 363 -8.33 17.64 10.85
C VAL B 363 -8.49 19.15 10.60
N GLU B 364 -9.73 19.62 10.54
CA GLU B 364 -10.02 21.02 10.16
C GLU B 364 -9.20 22.06 10.92
N ASN B 365 -9.15 21.90 12.24
CA ASN B 365 -8.49 22.85 13.14
C ASN B 365 -6.99 23.02 12.93
N ILE B 366 -6.41 22.36 11.93
CA ILE B 366 -5.00 22.60 11.55
C ILE B 366 -4.80 22.78 10.04
N VAL B 367 -5.75 23.47 9.40
CA VAL B 367 -5.73 23.72 7.96
C VAL B 367 -5.50 25.21 7.68
N ASP B 368 -4.47 25.52 6.89
CA ASP B 368 -4.20 26.93 6.52
C ASP B 368 -5.09 27.45 5.38
N SER B 369 -4.77 28.63 4.87
CA SER B 369 -5.52 29.26 3.78
C SER B 369 -5.34 28.51 2.46
N ASP B 370 -4.13 27.98 2.25
CA ASP B 370 -3.81 27.18 1.07
C ASP B 370 -4.44 25.78 1.14
N ASP B 371 -5.34 25.60 2.10
CA ASP B 371 -6.17 24.40 2.23
C ASP B 371 -5.38 23.09 2.42
N GLY B 372 -4.23 23.18 3.08
CA GLY B 372 -3.37 22.03 3.33
C GLY B 372 -2.95 21.85 4.78
N VAL B 373 -2.14 20.83 5.03
CA VAL B 373 -1.62 20.54 6.36
C VAL B 373 -0.13 20.23 6.23
N SER B 374 0.68 20.92 7.04
CA SER B 374 2.13 20.76 6.99
C SER B 374 2.58 19.38 7.47
N ALA B 375 3.77 18.97 7.03
CA ALA B 375 4.36 17.67 7.37
C ALA B 375 4.56 17.51 8.88
N SER B 376 5.01 18.57 9.54
CA SER B 376 5.22 18.53 10.98
C SER B 376 3.91 18.48 11.78
N ASP B 377 2.87 19.10 11.25
CA ASP B 377 1.53 19.03 11.86
C ASP B 377 0.90 17.63 11.70
N PHE B 378 1.29 16.94 10.64
CA PHE B 378 0.85 15.57 10.37
C PHE B 378 1.50 14.59 11.36
N ASP B 379 2.81 14.76 11.56
CA ASP B 379 3.59 13.89 12.45
C ASP B 379 3.19 14.02 13.92
N PHE B 380 2.81 15.22 14.32
CA PHE B 380 2.35 15.45 15.68
C PHE B 380 0.99 14.81 15.90
N ALA B 381 0.04 15.08 15.00
CA ALA B 381 -1.34 14.57 15.10
C ALA B 381 -1.40 13.06 15.31
N VAL B 382 -0.67 12.34 14.46
CA VAL B 382 -0.50 10.91 14.56
C VAL B 382 0.03 10.52 15.95
N SER B 383 1.12 11.17 16.37
CA SER B 383 1.80 10.83 17.62
C SER B 383 0.85 10.68 18.80
N ASN B 384 0.15 11.76 19.16
CA ASN B 384 -0.79 11.68 20.29
C ASN B 384 -2.11 11.00 19.95
N PHE B 385 -2.34 10.73 18.66
CA PHE B 385 -3.42 9.84 18.26
C PHE B 385 -3.12 8.44 18.79
N VAL B 386 -1.84 8.08 18.76
CA VAL B 386 -1.34 6.86 19.40
C VAL B 386 -1.36 7.03 20.92
N ASP B 387 -1.02 8.22 21.41
CA ASP B 387 -1.04 8.48 22.85
C ASP B 387 -2.44 8.61 23.43
N ASN B 388 -3.45 8.58 22.55
CA ASN B 388 -4.85 8.62 22.96
C ASN B 388 -5.49 7.25 22.98
N LEU B 389 -5.10 6.41 22.01
CA LEU B 389 -5.77 5.13 21.78
C LEU B 389 -4.86 3.91 21.91
N TYR B 390 -3.55 4.14 22.01
CA TYR B 390 -2.58 3.03 22.09
C TYR B 390 -1.40 3.35 23.02
N LYS B 396 4.46 1.04 20.69
CA LYS B 396 4.21 2.48 20.68
C LYS B 396 4.89 3.13 19.47
N ASP B 397 6.23 3.09 19.46
CA ASP B 397 7.05 3.70 18.40
C ASP B 397 6.74 3.18 17.01
N VAL B 398 6.60 1.86 16.88
CA VAL B 398 6.30 1.22 15.59
C VAL B 398 4.91 1.58 15.09
N LEU B 399 3.94 1.59 15.99
CA LEU B 399 2.57 1.95 15.65
C LEU B 399 2.55 3.40 15.18
N ARG B 400 3.25 4.26 15.92
CA ARG B 400 3.44 5.67 15.55
C ARG B 400 3.97 5.81 14.12
N GLU B 401 4.82 4.87 13.70
CA GLU B 401 5.48 4.94 12.39
C GLU B 401 4.70 4.30 11.26
N THR B 402 4.12 3.13 11.53
CA THR B 402 3.29 2.43 10.56
C THR B 402 2.18 3.33 10.05
N ILE B 403 1.32 3.79 10.95
CA ILE B 403 0.21 4.68 10.62
C ILE B 403 0.71 5.85 9.78
N LYS B 404 1.82 6.45 10.23
CA LYS B 404 2.46 7.58 9.56
C LYS B 404 2.82 7.23 8.13
N PHE B 405 3.28 5.99 7.91
CA PHE B 405 3.61 5.50 6.57
C PHE B 405 2.34 5.24 5.80
N MET B 406 1.46 4.41 6.37
CA MET B 406 0.24 3.96 5.71
C MET B 406 -0.60 5.12 5.15
N TYR B 407 -0.50 6.27 5.81
CA TYR B 407 -1.29 7.44 5.43
C TYR B 407 -0.45 8.54 4.76
N THR B 408 0.50 8.09 3.94
CA THR B 408 1.30 8.96 3.09
C THR B 408 1.10 8.47 1.66
N ASP B 409 0.45 9.26 0.82
CA ASP B 409 0.28 8.88 -0.59
C ASP B 409 1.55 9.18 -1.38
N TRP B 410 2.38 8.16 -1.55
CA TRP B 410 3.71 8.33 -2.13
C TRP B 410 3.70 8.70 -3.62
N ALA B 411 2.50 8.76 -4.19
CA ALA B 411 2.28 9.26 -5.54
C ALA B 411 2.38 10.78 -5.56
N ASP B 412 1.85 11.41 -4.52
CA ASP B 412 1.98 12.84 -4.32
C ASP B 412 2.52 13.08 -2.91
N ARG B 413 3.74 12.58 -2.69
CA ARG B 413 4.41 12.55 -1.39
C ARG B 413 4.39 13.88 -0.65
N HIS B 414 4.74 14.96 -1.35
CA HIS B 414 5.06 16.25 -0.72
C HIS B 414 3.93 17.29 -0.71
N ASN B 415 2.95 17.14 -1.60
CA ASN B 415 1.80 18.06 -1.64
C ASN B 415 0.96 18.01 -0.36
N PRO B 416 0.87 19.15 0.36
CA PRO B 416 0.17 19.24 1.63
C PRO B 416 -1.35 19.13 1.51
N GLU B 417 -1.87 19.27 0.30
CA GLU B 417 -3.29 19.00 0.04
C GLU B 417 -3.61 17.50 0.09
N THR B 418 -2.71 16.71 -0.50
CA THR B 418 -2.77 15.26 -0.39
C THR B 418 -2.52 14.85 1.06
N ARG B 419 -1.56 15.50 1.72
CA ARG B 419 -1.19 15.17 3.09
C ARG B 419 -2.28 15.57 4.08
N ARG B 420 -3.25 16.33 3.59
CA ARG B 420 -4.45 16.65 4.36
C ARG B 420 -5.49 15.54 4.20
N LYS B 421 -5.70 15.12 2.95
CA LYS B 421 -6.74 14.13 2.60
C LYS B 421 -6.57 12.80 3.31
N THR B 422 -5.32 12.32 3.39
CA THR B 422 -4.99 11.05 4.05
C THR B 422 -4.91 11.15 5.56
N LEU B 423 -4.53 12.31 6.09
CA LEU B 423 -4.63 12.55 7.53
C LEU B 423 -6.11 12.62 7.94
N LEU B 424 -6.93 13.19 7.08
CA LEU B 424 -8.38 13.11 7.23
C LEU B 424 -8.81 11.65 7.24
N ALA B 425 -8.34 10.90 6.23
CA ALA B 425 -8.70 9.49 6.06
C ALA B 425 -8.33 8.62 7.26
N LEU B 426 -7.33 9.05 8.03
CA LEU B 426 -6.86 8.31 9.21
C LEU B 426 -7.99 8.11 10.21
N PHE B 427 -8.50 9.24 10.72
CA PHE B 427 -9.61 9.21 11.68
C PHE B 427 -10.89 8.66 11.04
N THR B 428 -11.15 9.07 9.80
CA THR B 428 -12.25 8.51 9.01
C THR B 428 -12.24 6.98 9.10
N ASP B 429 -11.08 6.38 8.83
CA ASP B 429 -10.94 4.93 8.78
C ASP B 429 -10.98 4.28 10.17
N HIS B 430 -10.24 4.83 11.12
CA HIS B 430 -10.09 4.17 12.41
C HIS B 430 -11.35 4.20 13.27
N GLN B 431 -12.11 5.29 13.21
CA GLN B 431 -13.29 5.43 14.06
C GLN B 431 -14.59 5.02 13.41
N TRP B 432 -14.64 5.10 12.08
CA TRP B 432 -15.87 4.81 11.34
C TRP B 432 -15.73 3.63 10.37
N VAL B 433 -14.81 3.71 9.42
CA VAL B 433 -14.73 2.72 8.34
C VAL B 433 -14.35 1.33 8.85
N ALA B 434 -13.32 1.25 9.70
CA ALA B 434 -12.87 -0.03 10.28
C ALA B 434 -13.96 -0.75 11.09
N PRO B 435 -14.60 -0.06 12.06
CA PRO B 435 -15.68 -0.72 12.81
C PRO B 435 -16.86 -1.12 11.93
N ALA B 436 -17.19 -0.30 10.95
CA ALA B 436 -18.33 -0.55 10.05
C ALA B 436 -18.13 -1.81 9.21
N VAL B 437 -16.96 -1.93 8.56
CA VAL B 437 -16.60 -3.12 7.77
C VAL B 437 -16.38 -4.35 8.65
N ALA B 438 -15.98 -4.14 9.91
CA ALA B 438 -15.84 -5.25 10.86
C ALA B 438 -17.22 -5.87 11.14
N THR B 439 -18.21 -5.02 11.38
CA THR B 439 -19.58 -5.43 11.65
C THR B 439 -20.18 -6.19 10.46
N ALA B 440 -20.04 -5.61 9.26
CA ALA B 440 -20.60 -6.18 8.05
C ALA B 440 -19.97 -7.52 7.67
N ASP B 441 -18.70 -7.67 8.03
CA ASP B 441 -18.01 -8.94 7.85
C ASP B 441 -18.60 -9.98 8.79
N LEU B 442 -18.81 -9.60 10.06
CA LEU B 442 -19.32 -10.54 11.06
C LEU B 442 -20.83 -10.78 10.98
N HIS B 443 -21.55 -9.90 10.28
CA HIS B 443 -23.01 -10.05 10.09
C HIS B 443 -23.36 -10.92 8.89
N SER B 444 -22.62 -10.76 7.79
CA SER B 444 -22.85 -11.55 6.58
C SER B 444 -22.36 -12.97 6.73
N ASN B 445 -21.30 -13.15 7.53
CA ASN B 445 -20.76 -14.48 7.80
C ASN B 445 -21.65 -15.32 8.71
N PHE B 446 -22.50 -14.66 9.50
CA PHE B 446 -23.48 -15.34 10.33
C PHE B 446 -24.89 -15.28 9.75
N GLY B 447 -24.95 -15.20 8.41
CA GLY B 447 -26.20 -15.32 7.65
C GLY B 447 -27.26 -14.27 7.92
N SER B 448 -26.92 -13.02 7.62
CA SER B 448 -27.87 -11.92 7.71
C SER B 448 -27.72 -11.09 6.44
N PRO B 449 -28.83 -10.82 5.73
CA PRO B 449 -28.77 -10.01 4.51
C PRO B 449 -28.22 -8.59 4.76
N THR B 450 -26.90 -8.46 4.68
CA THR B 450 -26.21 -7.21 4.94
C THR B 450 -26.01 -6.42 3.64
N TYR B 451 -26.09 -5.10 3.74
CA TYR B 451 -25.86 -4.20 2.61
C TYR B 451 -25.04 -3.01 3.08
N PHE B 452 -23.88 -2.81 2.48
CA PHE B 452 -22.93 -1.76 2.88
C PHE B 452 -22.94 -0.62 1.87
N TYR B 453 -22.58 0.57 2.33
CA TYR B 453 -22.59 1.75 1.46
C TYR B 453 -21.50 2.77 1.77
N ALA B 454 -21.04 3.44 0.71
CA ALA B 454 -20.17 4.60 0.84
C ALA B 454 -20.91 5.82 0.33
N PHE B 455 -21.09 6.82 1.18
CA PHE B 455 -21.77 8.05 0.81
C PHE B 455 -20.71 9.11 0.55
N TYR B 456 -20.55 9.50 -0.70
CA TYR B 456 -19.47 10.41 -1.09
C TYR B 456 -19.90 11.81 -1.54
N HIS B 457 -21.22 12.05 -1.57
CA HIS B 457 -21.73 13.37 -1.95
C HIS B 457 -22.19 14.23 -0.78
N HIS B 458 -21.50 15.34 -0.59
CA HIS B 458 -21.82 16.34 0.44
C HIS B 458 -22.74 17.42 -0.10
N CYS B 459 -23.61 17.96 0.76
CA CYS B 459 -24.41 19.12 0.39
C CYS B 459 -23.51 20.34 0.31
N GLN B 460 -23.54 21.03 -0.84
CA GLN B 460 -22.65 22.16 -1.08
C GLN B 460 -23.01 23.35 -0.19
N THR B 461 -22.16 23.63 0.79
CA THR B 461 -22.39 24.71 1.76
C THR B 461 -21.12 25.53 2.03
N ASP B 462 -21.30 26.80 2.38
CA ASP B 462 -20.19 27.70 2.76
C ASP B 462 -20.01 27.74 4.28
N GLN B 463 -20.82 26.94 4.96
CA GLN B 463 -20.70 26.66 6.38
C GLN B 463 -19.39 25.92 6.66
N VAL B 464 -19.04 24.99 5.77
CA VAL B 464 -17.81 24.18 5.86
C VAL B 464 -16.80 24.62 4.79
N PRO B 465 -15.51 24.24 4.96
CA PRO B 465 -14.47 24.49 3.94
C PRO B 465 -14.75 23.87 2.57
N ALA B 466 -14.30 24.53 1.51
CA ALA B 466 -14.57 24.13 0.13
C ALA B 466 -13.98 22.76 -0.26
N TRP B 467 -12.76 22.50 0.20
CA TRP B 467 -12.04 21.26 -0.10
C TRP B 467 -12.68 20.03 0.51
N ALA B 468 -13.75 20.23 1.29
CA ALA B 468 -14.30 19.19 2.15
C ALA B 468 -15.01 18.05 1.42
N ASP B 469 -14.78 16.84 1.94
CA ASP B 469 -15.56 15.65 1.57
C ASP B 469 -16.74 15.54 2.52
N ALA B 470 -17.67 14.62 2.21
CA ALA B 470 -18.86 14.39 3.02
C ALA B 470 -18.48 14.08 4.47
N ALA B 471 -18.90 14.96 5.37
CA ALA B 471 -18.53 14.88 6.80
C ALA B 471 -19.45 13.97 7.60
N HIS B 472 -19.08 13.71 8.85
CA HIS B 472 -19.88 12.87 9.75
C HIS B 472 -21.32 13.37 9.91
N GLY B 473 -22.27 12.54 9.48
CA GLY B 473 -23.69 12.87 9.53
C GLY B 473 -24.17 13.81 8.43
N ASP B 474 -23.48 13.82 7.29
CA ASP B 474 -23.91 14.61 6.13
C ASP B 474 -24.96 13.88 5.29
N GLU B 475 -25.17 12.60 5.59
CA GLU B 475 -26.13 11.76 4.87
C GLU B 475 -27.55 11.93 5.39
N VAL B 476 -27.67 12.50 6.59
CA VAL B 476 -28.96 12.74 7.26
C VAL B 476 -29.95 13.56 6.42
N PRO B 477 -29.54 14.75 5.91
CA PRO B 477 -30.49 15.58 5.15
C PRO B 477 -31.01 14.88 3.91
N TYR B 478 -30.20 13.96 3.38
CA TYR B 478 -30.59 13.15 2.23
C TYR B 478 -31.58 12.06 2.62
N VAL B 479 -31.28 11.34 3.70
CA VAL B 479 -32.18 10.33 4.25
C VAL B 479 -33.55 10.94 4.58
N LEU B 480 -33.56 12.03 5.33
CA LEU B 480 -34.80 12.65 5.80
C LEU B 480 -35.53 13.45 4.72
N GLY B 481 -34.92 13.50 3.53
CA GLY B 481 -35.52 14.14 2.37
C GLY B 481 -35.64 15.64 2.47
N ILE B 482 -34.67 16.28 3.11
CA ILE B 482 -34.67 17.74 3.25
C ILE B 482 -34.55 18.45 1.88
N PRO B 483 -33.65 17.98 0.98
CA PRO B 483 -33.60 18.59 -0.36
C PRO B 483 -34.97 18.73 -1.05
N MET B 484 -35.96 17.98 -0.59
CA MET B 484 -37.31 17.99 -1.18
C MET B 484 -38.10 19.24 -0.81
N ILE B 485 -37.82 19.78 0.37
CA ILE B 485 -38.56 20.92 0.91
C ILE B 485 -37.69 22.18 0.98
N GLY B 486 -36.57 22.14 0.25
CA GLY B 486 -35.65 23.26 0.16
C GLY B 486 -34.72 23.35 1.36
N PRO B 487 -34.03 24.49 1.51
CA PRO B 487 -33.22 24.66 2.71
C PRO B 487 -34.07 24.98 3.94
N THR B 488 -33.73 24.40 5.08
CA THR B 488 -34.32 24.80 6.35
C THR B 488 -33.26 25.58 7.12
N GLU B 489 -33.55 25.89 8.38
CA GLU B 489 -32.58 26.59 9.23
C GLU B 489 -31.51 25.60 9.70
N LEU B 490 -31.93 24.37 9.95
CA LEU B 490 -31.05 23.31 10.45
C LEU B 490 -30.15 22.74 9.35
N PHE B 491 -30.61 22.82 8.10
CA PHE B 491 -29.79 22.49 6.93
C PHE B 491 -29.93 23.62 5.92
N PRO B 492 -29.02 24.61 5.98
CA PRO B 492 -29.18 25.84 5.22
C PRO B 492 -28.52 25.87 3.83
N CYS B 493 -27.81 24.80 3.47
CA CYS B 493 -27.06 24.77 2.20
C CYS B 493 -27.93 25.00 0.96
N ASN B 494 -27.35 25.68 -0.03
CA ASN B 494 -27.99 25.92 -1.31
C ASN B 494 -28.30 24.59 -2.00
N PHE B 495 -29.54 24.13 -1.87
CA PHE B 495 -29.96 22.85 -2.45
C PHE B 495 -30.13 22.94 -3.97
N SER B 496 -29.56 21.95 -4.65
CA SER B 496 -29.56 21.89 -6.10
C SER B 496 -30.41 20.71 -6.60
N LYS B 497 -30.78 20.74 -7.89
CA LYS B 497 -31.58 19.68 -8.51
C LYS B 497 -30.97 18.29 -8.35
N ASN B 498 -29.65 18.22 -8.30
CA ASN B 498 -28.89 16.98 -8.13
C ASN B 498 -29.01 16.40 -6.72
N ASP B 499 -29.06 17.31 -5.74
CA ASP B 499 -29.23 16.93 -4.34
C ASP B 499 -30.62 16.34 -4.09
N VAL B 500 -31.61 16.88 -4.78
CA VAL B 500 -33.00 16.41 -4.70
C VAL B 500 -33.15 15.05 -5.37
N MET B 501 -32.51 14.88 -6.52
CA MET B 501 -32.60 13.63 -7.26
C MET B 501 -31.74 12.54 -6.63
N LEU B 502 -30.76 12.93 -5.83
CA LEU B 502 -29.99 11.98 -5.02
C LEU B 502 -30.79 11.56 -3.80
N SER B 503 -31.42 12.55 -3.17
CA SER B 503 -32.27 12.33 -1.99
C SER B 503 -33.47 11.42 -2.29
N ALA B 504 -34.00 11.53 -3.50
CA ALA B 504 -35.05 10.62 -3.98
C ALA B 504 -34.55 9.19 -4.11
N VAL B 505 -33.37 9.04 -4.72
CA VAL B 505 -32.71 7.75 -4.92
C VAL B 505 -32.39 7.06 -3.59
N VAL B 506 -31.82 7.81 -2.65
CA VAL B 506 -31.51 7.31 -1.31
C VAL B 506 -32.78 6.93 -0.53
N MET B 507 -33.74 7.85 -0.47
CA MET B 507 -35.00 7.59 0.21
C MET B 507 -35.66 6.33 -0.34
N THR B 508 -35.45 6.07 -1.63
CA THR B 508 -35.96 4.86 -2.27
C THR B 508 -35.29 3.64 -1.65
N TYR B 509 -33.96 3.56 -1.75
CA TYR B 509 -33.21 2.47 -1.13
C TYR B 509 -33.59 2.29 0.35
N TRP B 510 -33.73 3.40 1.07
CA TRP B 510 -34.01 3.36 2.50
C TRP B 510 -35.38 2.82 2.84
N THR B 511 -36.40 3.27 2.11
CA THR B 511 -37.76 2.80 2.32
C THR B 511 -37.93 1.37 1.82
N ASN B 512 -37.47 1.12 0.60
CA ASN B 512 -37.47 -0.22 0.00
C ASN B 512 -36.91 -1.28 0.92
N PHE B 513 -35.83 -0.94 1.63
CA PHE B 513 -35.22 -1.81 2.63
C PHE B 513 -36.17 -2.04 3.81
N ALA B 514 -36.88 -1.00 4.23
CA ALA B 514 -37.82 -1.10 5.34
C ALA B 514 -39.06 -1.90 4.96
N LYS B 515 -39.36 -1.92 3.66
CA LYS B 515 -40.50 -2.67 3.14
C LYS B 515 -40.17 -4.16 2.98
N THR B 516 -39.10 -4.47 2.24
CA THR B 516 -38.82 -5.85 1.82
C THR B 516 -37.60 -6.50 2.46
N GLY B 517 -36.76 -5.70 3.12
CA GLY B 517 -35.47 -6.17 3.61
C GLY B 517 -34.49 -6.31 2.45
N ASP B 518 -34.64 -5.40 1.49
CA ASP B 518 -33.90 -5.42 0.23
C ASP B 518 -34.10 -4.07 -0.47
N PRO B 519 -33.03 -3.24 -0.52
CA PRO B 519 -33.11 -1.88 -1.06
C PRO B 519 -33.53 -1.80 -2.54
N ASN B 520 -33.54 -2.95 -3.23
CA ASN B 520 -33.93 -3.01 -4.64
C ASN B 520 -35.43 -3.25 -4.86
N GLN B 521 -36.11 -3.81 -3.84
CA GLN B 521 -37.52 -4.15 -3.93
C GLN B 521 -38.35 -3.27 -2.99
N PRO B 522 -39.59 -2.93 -3.37
CA PRO B 522 -40.25 -3.19 -4.65
C PRO B 522 -40.28 -2.01 -5.63
N VAL B 523 -39.82 -0.84 -5.19
CA VAL B 523 -39.89 0.39 -5.98
C VAL B 523 -38.76 0.44 -7.03
N PRO B 524 -39.14 0.62 -8.31
CA PRO B 524 -38.18 0.65 -9.42
C PRO B 524 -37.28 1.90 -9.36
N GLN B 525 -36.05 1.75 -9.85
CA GLN B 525 -35.08 2.85 -9.87
C GLN B 525 -34.67 3.22 -11.28
N VAL B 540 -28.85 0.41 -11.58
CA VAL B 540 -27.79 -0.27 -10.83
C VAL B 540 -28.30 -0.81 -9.48
N ALA B 541 -28.39 -2.13 -9.38
CA ALA B 541 -28.95 -2.80 -8.20
C ALA B 541 -27.93 -2.98 -7.07
N TRP B 542 -28.36 -2.65 -5.85
CA TRP B 542 -27.52 -2.78 -4.65
C TRP B 542 -27.35 -4.26 -4.28
N THR B 543 -26.19 -4.82 -4.66
CA THR B 543 -25.86 -6.22 -4.38
C THR B 543 -25.69 -6.47 -2.88
N ARG B 544 -26.12 -7.65 -2.43
CA ARG B 544 -25.97 -8.05 -1.03
C ARG B 544 -24.49 -8.20 -0.66
N TYR B 545 -24.14 -7.70 0.51
CA TYR B 545 -22.76 -7.72 1.02
C TYR B 545 -22.39 -9.07 1.62
N SER B 546 -21.18 -9.52 1.33
CA SER B 546 -20.60 -10.73 1.93
C SER B 546 -19.08 -10.67 1.86
N GLN B 547 -18.42 -11.23 2.87
CA GLN B 547 -16.98 -11.10 3.03
C GLN B 547 -16.12 -11.68 1.88
N LYS B 548 -16.74 -12.44 0.98
CA LYS B 548 -16.03 -12.93 -0.20
C LYS B 548 -15.66 -11.82 -1.17
N ASP B 549 -16.62 -10.94 -1.45
CA ASP B 549 -16.39 -9.84 -2.39
C ASP B 549 -16.71 -8.45 -1.84
N GLN B 550 -17.16 -8.40 -0.59
CA GLN B 550 -17.41 -7.15 0.13
C GLN B 550 -18.02 -6.09 -0.78
N LEU B 551 -19.22 -6.38 -1.26
CA LEU B 551 -19.91 -5.54 -2.24
C LEU B 551 -20.76 -4.44 -1.58
N TYR B 552 -20.43 -3.19 -1.92
CA TYR B 552 -21.06 -2.00 -1.35
C TYR B 552 -21.51 -1.06 -2.46
N LEU B 553 -22.55 -0.28 -2.17
CA LEU B 553 -23.01 0.74 -3.10
C LEU B 553 -22.30 2.04 -2.82
N HIS B 554 -21.52 2.50 -3.81
CA HIS B 554 -20.85 3.79 -3.73
C HIS B 554 -21.80 4.95 -4.07
N ILE B 555 -22.46 5.50 -3.04
CA ILE B 555 -23.55 6.46 -3.22
C ILE B 555 -23.08 7.89 -3.51
N GLY B 556 -23.57 8.45 -4.62
CA GLY B 556 -23.30 9.84 -4.99
C GLY B 556 -23.84 10.26 -6.34
N LEU B 557 -23.18 11.26 -6.94
CA LEU B 557 -23.55 11.77 -8.26
C LEU B 557 -23.52 10.66 -9.32
N LYS B 558 -22.50 9.80 -9.23
CA LYS B 558 -22.42 8.61 -10.07
C LYS B 558 -22.53 7.37 -9.17
N PRO B 559 -23.77 6.88 -8.93
CA PRO B 559 -24.01 5.72 -8.06
C PRO B 559 -23.64 4.41 -8.74
N ARG B 560 -22.85 3.61 -8.05
CA ARG B 560 -22.19 2.44 -8.62
C ARG B 560 -21.94 1.41 -7.51
N VAL B 561 -22.01 0.14 -7.88
CA VAL B 561 -21.66 -0.95 -6.97
C VAL B 561 -20.20 -1.32 -7.16
N LYS B 562 -19.42 -1.21 -6.08
CA LYS B 562 -17.98 -1.47 -6.13
C LYS B 562 -17.53 -2.57 -5.18
N GLU B 563 -16.26 -2.97 -5.34
CA GLU B 563 -15.68 -4.12 -4.65
C GLU B 563 -14.82 -3.68 -3.47
N HIS B 564 -14.90 -4.41 -2.36
CA HIS B 564 -13.99 -4.27 -1.21
C HIS B 564 -13.62 -2.83 -0.85
N TYR B 565 -14.53 -2.11 -0.21
CA TYR B 565 -14.30 -0.70 0.14
C TYR B 565 -13.08 -0.49 1.07
N ARG B 566 -12.07 0.19 0.54
CA ARG B 566 -10.85 0.57 1.26
C ARG B 566 -10.12 -0.61 1.92
N ALA B 567 -10.26 -1.78 1.29
CA ALA B 567 -9.72 -3.04 1.81
C ALA B 567 -8.34 -2.94 2.45
N ASN B 568 -7.38 -2.33 1.74
CA ASN B 568 -5.99 -2.31 2.20
C ASN B 568 -5.74 -1.49 3.46
N LYS B 569 -6.54 -0.44 3.68
CA LYS B 569 -6.38 0.37 4.89
C LYS B 569 -7.25 -0.14 6.04
N VAL B 570 -8.47 -0.58 5.73
CA VAL B 570 -9.42 -1.13 6.72
C VAL B 570 -8.80 -2.30 7.49
N ASN B 571 -8.20 -3.23 6.75
CA ASN B 571 -7.59 -4.43 7.31
C ASN B 571 -6.31 -4.15 8.09
N LEU B 572 -5.72 -2.97 7.89
CA LEU B 572 -4.59 -2.54 8.71
C LEU B 572 -4.99 -2.58 10.17
N TRP B 573 -6.16 -2.02 10.43
CA TRP B 573 -6.68 -1.87 11.78
C TRP B 573 -7.32 -3.14 12.30
N LEU B 574 -7.82 -3.97 11.38
CA LEU B 574 -8.52 -5.18 11.76
C LEU B 574 -7.63 -6.43 11.82
N GLU B 575 -6.49 -6.42 11.13
CA GLU B 575 -5.65 -7.62 11.06
C GLU B 575 -4.14 -7.44 11.31
N LEU B 576 -3.58 -6.26 10.99
CA LEU B 576 -2.16 -6.02 11.31
C LEU B 576 -1.97 -5.43 12.71
N VAL B 577 -2.63 -4.30 12.96
CA VAL B 577 -2.52 -3.58 14.22
C VAL B 577 -2.94 -4.36 15.48
N PRO B 578 -4.08 -5.11 15.43
CA PRO B 578 -4.56 -5.77 16.64
C PRO B 578 -3.48 -6.52 17.40
N HIS B 579 -2.86 -7.48 16.74
CA HIS B 579 -1.77 -8.25 17.36
C HIS B 579 -0.40 -7.82 16.84
N LEU B 580 0.02 -6.63 17.25
CA LEU B 580 1.37 -6.13 16.99
C LEU B 580 2.25 -6.20 18.26
N HIS B 581 1.61 -6.15 19.43
CA HIS B 581 2.30 -6.17 20.74
C HIS B 581 3.14 -7.43 21.01
N SER C 2 47.56 38.12 -21.30
CA SER C 2 46.69 38.79 -22.32
C SER C 2 45.61 37.85 -22.82
N GLY C 3 44.71 37.45 -21.91
CA GLY C 3 43.55 36.62 -22.26
C GLY C 3 42.49 37.41 -23.02
N THR C 4 41.32 36.82 -23.19
CA THR C 4 40.19 37.48 -23.85
C THR C 4 39.57 38.54 -22.93
N THR C 5 40.11 39.75 -23.00
CA THR C 5 39.77 40.84 -22.10
C THR C 5 38.37 41.41 -22.31
N TYR C 6 37.61 41.48 -21.23
CA TYR C 6 36.28 42.10 -21.23
C TYR C 6 36.23 43.19 -20.16
N ILE C 7 35.75 44.37 -20.54
CA ILE C 7 35.69 45.52 -19.61
C ILE C 7 34.32 45.73 -18.97
N PHE C 8 34.32 45.70 -17.63
CA PHE C 8 33.13 45.89 -16.81
C PHE C 8 33.11 47.33 -16.30
N SER C 9 32.00 48.01 -16.56
CA SER C 9 31.96 49.47 -16.46
C SER C 9 30.93 50.02 -15.47
N LYS C 10 30.55 51.29 -15.68
CA LYS C 10 29.56 52.01 -14.88
C LYS C 10 28.41 51.13 -14.39
N GLY C 11 28.22 51.10 -13.07
CA GLY C 11 27.13 50.32 -12.49
C GLY C 11 27.46 48.85 -12.44
N GLY C 12 27.80 48.29 -13.60
CA GLY C 12 28.24 46.90 -13.71
C GLY C 12 27.52 46.09 -14.78
N GLY C 13 27.86 44.80 -14.84
CA GLY C 13 27.25 43.88 -15.79
C GLY C 13 27.48 42.41 -15.49
N GLN C 14 27.04 41.56 -16.42
CA GLN C 14 27.11 40.12 -16.25
C GLN C 14 27.25 39.41 -17.58
N ILE C 15 28.21 38.49 -17.67
CA ILE C 15 28.27 37.55 -18.77
C ILE C 15 28.07 36.14 -18.20
N THR C 16 27.09 35.41 -18.73
CA THR C 16 26.58 34.18 -18.11
C THR C 16 26.78 32.91 -18.94
N TYR C 17 27.41 31.91 -18.35
CA TYR C 17 27.48 30.59 -18.98
C TYR C 17 26.42 29.65 -18.44
N LYS C 18 25.75 28.95 -19.35
CA LYS C 18 24.66 28.06 -18.98
C LYS C 18 24.83 26.71 -19.68
N TRP C 19 25.52 25.78 -19.01
CA TRP C 19 25.63 24.40 -19.47
C TRP C 19 24.23 23.86 -19.81
N PRO C 20 24.04 23.37 -21.05
CA PRO C 20 22.84 22.62 -21.43
C PRO C 20 22.35 21.68 -20.30
N PRO C 21 21.04 21.62 -20.07
CA PRO C 21 20.47 20.86 -18.96
C PRO C 21 21.08 19.47 -18.81
N ASN C 22 21.13 18.72 -19.91
CA ASN C 22 21.49 17.30 -19.86
C ASN C 22 22.99 16.97 -19.88
N ASP C 23 23.81 18.01 -19.77
CA ASP C 23 25.28 17.87 -19.72
C ASP C 23 25.88 18.75 -18.63
N ARG C 24 25.22 18.81 -17.47
CA ARG C 24 25.73 19.57 -16.33
C ARG C 24 26.76 18.74 -15.59
N PRO C 25 28.03 19.21 -15.55
CA PRO C 25 29.13 18.47 -14.93
C PRO C 25 29.10 18.41 -13.40
N SER C 26 29.52 17.24 -12.88
CA SER C 26 29.93 17.09 -11.50
C SER C 26 31.45 16.95 -11.50
N THR C 27 32.08 17.08 -10.33
CA THR C 27 33.55 16.94 -10.26
C THR C 27 34.19 16.88 -8.87
N ARG C 28 35.36 16.23 -8.80
CA ARG C 28 36.15 16.07 -7.57
C ARG C 28 37.18 17.18 -7.40
N ALA C 29 37.80 17.59 -8.52
CA ALA C 29 38.78 18.66 -8.55
C ALA C 29 38.32 19.82 -9.43
N ASP C 30 38.72 21.05 -9.07
CA ASP C 30 38.36 22.23 -9.84
C ASP C 30 39.59 23.09 -10.11
N ARG C 31 39.86 23.33 -11.39
CA ARG C 31 40.90 24.28 -11.80
C ARG C 31 40.21 25.54 -12.32
N LEU C 32 40.67 26.71 -11.86
CA LEU C 32 40.10 28.00 -12.25
C LEU C 32 41.12 29.13 -12.14
N ALA C 33 41.40 29.76 -13.28
CA ALA C 33 42.36 30.87 -13.35
C ALA C 33 41.72 32.08 -14.01
N ILE C 34 42.11 33.28 -13.57
CA ILE C 34 41.57 34.52 -14.14
C ILE C 34 42.56 35.67 -14.08
N GLY C 35 42.51 36.51 -15.12
CA GLY C 35 43.29 37.75 -15.16
C GLY C 35 42.38 38.93 -14.92
N PHE C 36 42.84 39.88 -14.11
CA PHE C 36 42.02 41.04 -13.72
C PHE C 36 42.79 42.29 -13.32
N SER C 37 42.18 43.44 -13.58
CA SER C 37 42.61 44.69 -12.98
C SER C 37 41.39 45.40 -12.40
N THR C 38 41.50 45.81 -11.14
CA THR C 38 40.43 46.52 -10.44
C THR C 38 40.98 47.41 -9.31
N VAL C 39 40.12 48.30 -8.82
CA VAL C 39 40.43 49.12 -7.65
C VAL C 39 39.40 48.91 -6.52
N GLN C 40 38.33 48.18 -6.85
CA GLN C 40 37.24 47.85 -5.93
C GLN C 40 37.70 47.23 -4.62
N LYS C 41 36.99 47.56 -3.54
CA LYS C 41 37.24 46.93 -2.25
C LYS C 41 36.37 45.69 -2.13
N GLU C 42 35.10 45.81 -2.54
CA GLU C 42 34.14 44.71 -2.48
C GLU C 42 33.68 44.34 -3.89
N ALA C 43 33.79 43.04 -4.22
CA ALA C 43 33.36 42.52 -5.52
C ALA C 43 33.19 41.01 -5.52
N VAL C 44 32.28 40.52 -6.38
CA VAL C 44 32.20 39.10 -6.75
C VAL C 44 32.52 39.01 -8.23
N LEU C 45 33.59 38.29 -8.58
CA LEU C 45 34.07 38.18 -9.97
C LEU C 45 33.46 37.00 -10.73
N VAL C 46 33.60 35.81 -10.15
CA VAL C 46 33.06 34.58 -10.74
C VAL C 46 32.36 33.71 -9.70
N ARG C 47 31.10 33.38 -9.99
CA ARG C 47 30.30 32.52 -9.14
C ARG C 47 29.77 31.35 -9.95
N VAL C 48 30.03 30.13 -9.49
CA VAL C 48 29.54 28.91 -10.14
C VAL C 48 28.46 28.26 -9.29
N ASP C 49 27.28 28.10 -9.88
CA ASP C 49 26.11 27.63 -9.14
C ASP C 49 25.58 26.29 -9.63
N SER C 50 25.26 25.40 -8.69
CA SER C 50 24.64 24.12 -9.05
C SER C 50 23.13 24.23 -9.23
N SER C 51 22.56 23.27 -9.98
CA SER C 51 21.12 23.21 -10.25
C SER C 51 20.29 23.46 -8.99
N SER C 52 19.12 24.06 -9.18
CA SER C 52 18.28 24.46 -8.05
C SER C 52 18.01 23.30 -7.09
N GLY C 53 17.98 23.61 -5.79
CA GLY C 53 17.83 22.61 -4.75
C GLY C 53 19.15 22.27 -4.09
N LEU C 54 20.15 22.00 -4.92
CA LEU C 54 21.50 21.71 -4.46
C LEU C 54 22.15 22.96 -3.90
N GLY C 55 22.97 22.77 -2.87
CA GLY C 55 23.67 23.87 -2.22
C GLY C 55 25.01 24.23 -2.84
N ASP C 56 25.54 23.34 -3.67
CA ASP C 56 26.92 23.42 -4.18
C ASP C 56 27.22 24.68 -5.01
N TYR C 57 28.20 25.45 -4.55
CA TYR C 57 28.55 26.75 -5.14
C TYR C 57 30.03 27.07 -5.04
N LEU C 58 30.54 27.82 -6.01
CA LEU C 58 31.92 28.28 -5.99
C LEU C 58 31.95 29.78 -6.26
N GLU C 59 32.63 30.54 -5.42
CA GLU C 59 32.65 31.99 -5.59
C GLU C 59 34.06 32.55 -5.46
N LEU C 60 34.52 33.21 -6.52
CA LEU C 60 35.78 33.95 -6.49
C LEU C 60 35.43 35.41 -6.27
N HIS C 61 35.88 35.95 -5.15
CA HIS C 61 35.45 37.27 -4.69
C HIS C 61 36.60 38.13 -4.12
N ILE C 62 36.31 39.41 -3.94
CA ILE C 62 37.22 40.36 -3.30
C ILE C 62 36.54 40.98 -2.10
N HIS C 63 37.11 40.76 -0.91
CA HIS C 63 36.59 41.35 0.33
C HIS C 63 37.68 42.16 1.03
N GLN C 64 37.36 43.42 1.32
CA GLN C 64 38.31 44.40 1.87
C GLN C 64 39.69 44.35 1.19
N GLY C 65 39.69 44.40 -0.14
CA GLY C 65 40.91 44.41 -0.93
C GLY C 65 41.56 43.06 -1.20
N LYS C 66 41.42 42.13 -0.26
CA LYS C 66 42.00 40.79 -0.40
C LYS C 66 41.15 39.92 -1.33
N ILE C 67 41.80 39.10 -2.15
CA ILE C 67 41.09 38.18 -3.05
C ILE C 67 40.99 36.79 -2.43
N GLY C 68 39.89 36.10 -2.70
CA GLY C 68 39.64 34.79 -2.12
C GLY C 68 38.64 33.95 -2.88
N VAL C 69 38.40 32.74 -2.37
CA VAL C 69 37.44 31.80 -2.96
C VAL C 69 36.69 31.09 -1.87
N LYS C 70 35.36 31.19 -1.92
CA LYS C 70 34.47 30.53 -0.98
C LYS C 70 33.69 29.47 -1.74
N PHE C 71 33.58 28.28 -1.14
CA PHE C 71 32.86 27.18 -1.79
C PHE C 71 32.31 26.15 -0.83
N ASN C 72 31.13 25.65 -1.17
CA ASN C 72 30.51 24.53 -0.49
C ASN C 72 30.19 23.47 -1.53
N VAL C 73 30.65 22.24 -1.29
CA VAL C 73 30.39 21.12 -2.18
C VAL C 73 29.53 20.04 -1.52
N GLY C 74 29.10 20.30 -0.28
CA GLY C 74 28.24 19.37 0.43
C GLY C 74 28.10 19.61 1.92
N THR C 75 29.22 19.67 2.63
CA THR C 75 29.19 19.90 4.07
C THR C 75 29.26 21.39 4.39
N ASP C 76 30.48 21.92 4.52
CA ASP C 76 30.67 23.31 4.94
C ASP C 76 31.14 24.27 3.84
N ASP C 77 30.96 25.56 4.10
CA ASP C 77 31.51 26.61 3.25
C ASP C 77 33.00 26.70 3.53
N ILE C 78 33.80 26.61 2.48
CA ILE C 78 35.24 26.62 2.65
C ILE C 78 35.87 27.89 2.08
N ALA C 79 36.66 28.55 2.92
CA ALA C 79 37.33 29.77 2.54
C ALA C 79 38.80 29.52 2.28
N ILE C 80 39.32 30.23 1.30
CA ILE C 80 40.75 30.32 1.03
C ILE C 80 40.95 31.69 0.43
N GLU C 81 41.84 32.47 1.04
CA GLU C 81 41.98 33.88 0.71
C GLU C 81 43.45 34.28 0.68
N GLU C 82 43.85 35.06 -0.33
CA GLU C 82 45.17 35.69 -0.31
C GLU C 82 45.16 36.75 0.78
N SER C 83 45.53 36.31 1.98
CA SER C 83 45.35 37.06 3.21
C SER C 83 46.24 38.30 3.30
N ASN C 84 47.50 38.17 2.92
CA ASN C 84 48.48 39.20 3.27
C ASN C 84 49.04 40.06 2.12
N ALA C 85 48.13 40.79 1.47
CA ALA C 85 48.44 41.75 0.42
C ALA C 85 47.18 42.17 -0.30
N ILE C 86 46.99 43.47 -0.49
CA ILE C 86 45.83 43.98 -1.25
C ILE C 86 46.07 43.75 -2.76
N ILE C 87 44.99 43.50 -3.49
CA ILE C 87 45.10 43.20 -4.93
C ILE C 87 44.40 44.27 -5.78
N ASN C 88 43.58 45.11 -5.14
CA ASN C 88 42.88 46.18 -5.83
C ASN C 88 43.74 47.43 -6.00
N ASP C 89 44.86 47.26 -6.69
CA ASP C 89 45.80 48.36 -6.91
C ASP C 89 45.82 48.80 -8.38
N GLY C 90 44.77 48.46 -9.12
CA GLY C 90 44.64 48.88 -10.50
C GLY C 90 45.59 48.19 -11.47
N LYS C 91 46.65 47.58 -10.95
CA LYS C 91 47.62 46.87 -11.78
C LYS C 91 47.07 45.51 -12.25
N TYR C 92 47.70 44.90 -13.26
CA TYR C 92 47.28 43.59 -13.74
C TYR C 92 47.65 42.45 -12.79
N HIS C 93 46.74 41.51 -12.64
CA HIS C 93 46.92 40.37 -11.72
C HIS C 93 46.32 39.10 -12.31
N VAL C 94 46.99 37.97 -12.07
CA VAL C 94 46.42 36.68 -12.41
C VAL C 94 46.25 35.80 -11.15
N VAL C 95 45.00 35.38 -10.91
CA VAL C 95 44.69 34.53 -9.77
C VAL C 95 44.38 33.12 -10.26
N ARG C 96 45.01 32.14 -9.63
CA ARG C 96 44.84 30.74 -10.01
C ARG C 96 44.34 29.98 -8.79
N PHE C 97 43.18 29.34 -8.94
CA PHE C 97 42.56 28.59 -7.85
C PHE C 97 42.36 27.15 -8.26
N THR C 98 42.83 26.24 -7.42
CA THR C 98 42.53 24.82 -7.56
C THR C 98 41.70 24.31 -6.39
N ARG C 99 41.14 23.11 -6.56
CA ARG C 99 40.30 22.46 -5.57
C ARG C 99 40.38 20.95 -5.77
N SER C 100 40.51 20.22 -4.67
CA SER C 100 40.44 18.77 -4.68
C SER C 100 39.74 18.35 -3.43
N GLY C 101 38.52 17.84 -3.59
CA GLY C 101 37.68 17.44 -2.46
C GLY C 101 37.36 18.59 -1.53
N GLY C 102 37.74 18.44 -0.27
CA GLY C 102 37.54 19.47 0.75
C GLY C 102 38.55 20.60 0.64
N ASN C 103 39.74 20.27 0.17
CA ASN C 103 40.88 21.19 0.12
C ASN C 103 40.87 22.11 -1.10
N ALA C 104 41.66 23.17 -1.04
CA ALA C 104 41.78 24.17 -2.09
C ALA C 104 43.20 24.73 -2.18
N THR C 105 43.55 25.30 -3.32
CA THR C 105 44.84 25.97 -3.52
C THR C 105 44.63 27.34 -4.19
N LEU C 106 45.45 28.31 -3.82
CA LEU C 106 45.27 29.68 -4.33
C LEU C 106 46.59 30.44 -4.47
N GLN C 107 46.89 30.85 -5.69
CA GLN C 107 48.09 31.63 -5.96
C GLN C 107 47.75 32.92 -6.71
N VAL C 108 48.35 34.01 -6.27
CA VAL C 108 48.17 35.32 -6.89
C VAL C 108 49.46 35.73 -7.58
N ASP C 109 49.38 35.87 -8.90
CA ASP C 109 50.54 36.07 -9.77
C ASP C 109 51.60 34.99 -9.59
N SER C 110 52.68 35.30 -8.86
CA SER C 110 53.68 34.29 -8.53
C SER C 110 54.19 34.43 -7.09
N TRP C 111 53.27 34.63 -6.15
CA TRP C 111 53.56 34.59 -4.72
C TRP C 111 53.56 33.14 -4.24
N PRO C 112 54.05 32.90 -3.01
CA PRO C 112 53.81 31.61 -2.37
C PRO C 112 52.36 31.18 -2.51
N VAL C 113 52.15 29.90 -2.80
CA VAL C 113 50.82 29.35 -3.01
C VAL C 113 50.13 29.12 -1.66
N ILE C 114 48.91 29.63 -1.53
CA ILE C 114 48.10 29.45 -0.33
C ILE C 114 47.43 28.07 -0.33
N GLU C 115 47.44 27.42 0.83
CA GLU C 115 46.92 26.05 0.96
C GLU C 115 45.88 25.95 2.08
N ARG C 116 44.69 25.48 1.73
CA ARG C 116 43.63 25.26 2.71
C ARG C 116 43.30 23.77 2.84
N TYR C 117 43.26 23.29 4.09
CA TYR C 117 42.90 21.90 4.39
C TYR C 117 41.88 21.89 5.55
N PRO C 118 40.58 21.84 5.22
CA PRO C 118 39.51 21.94 6.22
C PRO C 118 39.47 20.76 7.18
N ALA C 119 39.32 21.05 8.47
CA ALA C 119 39.23 20.00 9.48
C ALA C 119 37.88 19.30 9.41
N GLY C 120 37.82 18.08 9.95
CA GLY C 120 36.60 17.28 9.94
C GLY C 120 36.34 16.60 8.61
N ARG C 121 35.37 15.68 8.61
CA ARG C 121 35.05 14.88 7.44
C ARG C 121 34.28 15.70 6.40
N GLN C 122 34.85 15.82 5.20
CA GLN C 122 34.36 16.73 4.14
C GLN C 122 33.99 15.98 2.86
N LEU C 123 32.89 16.40 2.22
CA LEU C 123 32.46 15.82 0.94
C LEU C 123 33.31 16.35 -0.23
N THR C 124 33.26 15.66 -1.37
CA THR C 124 34.20 15.93 -2.47
C THR C 124 33.60 16.36 -3.82
N ILE C 125 32.34 16.04 -4.06
CA ILE C 125 31.72 16.26 -5.38
C ILE C 125 30.93 17.55 -5.50
N PHE C 126 31.34 18.37 -6.47
CA PHE C 126 30.57 19.50 -6.94
C PHE C 126 29.57 18.95 -7.93
N ASN C 127 28.28 19.02 -7.61
CA ASN C 127 27.24 18.40 -8.44
C ASN C 127 26.68 19.30 -9.52
N SER C 128 26.20 18.66 -10.59
CA SER C 128 25.38 19.27 -11.63
C SER C 128 25.47 20.79 -11.68
N GLN C 129 26.62 21.29 -12.12
CA GLN C 129 26.86 22.73 -12.20
C GLN C 129 26.04 23.37 -13.33
N ALA C 130 25.16 24.31 -12.97
CA ALA C 130 24.26 24.88 -13.95
C ALA C 130 24.84 26.12 -14.65
N THR C 131 25.32 27.09 -13.87
CA THR C 131 25.69 28.40 -14.39
C THR C 131 26.99 28.96 -13.85
N ILE C 132 27.80 29.52 -14.74
CA ILE C 132 28.93 30.38 -14.37
C ILE C 132 28.49 31.83 -14.53
N ILE C 133 28.60 32.60 -13.45
CA ILE C 133 28.21 34.01 -13.43
C ILE C 133 29.45 34.90 -13.25
N ILE C 134 29.81 35.59 -14.33
CA ILE C 134 30.93 36.52 -14.32
C ILE C 134 30.40 37.94 -14.12
N GLY C 135 30.87 38.62 -13.08
CA GLY C 135 30.55 40.04 -12.89
C GLY C 135 29.77 40.40 -11.64
N GLY C 136 29.12 39.41 -11.03
CA GLY C 136 28.51 39.53 -9.71
C GLY C 136 27.43 40.57 -9.50
N LYS C 137 26.93 41.16 -10.59
CA LYS C 137 25.92 42.22 -10.52
C LYS C 137 24.73 41.81 -9.65
N GLU C 138 24.29 40.56 -9.82
CA GLU C 138 23.07 40.07 -9.18
C GLU C 138 23.29 39.39 -7.82
N GLN C 139 24.46 38.77 -7.63
CA GLN C 139 24.84 38.26 -6.31
C GLN C 139 24.57 39.35 -5.29
N GLY C 140 25.04 40.56 -5.60
CA GLY C 140 24.81 41.73 -4.75
C GLY C 140 25.86 42.80 -4.88
N GLN C 141 27.06 42.39 -5.29
CA GLN C 141 28.17 43.33 -5.48
C GLN C 141 28.68 43.22 -6.91
N PRO C 142 28.35 44.24 -7.75
CA PRO C 142 28.77 44.26 -9.15
C PRO C 142 30.25 44.53 -9.30
N PHE C 143 30.84 44.01 -10.36
CA PHE C 143 32.26 44.19 -10.62
C PHE C 143 32.51 45.41 -11.49
N GLN C 144 33.53 46.18 -11.12
CA GLN C 144 34.02 47.25 -11.95
C GLN C 144 35.50 47.04 -12.20
N GLY C 145 35.87 46.86 -13.46
CA GLY C 145 37.25 46.61 -13.84
C GLY C 145 37.38 45.77 -15.09
N GLN C 146 38.52 45.12 -15.24
CA GLN C 146 38.82 44.33 -16.43
C GLN C 146 39.01 42.87 -16.09
N LEU C 147 38.47 41.98 -16.93
CA LEU C 147 38.63 40.53 -16.78
C LEU C 147 39.07 39.86 -18.08
N SER C 148 40.09 39.01 -17.99
CA SER C 148 40.72 38.43 -19.17
C SER C 148 40.96 36.92 -19.05
N GLY C 149 40.77 36.22 -20.17
CA GLY C 149 41.05 34.78 -20.31
C GLY C 149 40.74 33.95 -19.09
N LEU C 150 39.47 33.63 -18.90
CA LEU C 150 39.04 32.87 -17.73
C LEU C 150 39.09 31.37 -18.02
N TYR C 151 39.90 30.66 -17.25
CA TYR C 151 39.98 29.19 -17.34
C TYR C 151 39.27 28.56 -16.15
N TYR C 152 38.43 27.58 -16.46
CA TYR C 152 37.70 26.83 -15.46
C TYR C 152 37.43 25.45 -16.00
N ASN C 153 37.89 24.43 -15.28
CA ASN C 153 37.70 23.03 -15.66
C ASN C 153 37.72 22.81 -17.17
N GLY C 154 38.75 23.34 -17.82
CA GLY C 154 38.93 23.18 -19.26
C GLY C 154 38.32 24.27 -20.12
N LEU C 155 37.28 24.94 -19.59
CA LEU C 155 36.53 25.91 -20.35
C LEU C 155 37.14 27.32 -20.34
N LYS C 156 37.44 27.83 -21.53
CA LYS C 156 37.87 29.22 -21.68
C LYS C 156 36.62 30.09 -21.88
N VAL C 157 35.96 30.39 -20.77
CA VAL C 157 34.65 31.06 -20.74
C VAL C 157 34.60 32.40 -21.50
N LEU C 158 35.58 33.26 -21.23
CA LEU C 158 35.62 34.59 -21.81
C LEU C 158 35.92 34.57 -23.31
N ASN C 159 36.74 33.61 -23.72
CA ASN C 159 37.06 33.43 -25.13
C ASN C 159 35.84 33.02 -25.94
N MET C 160 35.24 31.88 -25.55
CA MET C 160 34.01 31.39 -26.18
C MET C 160 32.85 32.37 -25.99
N ALA C 161 32.96 33.24 -24.99
CA ALA C 161 31.99 34.31 -24.80
C ALA C 161 32.14 35.35 -25.91
N ALA C 162 33.39 35.67 -26.24
CA ALA C 162 33.70 36.58 -27.34
C ALA C 162 33.44 35.90 -28.67
N GLU C 163 33.65 34.57 -28.70
CA GLU C 163 33.43 33.78 -29.91
C GLU C 163 31.94 33.41 -30.12
N ASN C 164 31.06 34.29 -29.62
CA ASN C 164 29.61 34.26 -29.89
C ASN C 164 28.88 32.97 -29.48
N ASP C 165 29.36 32.35 -28.41
CA ASP C 165 28.79 31.10 -27.89
C ASP C 165 27.26 31.14 -27.79
N ALA C 166 26.62 30.03 -28.18
CA ALA C 166 25.17 29.87 -28.06
C ALA C 166 24.67 29.90 -26.61
N ASN C 167 25.54 29.57 -25.66
CA ASN C 167 25.18 29.46 -24.23
C ASN C 167 25.61 30.64 -23.36
N ILE C 168 26.34 31.58 -23.96
CA ILE C 168 26.79 32.78 -23.26
C ILE C 168 25.75 33.89 -23.44
N ALA C 169 25.36 34.52 -22.34
CA ALA C 169 24.50 35.70 -22.36
C ALA C 169 25.21 36.84 -21.64
N ILE C 170 25.56 37.89 -22.38
CA ILE C 170 26.17 39.11 -21.82
C ILE C 170 25.09 40.19 -21.70
N VAL C 171 24.80 40.60 -20.47
CA VAL C 171 23.78 41.61 -20.19
C VAL C 171 24.34 42.59 -19.16
N GLY C 172 24.32 43.88 -19.51
CA GLY C 172 24.83 44.95 -18.63
C GLY C 172 25.86 45.85 -19.28
N ASN C 173 26.80 46.35 -18.49
CA ASN C 173 27.84 47.26 -19.00
C ASN C 173 29.18 46.58 -19.30
N VAL C 174 29.12 45.34 -19.77
CA VAL C 174 30.32 44.61 -20.17
C VAL C 174 30.63 44.89 -21.64
N ARG C 175 31.91 45.10 -21.94
CA ARG C 175 32.36 45.36 -23.31
C ARG C 175 33.65 44.58 -23.64
N LEU C 176 33.81 44.22 -24.90
CA LEU C 176 34.94 43.39 -25.34
C LEU C 176 36.12 44.22 -25.80
N VAL C 177 37.24 44.09 -25.08
CA VAL C 177 38.49 44.77 -25.45
C VAL C 177 39.21 44.01 -26.57
N GLY C 178 39.40 44.69 -27.71
CA GLY C 178 40.05 44.10 -28.88
C GLY C 178 39.22 44.25 -30.14
N SER D 2 -52.21 -37.93 15.30
CA SER D 2 -51.10 -37.59 14.35
C SER D 2 -51.47 -36.39 13.47
N GLY D 3 -50.47 -35.83 12.78
CA GLY D 3 -50.68 -34.73 11.84
C GLY D 3 -50.67 -35.20 10.40
N THR D 4 -49.66 -34.77 9.65
CA THR D 4 -49.41 -35.27 8.30
C THR D 4 -48.34 -36.37 8.38
N THR D 5 -48.74 -37.59 8.03
CA THR D 5 -47.87 -38.76 8.18
C THR D 5 -47.18 -39.13 6.87
N TYR D 6 -45.86 -39.30 6.94
CA TYR D 6 -45.07 -39.80 5.83
C TYR D 6 -44.41 -41.12 6.21
N ILE D 7 -44.65 -42.16 5.40
CA ILE D 7 -44.04 -43.46 5.65
C ILE D 7 -42.63 -43.47 5.07
N PHE D 8 -41.69 -43.97 5.87
CA PHE D 8 -40.30 -44.16 5.43
C PHE D 8 -40.03 -45.67 5.28
N SER D 9 -39.78 -46.10 4.05
CA SER D 9 -39.80 -47.52 3.69
C SER D 9 -38.42 -48.17 3.51
N LYS D 10 -38.42 -49.24 2.71
CA LYS D 10 -37.24 -50.05 2.40
C LYS D 10 -36.04 -49.25 1.89
N GLY D 11 -34.98 -49.23 2.69
CA GLY D 11 -33.75 -48.51 2.34
C GLY D 11 -33.73 -47.06 2.77
N GLY D 12 -34.86 -46.59 3.31
CA GLY D 12 -34.97 -45.22 3.83
C GLY D 12 -35.12 -44.15 2.77
N GLY D 13 -35.59 -42.98 3.20
CA GLY D 13 -35.76 -41.83 2.31
C GLY D 13 -35.37 -40.52 2.98
N GLN D 14 -35.60 -39.41 2.29
CA GLN D 14 -35.26 -38.10 2.82
C GLN D 14 -36.26 -37.03 2.40
N ILE D 15 -36.63 -36.18 3.36
CA ILE D 15 -37.43 -34.98 3.10
C ILE D 15 -36.66 -33.75 3.58
N THR D 16 -36.28 -32.91 2.62
CA THR D 16 -35.40 -31.76 2.86
C THR D 16 -36.11 -30.43 2.57
N TYR D 17 -36.40 -29.68 3.64
CA TYR D 17 -36.85 -28.29 3.53
C TYR D 17 -35.64 -27.37 3.67
N LYS D 18 -35.48 -26.47 2.69
CA LYS D 18 -34.41 -25.47 2.72
C LYS D 18 -34.99 -24.06 2.81
N TRP D 19 -34.63 -23.34 3.85
CA TRP D 19 -35.06 -21.96 4.04
C TRP D 19 -34.52 -21.09 2.92
N PRO D 20 -35.38 -20.23 2.33
CA PRO D 20 -34.97 -19.24 1.34
C PRO D 20 -33.79 -18.39 1.84
N PRO D 21 -32.80 -18.15 0.96
CA PRO D 21 -31.52 -17.56 1.37
C PRO D 21 -31.67 -16.28 2.19
N ASN D 22 -32.47 -15.34 1.70
CA ASN D 22 -32.64 -14.04 2.35
C ASN D 22 -33.54 -14.05 3.60
N ASP D 23 -33.84 -15.23 4.11
CA ASP D 23 -34.69 -15.37 5.30
C ASP D 23 -34.29 -16.55 6.21
N ARG D 24 -33.00 -16.89 6.18
CA ARG D 24 -32.45 -17.92 7.05
C ARG D 24 -32.46 -17.43 8.50
N PRO D 25 -33.26 -18.09 9.35
CA PRO D 25 -33.50 -17.61 10.72
C PRO D 25 -32.52 -18.12 11.77
N SER D 26 -32.18 -17.23 12.70
CA SER D 26 -31.41 -17.57 13.90
C SER D 26 -32.32 -17.51 15.11
N THR D 27 -31.95 -18.20 16.19
CA THR D 27 -32.79 -18.20 17.38
C THR D 27 -32.10 -18.57 18.69
N ARG D 28 -32.75 -18.21 19.79
CA ARG D 28 -32.27 -18.42 21.14
C ARG D 28 -33.00 -19.60 21.80
N ALA D 29 -34.30 -19.67 21.55
CA ALA D 29 -35.14 -20.78 22.02
C ALA D 29 -35.76 -21.56 20.86
N ASP D 30 -35.73 -22.89 20.98
CA ASP D 30 -36.23 -23.77 19.94
C ASP D 30 -37.36 -24.66 20.46
N ARG D 31 -38.38 -24.82 19.62
CA ARG D 31 -39.44 -25.79 19.86
C ARG D 31 -39.37 -26.85 18.76
N LEU D 32 -39.35 -28.12 19.17
CA LEU D 32 -39.31 -29.22 18.22
C LEU D 32 -40.16 -30.38 18.71
N ALA D 33 -41.16 -30.73 17.92
CA ALA D 33 -42.08 -31.79 18.25
C ALA D 33 -42.33 -32.68 17.04
N ILE D 34 -42.33 -33.98 17.26
CA ILE D 34 -42.63 -34.93 16.20
C ILE D 34 -43.30 -36.18 16.76
N GLY D 35 -44.33 -36.64 16.07
CA GLY D 35 -44.93 -37.94 16.34
C GLY D 35 -44.26 -38.96 15.44
N PHE D 36 -44.12 -40.18 15.95
CA PHE D 36 -43.41 -41.23 15.21
C PHE D 36 -43.79 -42.64 15.66
N SER D 37 -43.43 -43.62 14.84
CA SER D 37 -43.56 -45.03 15.19
C SER D 37 -42.47 -45.79 14.46
N THR D 38 -41.72 -46.61 15.22
CA THR D 38 -40.54 -47.28 14.67
C THR D 38 -40.09 -48.54 15.41
N VAL D 39 -39.18 -49.28 14.79
CA VAL D 39 -38.56 -50.48 15.37
C VAL D 39 -37.02 -50.39 15.40
N GLN D 40 -36.49 -49.36 14.76
CA GLN D 40 -35.05 -49.12 14.68
C GLN D 40 -34.41 -49.02 16.06
N LYS D 41 -33.28 -49.69 16.23
CA LYS D 41 -32.46 -49.51 17.42
C LYS D 41 -31.67 -48.19 17.28
N GLU D 42 -31.26 -47.89 16.05
CA GLU D 42 -30.56 -46.64 15.74
C GLU D 42 -30.94 -46.02 14.39
N ALA D 43 -31.34 -44.74 14.44
CA ALA D 43 -31.75 -43.96 13.25
C ALA D 43 -31.71 -42.45 13.51
N VAL D 44 -31.67 -41.66 12.44
CA VAL D 44 -31.75 -40.19 12.57
C VAL D 44 -33.03 -39.66 11.93
N LEU D 45 -33.89 -39.08 12.77
CA LEU D 45 -35.23 -38.63 12.37
C LEU D 45 -35.21 -37.23 11.76
N VAL D 46 -34.69 -36.26 12.51
CA VAL D 46 -34.70 -34.86 12.11
C VAL D 46 -33.36 -34.18 12.42
N ARG D 47 -32.80 -33.48 11.43
CA ARG D 47 -31.59 -32.70 11.63
C ARG D 47 -31.70 -31.28 11.07
N VAL D 48 -31.51 -30.29 11.94
CA VAL D 48 -31.49 -28.89 11.53
C VAL D 48 -30.05 -28.39 11.45
N ASP D 49 -29.69 -27.80 10.31
CA ASP D 49 -28.34 -27.31 10.05
C ASP D 49 -28.29 -25.81 9.83
N SER D 50 -27.25 -25.17 10.37
CA SER D 50 -26.92 -23.79 10.02
C SER D 50 -26.17 -23.79 8.69
N SER D 51 -26.01 -22.61 8.09
CA SER D 51 -25.35 -22.46 6.79
C SER D 51 -23.97 -23.09 6.76
N SER D 52 -23.48 -23.40 5.55
CA SER D 52 -22.14 -23.95 5.37
C SER D 52 -21.09 -22.99 5.98
N GLY D 53 -20.30 -23.51 6.91
CA GLY D 53 -19.30 -22.72 7.61
C GLY D 53 -19.59 -22.62 9.09
N LEU D 54 -20.88 -22.57 9.43
CA LEU D 54 -21.30 -22.53 10.82
C LEU D 54 -21.59 -23.96 11.24
N GLY D 55 -20.95 -24.39 12.32
CA GLY D 55 -21.09 -25.76 12.80
C GLY D 55 -22.28 -26.00 13.72
N ASP D 56 -23.28 -25.11 13.63
CA ASP D 56 -24.45 -25.14 14.53
C ASP D 56 -25.56 -26.10 14.05
N TYR D 57 -25.93 -27.04 14.90
CA TYR D 57 -26.89 -28.08 14.54
C TYR D 57 -27.88 -28.50 15.63
N LEU D 58 -28.99 -29.07 15.18
CA LEU D 58 -29.94 -29.77 16.03
C LEU D 58 -30.20 -31.14 15.41
N GLU D 59 -30.08 -32.21 16.21
CA GLU D 59 -30.37 -33.55 15.71
C GLU D 59 -31.27 -34.33 16.68
N LEU D 60 -32.42 -34.78 16.17
CA LEU D 60 -33.29 -35.71 16.89
C LEU D 60 -33.02 -37.12 16.39
N HIS D 61 -32.55 -37.98 17.30
CA HIS D 61 -32.03 -39.29 16.93
C HIS D 61 -32.36 -40.39 17.95
N ILE D 62 -32.67 -41.57 17.43
CA ILE D 62 -32.83 -42.76 18.26
C ILE D 62 -31.49 -43.48 18.32
N HIS D 63 -31.01 -43.70 19.54
CA HIS D 63 -29.75 -44.41 19.76
C HIS D 63 -29.89 -45.41 20.90
N GLN D 64 -29.47 -46.64 20.64
CA GLN D 64 -29.61 -47.77 21.57
C GLN D 64 -31.08 -48.13 21.79
N GLY D 65 -31.95 -47.59 20.94
CA GLY D 65 -33.40 -47.79 21.05
C GLY D 65 -34.08 -46.69 21.84
N LYS D 66 -33.29 -45.70 22.25
CA LYS D 66 -33.79 -44.59 23.06
C LYS D 66 -33.76 -43.28 22.28
N ILE D 67 -34.88 -42.54 22.34
CA ILE D 67 -35.01 -41.25 21.66
C ILE D 67 -34.24 -40.15 22.41
N GLY D 68 -33.80 -39.13 21.68
CA GLY D 68 -33.08 -38.01 22.28
C GLY D 68 -32.61 -36.96 21.30
N VAL D 69 -31.89 -35.97 21.82
CA VAL D 69 -31.39 -34.86 21.00
C VAL D 69 -29.95 -34.44 21.36
N LYS D 70 -29.06 -34.51 20.36
CA LYS D 70 -27.77 -33.85 20.46
C LYS D 70 -27.89 -32.52 19.74
N PHE D 71 -27.16 -31.51 20.23
CA PHE D 71 -27.10 -30.20 19.57
C PHE D 71 -25.93 -29.34 20.04
N ASN D 72 -25.44 -28.51 19.14
CA ASN D 72 -24.38 -27.54 19.43
C ASN D 72 -24.67 -26.21 18.77
N VAL D 73 -24.54 -25.13 19.54
CA VAL D 73 -24.81 -23.78 19.07
C VAL D 73 -23.51 -22.97 18.93
N GLY D 74 -22.38 -23.58 19.26
CA GLY D 74 -21.09 -22.91 19.13
C GLY D 74 -20.06 -23.41 20.12
N THR D 75 -20.47 -23.52 21.38
CA THR D 75 -19.58 -23.99 22.44
C THR D 75 -19.46 -25.53 22.47
N ASP D 76 -20.38 -26.19 23.17
CA ASP D 76 -20.26 -27.63 23.43
C ASP D 76 -21.40 -28.44 22.85
N ASP D 77 -21.11 -29.69 22.48
CA ASP D 77 -22.12 -30.62 21.99
C ASP D 77 -23.00 -31.07 23.15
N ILE D 78 -24.27 -30.64 23.12
CA ILE D 78 -25.19 -30.89 24.23
C ILE D 78 -26.14 -32.05 23.92
N ALA D 79 -26.15 -33.04 24.82
CA ALA D 79 -26.98 -34.24 24.66
C ALA D 79 -28.13 -34.28 25.66
N ILE D 80 -29.29 -34.72 25.19
CA ILE D 80 -30.48 -34.95 26.04
C ILE D 80 -31.33 -36.09 25.50
N GLU D 81 -31.72 -37.04 26.37
CA GLU D 81 -32.49 -38.21 25.93
C GLU D 81 -33.43 -38.80 26.97
N GLU D 82 -34.47 -39.48 26.49
CA GLU D 82 -35.35 -40.27 27.34
C GLU D 82 -34.66 -41.61 27.62
N SER D 83 -33.89 -41.63 28.72
CA SER D 83 -33.02 -42.75 29.07
C SER D 83 -33.73 -43.92 29.70
N ASN D 84 -34.81 -43.65 30.43
CA ASN D 84 -35.46 -44.67 31.27
C ASN D 84 -36.33 -45.69 30.51
N ALA D 85 -36.91 -45.27 29.40
CA ALA D 85 -37.85 -46.12 28.66
C ALA D 85 -37.39 -46.44 27.24
N ILE D 86 -38.01 -47.48 26.67
CA ILE D 86 -37.77 -47.93 25.30
C ILE D 86 -38.80 -47.28 24.37
N ILE D 87 -38.34 -46.69 23.28
CA ILE D 87 -39.22 -45.89 22.41
C ILE D 87 -39.43 -46.48 21.00
N ASN D 88 -38.62 -47.47 20.63
CA ASN D 88 -38.76 -48.15 19.34
C ASN D 88 -39.67 -49.38 19.37
N ASP D 89 -40.82 -49.25 20.02
CA ASP D 89 -41.74 -50.38 20.23
C ASP D 89 -42.80 -50.58 19.14
N GLY D 90 -42.82 -49.70 18.14
CA GLY D 90 -43.82 -49.77 17.08
C GLY D 90 -45.06 -48.94 17.36
N LYS D 91 -45.34 -48.71 18.65
CA LYS D 91 -46.43 -47.83 19.09
C LYS D 91 -46.16 -46.39 18.69
N TYR D 92 -47.23 -45.64 18.41
CA TYR D 92 -47.10 -44.23 18.06
C TYR D 92 -46.76 -43.40 19.30
N HIS D 93 -45.57 -42.80 19.26
CA HIS D 93 -45.09 -41.93 20.33
C HIS D 93 -45.00 -40.50 19.81
N VAL D 94 -45.09 -39.52 20.71
CA VAL D 94 -44.76 -38.13 20.38
C VAL D 94 -43.67 -37.64 21.33
N VAL D 95 -42.61 -37.09 20.75
CA VAL D 95 -41.54 -36.48 21.55
C VAL D 95 -41.52 -34.98 21.31
N ARG D 96 -41.52 -34.22 22.40
CA ARG D 96 -41.38 -32.77 22.33
C ARG D 96 -40.04 -32.34 22.91
N PHE D 97 -39.37 -31.44 22.20
CA PHE D 97 -38.06 -30.93 22.56
C PHE D 97 -38.12 -29.41 22.63
N THR D 98 -37.63 -28.83 23.72
CA THR D 98 -37.51 -27.37 23.85
C THR D 98 -36.11 -26.99 24.28
N ARG D 99 -35.63 -25.89 23.72
CA ARG D 99 -34.23 -25.50 23.81
C ARG D 99 -34.12 -24.02 24.15
N SER D 100 -34.02 -23.72 25.44
CA SER D 100 -33.86 -22.34 25.90
C SER D 100 -32.38 -22.04 26.15
N GLY D 101 -31.74 -21.47 25.13
CA GLY D 101 -30.31 -21.15 25.18
C GLY D 101 -29.43 -22.40 25.09
N GLY D 102 -28.54 -22.55 26.06
CA GLY D 102 -27.73 -23.77 26.18
C GLY D 102 -28.49 -24.86 26.92
N ASN D 103 -29.53 -24.45 27.64
CA ASN D 103 -30.39 -25.36 28.40
C ASN D 103 -31.50 -25.94 27.54
N ALA D 104 -31.92 -27.16 27.88
CA ALA D 104 -32.95 -27.88 27.13
C ALA D 104 -33.78 -28.83 28.00
N THR D 105 -35.02 -29.09 27.55
CA THR D 105 -35.89 -30.09 28.16
C THR D 105 -36.49 -31.00 27.09
N LEU D 106 -36.65 -32.28 27.42
CA LEU D 106 -37.26 -33.25 26.51
C LEU D 106 -38.33 -34.10 27.21
N GLN D 107 -39.47 -34.26 26.54
CA GLN D 107 -40.52 -35.16 27.00
C GLN D 107 -40.95 -36.13 25.91
N VAL D 108 -41.37 -37.32 26.34
CA VAL D 108 -41.99 -38.32 25.46
C VAL D 108 -43.31 -38.76 26.07
N ASP D 109 -44.37 -38.76 25.26
CA ASP D 109 -45.71 -39.18 25.67
C ASP D 109 -46.16 -38.59 27.02
N SER D 110 -46.65 -39.46 27.92
CA SER D 110 -47.13 -39.04 29.25
C SER D 110 -46.04 -39.11 30.32
N TRP D 111 -44.83 -39.49 29.91
CA TRP D 111 -43.72 -39.74 30.83
C TRP D 111 -43.10 -38.46 31.39
N PRO D 112 -42.56 -38.53 32.63
CA PRO D 112 -41.76 -37.47 33.25
C PRO D 112 -40.87 -36.70 32.28
N VAL D 113 -40.80 -35.39 32.47
CA VAL D 113 -40.03 -34.49 31.61
C VAL D 113 -38.58 -34.35 32.06
N ILE D 114 -37.67 -34.74 31.18
CA ILE D 114 -36.23 -34.64 31.42
C ILE D 114 -35.78 -33.19 31.25
N GLU D 115 -34.93 -32.73 32.19
CA GLU D 115 -34.35 -31.39 32.13
C GLU D 115 -32.84 -31.53 32.03
N ARG D 116 -32.25 -30.83 31.05
CA ARG D 116 -30.79 -30.79 30.93
C ARG D 116 -30.26 -29.35 31.00
N TYR D 117 -29.40 -29.10 31.99
CA TYR D 117 -28.79 -27.80 32.20
C TYR D 117 -27.26 -27.94 32.30
N PRO D 118 -26.56 -27.78 31.17
CA PRO D 118 -25.09 -27.91 31.16
C PRO D 118 -24.38 -26.77 31.88
N ALA D 119 -23.42 -27.12 32.72
CA ALA D 119 -22.66 -26.15 33.51
C ALA D 119 -21.67 -25.37 32.65
N GLY D 120 -21.10 -24.30 33.21
CA GLY D 120 -20.18 -23.42 32.49
C GLY D 120 -20.91 -22.52 31.51
N ARG D 121 -20.43 -21.28 31.39
CA ARG D 121 -21.04 -20.29 30.51
C ARG D 121 -20.98 -20.76 29.05
N GLN D 122 -22.12 -20.68 28.36
CA GLN D 122 -22.17 -21.06 26.94
C GLN D 122 -23.20 -20.34 26.10
N LEU D 123 -22.86 -20.21 24.82
CA LEU D 123 -23.63 -19.47 23.81
C LEU D 123 -25.07 -19.98 23.65
N THR D 124 -25.96 -19.10 23.21
CA THR D 124 -27.39 -19.37 23.18
C THR D 124 -27.96 -19.35 21.76
N ILE D 125 -27.27 -18.67 20.86
CA ILE D 125 -27.76 -18.44 19.50
C ILE D 125 -27.46 -19.58 18.53
N PHE D 126 -28.52 -20.13 17.94
CA PHE D 126 -28.44 -21.10 16.85
C PHE D 126 -28.44 -20.29 15.55
N ASN D 127 -27.25 -20.11 14.99
CA ASN D 127 -27.07 -19.15 13.89
C ASN D 127 -27.70 -19.56 12.56
N SER D 128 -27.82 -18.58 11.66
CA SER D 128 -28.42 -18.75 10.34
C SER D 128 -28.72 -20.20 9.95
N GLN D 129 -29.92 -20.66 10.28
CA GLN D 129 -30.36 -22.01 9.96
C GLN D 129 -30.76 -22.10 8.48
N ALA D 130 -30.33 -23.16 7.81
CA ALA D 130 -30.50 -23.26 6.36
C ALA D 130 -31.37 -24.43 5.92
N THR D 131 -31.05 -25.64 6.38
CA THR D 131 -31.77 -26.84 5.95
C THR D 131 -32.31 -27.69 7.11
N ILE D 132 -33.57 -28.12 6.96
CA ILE D 132 -34.13 -29.18 7.81
C ILE D 132 -34.13 -30.49 7.02
N ILE D 133 -33.51 -31.52 7.58
CA ILE D 133 -33.48 -32.83 6.94
C ILE D 133 -34.24 -33.86 7.79
N ILE D 134 -35.22 -34.50 7.16
CA ILE D 134 -36.09 -35.46 7.83
C ILE D 134 -35.93 -36.86 7.23
N GLY D 135 -35.33 -37.78 7.99
CA GLY D 135 -35.10 -39.13 7.51
C GLY D 135 -33.62 -39.49 7.47
N GLY D 136 -32.78 -38.48 7.27
CA GLY D 136 -31.32 -38.62 7.28
C GLY D 136 -30.76 -39.85 6.59
N LYS D 137 -31.13 -40.04 5.32
CA LYS D 137 -30.61 -41.14 4.51
C LYS D 137 -29.11 -40.97 4.29
N GLU D 138 -28.72 -39.79 3.80
CA GLU D 138 -27.30 -39.44 3.62
C GLU D 138 -26.68 -38.89 4.88
N GLN D 139 -26.85 -39.62 5.97
CA GLN D 139 -26.30 -39.27 7.28
C GLN D 139 -25.65 -40.47 7.94
N GLY D 140 -26.03 -41.67 7.52
CA GLY D 140 -25.52 -42.90 8.09
C GLY D 140 -26.63 -43.86 8.44
N GLN D 141 -27.53 -43.42 9.31
CA GLN D 141 -28.69 -44.23 9.69
C GLN D 141 -29.96 -43.58 9.17
N PRO D 142 -30.55 -44.16 8.10
CA PRO D 142 -31.82 -43.68 7.56
C PRO D 142 -32.96 -44.15 8.44
N PHE D 143 -34.01 -43.34 8.57
CA PHE D 143 -35.16 -43.70 9.37
C PHE D 143 -36.05 -44.68 8.60
N GLN D 144 -36.49 -45.72 9.29
CA GLN D 144 -37.46 -46.67 8.76
C GLN D 144 -38.61 -46.81 9.76
N GLY D 145 -39.81 -46.44 9.30
CA GLY D 145 -40.98 -46.32 10.17
C GLY D 145 -41.85 -45.17 9.68
N GLN D 146 -42.57 -44.53 10.60
CA GLN D 146 -43.44 -43.42 10.22
C GLN D 146 -43.20 -42.17 11.06
N LEU D 147 -43.09 -41.04 10.37
CA LEU D 147 -43.00 -39.73 11.02
C LEU D 147 -44.26 -38.92 10.70
N SER D 148 -44.86 -38.33 11.74
CA SER D 148 -46.10 -37.56 11.60
C SER D 148 -46.13 -36.31 12.47
N GLY D 149 -46.71 -35.23 11.93
CA GLY D 149 -46.84 -33.95 12.63
C GLY D 149 -45.54 -33.38 13.16
N LEU D 150 -44.75 -32.78 12.27
CA LEU D 150 -43.46 -32.21 12.65
C LEU D 150 -43.56 -30.69 12.90
N TYR D 151 -43.28 -30.30 14.13
CA TYR D 151 -43.27 -28.89 14.52
C TYR D 151 -41.83 -28.45 14.81
N TYR D 152 -41.39 -27.43 14.08
CA TYR D 152 -40.14 -26.72 14.39
C TYR D 152 -40.36 -25.19 14.36
N ASN D 153 -40.60 -24.63 15.55
CA ASN D 153 -40.79 -23.19 15.76
C ASN D 153 -41.92 -22.56 14.93
N GLY D 154 -43.03 -23.26 14.83
CA GLY D 154 -44.21 -22.77 14.09
C GLY D 154 -44.33 -23.33 12.68
N LEU D 155 -43.35 -24.14 12.28
CA LEU D 155 -43.33 -24.73 10.94
C LEU D 155 -43.87 -26.16 10.94
N LYS D 156 -44.97 -26.38 10.20
CA LYS D 156 -45.52 -27.71 10.03
C LYS D 156 -44.91 -28.31 8.77
N VAL D 157 -43.66 -28.75 8.89
CA VAL D 157 -42.84 -29.18 7.74
C VAL D 157 -43.46 -30.33 6.93
N LEU D 158 -44.02 -31.31 7.62
CA LEU D 158 -44.64 -32.46 6.96
C LEU D 158 -45.95 -32.09 6.23
N ASN D 159 -46.66 -31.09 6.76
CA ASN D 159 -47.85 -30.56 6.10
C ASN D 159 -47.50 -29.71 4.89
N MET D 160 -46.32 -29.08 4.94
CA MET D 160 -45.83 -28.26 3.83
C MET D 160 -45.51 -29.13 2.61
N ALA D 161 -44.88 -30.27 2.85
CA ALA D 161 -44.56 -31.23 1.78
C ALA D 161 -45.82 -31.91 1.26
N ALA D 162 -46.90 -31.86 2.04
CA ALA D 162 -48.18 -32.46 1.66
C ALA D 162 -48.95 -31.60 0.67
N GLU D 163 -48.65 -30.29 0.66
CA GLU D 163 -49.28 -29.37 -0.27
C GLU D 163 -48.22 -28.71 -1.17
N ASN D 164 -47.32 -29.54 -1.71
CA ASN D 164 -46.25 -29.15 -2.64
C ASN D 164 -45.54 -27.79 -2.42
N ASP D 165 -44.93 -27.64 -1.25
CA ASP D 165 -44.13 -26.46 -0.90
C ASP D 165 -42.90 -26.36 -1.81
N ALA D 166 -42.53 -25.13 -2.16
CA ALA D 166 -41.51 -24.88 -3.18
C ALA D 166 -40.08 -25.25 -2.79
N ASN D 167 -39.84 -25.37 -1.49
CA ASN D 167 -38.49 -25.61 -0.95
C ASN D 167 -38.18 -27.08 -0.67
N ILE D 168 -39.21 -27.87 -0.40
CA ILE D 168 -39.06 -29.26 0.00
C ILE D 168 -38.79 -30.19 -1.18
N ALA D 169 -37.84 -31.11 -0.97
CA ALA D 169 -37.56 -32.19 -1.90
C ALA D 169 -37.77 -33.53 -1.20
N ILE D 170 -38.37 -34.49 -1.91
CA ILE D 170 -38.57 -35.85 -1.41
C ILE D 170 -37.83 -36.86 -2.28
N VAL D 171 -36.63 -37.25 -1.87
CA VAL D 171 -35.86 -38.29 -2.57
C VAL D 171 -35.71 -39.51 -1.68
N GLY D 172 -35.99 -40.68 -2.24
CA GLY D 172 -35.99 -41.94 -1.49
C GLY D 172 -37.37 -42.54 -1.31
N ASN D 173 -37.44 -43.67 -0.61
CA ASN D 173 -38.70 -44.37 -0.38
C ASN D 173 -39.54 -43.69 0.70
N VAL D 174 -40.36 -42.72 0.28
CA VAL D 174 -41.24 -41.97 1.20
C VAL D 174 -42.61 -41.73 0.57
N ARG D 175 -43.67 -42.10 1.30
CA ARG D 175 -45.05 -41.98 0.82
C ARG D 175 -45.91 -41.14 1.76
N LEU D 176 -46.89 -40.44 1.19
CA LEU D 176 -47.87 -39.67 1.96
C LEU D 176 -49.02 -40.58 2.42
N VAL D 177 -49.52 -40.35 3.62
CA VAL D 177 -50.65 -41.14 4.17
C VAL D 177 -52.00 -40.44 3.97
N GLY D 178 -52.91 -41.11 3.29
CA GLY D 178 -54.23 -40.56 3.03
C GLY D 178 -54.18 -39.34 2.12
C1 NAG E . 6.58 -20.40 -33.83
C2 NAG E . 6.49 -21.88 -34.22
C3 NAG E . 5.68 -22.17 -35.49
C4 NAG E . 4.51 -21.23 -35.76
C5 NAG E . 4.86 -19.79 -35.36
C6 NAG E . 3.69 -18.81 -35.51
C7 NAG E . 8.17 -23.65 -34.00
C8 NAG E . 8.42 -24.66 -35.09
N2 NAG E . 7.82 -22.42 -34.39
O3 NAG E . 5.20 -23.50 -35.45
O4 NAG E . 4.19 -21.32 -37.13
O5 NAG E . 5.34 -19.74 -34.02
O6 NAG E . 2.49 -19.37 -35.00
O7 NAG E . 8.28 -23.96 -32.81
C1 NAG E . 2.92 -21.98 -37.34
C2 NAG E . 2.36 -21.59 -38.71
C3 NAG E . 0.98 -22.23 -38.94
C4 NAG E . 0.94 -23.72 -38.59
C5 NAG E . 1.72 -24.03 -37.29
C6 NAG E . 1.91 -25.54 -37.11
C7 NAG E . 3.17 -19.44 -39.53
C8 NAG E . 2.83 -19.09 -40.95
N2 NAG E . 2.27 -20.15 -38.85
O3 NAG E . 0.65 -22.04 -40.30
O4 NAG E . -0.42 -24.14 -38.44
O5 NAG E . 2.99 -23.40 -37.28
O6 NAG E . 2.74 -25.80 -35.99
O7 NAG E . 4.25 -19.10 -39.04
C1 BMA E . -0.87 -24.85 -39.62
C2 BMA E . -1.67 -26.10 -39.24
C3 BMA E . -2.44 -26.74 -40.42
C4 BMA E . -2.97 -25.73 -41.45
C5 BMA E . -1.94 -24.63 -41.74
C6 BMA E . -2.47 -23.61 -42.75
O2 BMA E . -2.58 -25.81 -38.16
O3 BMA E . -3.54 -27.51 -39.91
O4 BMA E . -3.28 -26.43 -42.66
O5 BMA E . -1.61 -23.98 -40.51
O6 BMA E . -1.42 -22.71 -43.09
C1 NAG F . 41.79 -20.05 10.67
C2 NAG F . 40.39 -20.27 11.27
C3 NAG F . 40.03 -19.10 12.19
C4 NAG F . 41.14 -18.83 13.20
C5 NAG F . 42.48 -18.64 12.47
C6 NAG F . 43.65 -18.34 13.40
C7 NAG F . 38.69 -21.50 9.99
C8 NAG F . 37.38 -21.32 9.29
N2 NAG F . 39.40 -20.40 10.19
O3 NAG F . 38.80 -19.36 12.85
O4 NAG F . 40.81 -17.70 13.99
O5 NAG F . 42.75 -19.79 11.69
O6 NAG F . 43.98 -19.48 14.17
O7 NAG F . 39.06 -22.64 10.33
C1 NAG G . -14.84 8.26 46.62
C2 NAG G . -13.48 8.10 45.92
C3 NAG G . -12.78 6.76 46.16
C4 NAG G . -13.10 6.09 47.51
C5 NAG G . -14.57 6.31 47.89
C6 NAG G . -14.95 5.66 49.22
C7 NAG G . -13.44 9.42 43.85
C8 NAG G . -12.65 9.34 42.58
N2 NAG G . -13.66 8.27 44.49
O3 NAG G . -11.39 6.95 46.07
O4 NAG G . -12.81 4.71 47.41
O5 NAG G . -14.82 7.70 47.92
O6 NAG G . -14.43 6.41 50.30
O7 NAG G . -13.86 10.51 44.25
CA CA H . 27.68 17.64 -3.28
CA CA I . -24.12 -20.03 17.58
#